data_6OVH
#
_entry.id   6OVH
#
_cell.length_a   1.00
_cell.length_b   1.00
_cell.length_c   1.00
_cell.angle_alpha   90.00
_cell.angle_beta   90.00
_cell.angle_gamma   90.00
#
_symmetry.space_group_name_H-M   'P 1'
#
loop_
_entity.id
_entity.type
_entity.pdbx_description
1 polymer 'Soluble cytochrome b562'
2 non-polymer 'HEME C'
3 non-polymer 'ACETOHYDROXAMIC ACID'
4 non-polymer 'ZINC ION'
5 non-polymer 'FE (III) ION'
6 water water
#
_entity_poly.entity_id   1
_entity_poly.type   'polypeptide(L)'
_entity_poly.pdbx_seq_one_letter_code
;ADLEHNMHTLNDNLKHIEKADNATTVKDALTKMQAAAQDAWSATPPKLEDKSPDSPEMSDFRCGFWELIGQINAALHLAK
QCKVKEAQAAAEQLKTTCNACHQKYR
;
_entity_poly.pdbx_strand_id   A,B,C,D,E,F,G,H,I,J,K,L
#
loop_
_chem_comp.id
_chem_comp.type
_chem_comp.name
_chem_comp.formula
FE non-polymer 'FE (III) ION' 'Fe 3'
HAE non-polymer 'ACETOHYDROXAMIC ACID' 'C2 H5 N O2'
HEC non-polymer 'HEME C' 'C34 H34 Fe N4 O4'
ZN non-polymer 'ZINC ION' 'Zn 2'
#
# COMPACT_ATOMS: atom_id res chain seq x y z
N ALA A 1 -13.09 19.18 11.01
CA ALA A 1 -13.05 20.59 11.36
C ALA A 1 -14.42 21.09 11.75
N ASP A 2 -14.51 22.35 12.15
CA ASP A 2 -15.77 22.95 12.57
C ASP A 2 -16.71 23.13 11.38
N LEU A 3 -17.95 23.49 11.70
CA LEU A 3 -18.89 23.89 10.66
C LEU A 3 -18.48 25.20 10.03
N GLU A 4 -17.86 26.09 10.81
CA GLU A 4 -17.48 27.40 10.31
C GLU A 4 -16.30 27.30 9.34
N HIS A 5 -15.35 26.40 9.60
CA HIS A 5 -14.23 26.25 8.68
C HIS A 5 -14.62 25.48 7.42
N ASN A 6 -15.60 24.59 7.50
CA ASN A 6 -16.09 23.91 6.31
C ASN A 6 -16.81 24.87 5.38
N MET A 7 -17.38 25.95 5.92
CA MET A 7 -17.96 27.00 5.10
C MET A 7 -16.89 27.94 4.53
N HIS A 8 -15.72 28.01 5.17
CA HIS A 8 -14.61 28.75 4.58
C HIS A 8 -14.07 28.04 3.34
N THR A 9 -14.10 26.71 3.34
CA THR A 9 -13.57 25.95 2.22
C THR A 9 -14.52 25.99 1.03
N LEU A 10 -15.82 25.96 1.28
CA LEU A 10 -16.79 26.00 0.20
C LEU A 10 -16.83 27.39 -0.45
N ASN A 11 -16.64 28.44 0.34
CA ASN A 11 -16.73 29.80 -0.18
C ASN A 11 -15.49 30.18 -0.97
N ASP A 12 -14.31 29.76 -0.50
CA ASP A 12 -13.07 30.14 -1.17
C ASP A 12 -12.87 29.40 -2.48
N ASN A 13 -13.17 28.11 -2.51
CA ASN A 13 -12.97 27.31 -3.71
C ASN A 13 -14.01 27.59 -4.78
N LEU A 14 -15.17 28.14 -4.41
CA LEU A 14 -16.17 28.50 -5.42
C LEU A 14 -15.77 29.75 -6.18
N LYS A 15 -15.05 30.67 -5.55
CA LYS A 15 -14.60 31.87 -6.25
C LYS A 15 -13.41 31.60 -7.15
N HIS A 16 -12.65 30.54 -6.89
CA HIS A 16 -11.57 30.14 -7.80
C HIS A 16 -12.08 29.42 -9.05
N ILE A 17 -13.31 28.91 -9.02
CA ILE A 17 -13.84 28.20 -10.18
C ILE A 17 -14.30 29.19 -11.25
N GLU A 18 -14.85 30.34 -10.87
CA GLU A 18 -15.32 31.31 -11.86
C GLU A 18 -14.18 32.00 -12.59
N LYS A 19 -12.98 32.03 -12.03
CA LYS A 19 -11.86 32.73 -12.62
C LYS A 19 -10.85 31.78 -13.26
N ALA A 20 -11.15 30.47 -13.29
CA ALA A 20 -10.21 29.49 -13.80
C ALA A 20 -10.19 29.47 -15.32
N ASP A 21 -9.03 29.14 -15.88
CA ASP A 21 -8.87 29.04 -17.32
C ASP A 21 -8.46 27.66 -17.81
N ASN A 22 -8.11 26.74 -16.92
CA ASN A 22 -7.78 25.37 -17.32
C ASN A 22 -8.66 24.40 -16.54
N ALA A 23 -8.59 23.14 -16.92
CA ALA A 23 -9.43 22.10 -16.34
C ALA A 23 -8.81 21.43 -15.13
N THR A 24 -7.54 21.69 -14.84
CA THR A 24 -6.91 21.15 -13.64
C THR A 24 -7.28 21.96 -12.40
N THR A 25 -7.48 23.27 -12.58
CA THR A 25 -7.90 24.13 -11.48
C THR A 25 -9.33 23.84 -11.06
N VAL A 26 -10.22 23.63 -12.02
CA VAL A 26 -11.63 23.34 -11.71
C VAL A 26 -11.77 21.97 -11.08
N LYS A 27 -10.98 21.00 -11.53
CA LYS A 27 -11.07 19.64 -11.01
C LYS A 27 -10.52 19.52 -9.60
N ASP A 28 -9.52 20.33 -9.25
CA ASP A 28 -8.95 20.28 -7.91
C ASP A 28 -9.77 21.06 -6.91
N ALA A 29 -10.45 22.12 -7.33
CA ALA A 29 -11.29 22.88 -6.42
C ALA A 29 -12.59 22.16 -6.09
N LEU A 30 -13.11 21.36 -7.03
CA LEU A 30 -14.34 20.62 -6.78
C LEU A 30 -14.12 19.41 -5.89
N THR A 31 -12.88 18.92 -5.80
CA THR A 31 -12.58 17.80 -4.91
C THR A 31 -12.51 18.23 -3.45
N LYS A 32 -12.05 19.46 -3.18
CA LYS A 32 -12.03 19.96 -1.82
C LYS A 32 -13.43 20.33 -1.34
N MET A 33 -14.31 20.77 -2.25
CA MET A 33 -15.68 21.08 -1.87
C MET A 33 -16.47 19.81 -1.55
N GLN A 34 -16.09 18.69 -2.17
CA GLN A 34 -16.76 17.43 -1.89
C GLN A 34 -16.40 16.90 -0.50
N ALA A 35 -15.15 17.05 -0.09
CA ALA A 35 -14.73 16.58 1.23
C ALA A 35 -15.22 17.48 2.35
N ALA A 36 -15.40 18.77 2.08
CA ALA A 36 -15.87 19.69 3.11
C ALA A 36 -17.37 19.58 3.32
N ALA A 37 -18.11 19.18 2.29
CA ALA A 37 -19.55 19.03 2.44
C ALA A 37 -19.93 17.74 3.16
N GLN A 38 -19.09 16.70 3.06
CA GLN A 38 -19.37 15.47 3.77
C GLN A 38 -19.03 15.56 5.25
N ASP A 39 -18.03 16.36 5.61
CA ASP A 39 -17.71 16.55 7.02
C ASP A 39 -18.74 17.42 7.73
N ALA A 40 -19.42 18.30 7.00
CA ALA A 40 -20.40 19.20 7.59
C ALA A 40 -21.80 18.63 7.65
N TRP A 41 -22.02 17.45 7.07
CA TRP A 41 -23.37 16.89 6.99
C TRP A 41 -23.90 16.47 8.36
N SER A 42 -23.02 16.06 9.26
CA SER A 42 -23.41 15.54 10.56
C SER A 42 -23.41 16.60 11.66
N ALA A 43 -23.02 17.84 11.37
CA ALA A 43 -22.86 18.85 12.39
C ALA A 43 -24.20 19.41 12.84
N THR A 44 -24.14 20.26 13.88
CA THR A 44 -25.32 20.89 14.46
C THR A 44 -25.15 22.40 14.37
N PRO A 45 -26.07 23.12 13.73
CA PRO A 45 -25.93 24.58 13.65
C PRO A 45 -26.25 25.22 14.98
N PRO A 46 -25.72 26.43 15.24
CA PRO A 46 -25.97 27.09 16.54
C PRO A 46 -27.41 27.49 16.78
N LYS A 47 -28.24 27.61 15.75
CA LYS A 47 -29.64 27.98 15.95
C LYS A 47 -30.53 26.78 16.20
N LEU A 48 -29.98 25.57 16.16
CA LEU A 48 -30.70 24.36 16.51
C LEU A 48 -30.02 23.61 17.65
N GLU A 49 -29.30 24.34 18.51
CA GLU A 49 -28.49 23.70 19.54
C GLU A 49 -29.32 23.12 20.67
N ASP A 50 -30.50 23.67 20.93
CA ASP A 50 -31.32 23.22 22.05
C ASP A 50 -32.42 22.27 21.61
N LYS A 51 -32.32 21.72 20.40
CA LYS A 51 -33.28 20.73 19.92
C LYS A 51 -32.73 19.35 20.19
N SER A 52 -33.55 18.40 20.03
CA SER A 52 -33.13 17.01 20.10
C SER A 52 -32.68 16.55 18.72
N PRO A 53 -31.76 15.58 18.63
CA PRO A 53 -31.26 15.16 17.32
C PRO A 53 -32.21 14.28 16.50
N ASP A 54 -33.49 14.23 16.86
CA ASP A 54 -34.52 13.51 16.10
C ASP A 54 -35.55 14.48 15.52
N SER A 55 -35.24 15.76 15.52
CA SER A 55 -36.22 16.80 15.22
C SER A 55 -36.48 16.89 13.73
N PRO A 56 -37.63 17.43 13.32
CA PRO A 56 -37.84 17.74 11.90
C PRO A 56 -37.05 18.94 11.40
N GLU A 57 -36.42 19.72 12.29
CA GLU A 57 -35.43 20.69 11.86
C GLU A 57 -34.11 20.02 11.52
N MET A 58 -33.69 19.04 12.33
CA MET A 58 -32.45 18.34 12.06
C MET A 58 -32.59 17.28 10.98
N SER A 59 -33.81 17.04 10.49
CA SER A 59 -34.02 16.17 9.35
C SER A 59 -33.96 16.95 8.03
N ASP A 60 -34.47 18.18 8.03
CA ASP A 60 -34.38 19.04 6.86
C ASP A 60 -33.00 19.64 6.69
N PHE A 61 -32.22 19.72 7.78
CA PHE A 61 -30.85 20.21 7.69
C PHE A 61 -29.96 19.20 6.98
N ARG A 62 -30.08 17.92 7.34
CA ARG A 62 -29.28 16.88 6.70
C ARG A 62 -29.74 16.57 5.29
N CYS A 63 -31.00 16.86 4.97
CA CYS A 63 -31.46 16.66 3.59
C CYS A 63 -30.92 17.73 2.66
N GLY A 64 -30.51 18.88 3.20
CA GLY A 64 -29.99 19.94 2.37
C GLY A 64 -28.54 19.75 1.98
N PHE A 65 -27.74 19.12 2.83
CA PHE A 65 -26.37 18.78 2.45
C PHE A 65 -26.31 17.62 1.48
N TRP A 66 -27.30 16.73 1.51
N TRP A 66 -27.31 16.75 1.53
CA TRP A 66 -27.27 15.59 0.60
CA TRP A 66 -27.37 15.58 0.66
C TRP A 66 -27.71 15.97 -0.80
C TRP A 66 -27.76 15.94 -0.76
N GLU A 67 -28.44 17.08 -0.95
CA GLU A 67 -28.73 17.61 -2.26
C GLU A 67 -27.52 18.35 -2.84
N LEU A 68 -26.70 18.96 -1.98
CA LEU A 68 -25.51 19.67 -2.42
C LEU A 68 -24.41 18.70 -2.85
N ILE A 69 -24.30 17.56 -2.18
CA ILE A 69 -23.28 16.56 -2.51
C ILE A 69 -23.55 15.95 -3.87
N GLY A 70 -24.82 15.74 -4.22
CA GLY A 70 -25.16 15.22 -5.53
C GLY A 70 -24.92 16.21 -6.67
N GLN A 71 -24.93 17.51 -6.37
CA GLN A 71 -24.64 18.51 -7.39
C GLN A 71 -23.15 18.74 -7.57
N ILE A 72 -22.36 18.59 -6.50
CA ILE A 72 -20.91 18.68 -6.62
C ILE A 72 -20.35 17.48 -7.37
N ASN A 73 -20.95 16.30 -7.15
CA ASN A 73 -20.52 15.09 -7.85
C ASN A 73 -20.84 15.15 -9.33
N ALA A 74 -21.95 15.79 -9.70
CA ALA A 74 -22.30 15.91 -11.10
C ALA A 74 -21.41 16.92 -11.83
N ALA A 75 -20.97 17.97 -11.13
CA ALA A 75 -20.09 18.95 -11.75
C ALA A 75 -18.66 18.44 -11.83
N LEU A 76 -18.25 17.58 -10.91
CA LEU A 76 -16.96 16.93 -11.00
C LEU A 76 -16.91 15.89 -12.11
N HIS A 77 -18.07 15.35 -12.49
CA HIS A 77 -18.14 14.41 -13.60
C HIS A 77 -17.91 15.09 -14.94
N LEU A 78 -18.31 16.35 -15.07
CA LEU A 78 -18.07 17.09 -16.29
C LEU A 78 -16.63 17.59 -16.39
N ALA A 79 -15.99 17.84 -15.24
CA ALA A 79 -14.63 18.36 -15.25
C ALA A 79 -13.61 17.30 -15.64
N LYS A 80 -13.92 16.02 -15.39
CA LYS A 80 -13.00 14.95 -15.77
C LYS A 80 -13.04 14.64 -17.26
N GLN A 81 -14.12 15.04 -17.94
CA GLN A 81 -14.20 14.97 -19.39
C GLN A 81 -13.65 16.22 -20.07
N CYS A 82 -12.94 17.07 -19.32
CA CYS A 82 -12.30 18.31 -19.78
C CYS A 82 -13.30 19.31 -20.36
N LYS A 83 -14.53 19.29 -19.86
CA LYS A 83 -15.56 20.26 -20.26
C LYS A 83 -15.59 21.37 -19.21
N VAL A 84 -14.79 22.41 -19.45
CA VAL A 84 -14.58 23.44 -18.44
C VAL A 84 -15.78 24.37 -18.34
N LYS A 85 -16.37 24.76 -19.47
CA LYS A 85 -17.48 25.70 -19.45
C LYS A 85 -18.76 25.07 -18.91
N GLU A 86 -18.94 23.77 -19.13
CA GLU A 86 -20.11 23.09 -18.59
C GLU A 86 -19.98 22.87 -17.09
N ALA A 87 -18.76 22.65 -16.60
CA ALA A 87 -18.54 22.47 -15.17
C ALA A 87 -18.57 23.79 -14.42
N GLN A 88 -18.25 24.90 -15.09
CA GLN A 88 -18.33 26.21 -14.46
C GLN A 88 -19.76 26.70 -14.34
N ALA A 89 -20.61 26.36 -15.30
CA ALA A 89 -22.01 26.75 -15.24
C ALA A 89 -22.80 25.88 -14.26
N ALA A 90 -22.33 24.66 -14.02
CA ALA A 90 -22.99 23.80 -13.04
C ALA A 90 -22.66 24.24 -11.62
N ALA A 91 -21.48 24.84 -11.41
CA ALA A 91 -21.11 25.35 -10.11
C ALA A 91 -21.76 26.69 -9.79
N GLU A 92 -22.21 27.43 -10.81
CA GLU A 92 -22.96 28.65 -10.57
C GLU A 92 -24.37 28.35 -10.07
N GLN A 93 -24.94 27.22 -10.47
CA GLN A 93 -26.25 26.80 -10.02
C GLN A 93 -26.27 26.31 -8.57
N LEU A 94 -25.10 26.14 -7.95
CA LEU A 94 -25.02 25.72 -6.56
C LEU A 94 -25.53 26.78 -5.59
N LYS A 95 -25.58 28.03 -6.01
CA LYS A 95 -25.91 29.13 -5.09
C LYS A 95 -27.38 29.18 -4.73
N THR A 96 -28.25 28.58 -5.55
CA THR A 96 -29.66 28.52 -5.18
C THR A 96 -29.91 27.52 -4.07
N THR A 97 -29.11 26.45 -4.02
CA THR A 97 -29.22 25.48 -2.94
C THR A 97 -28.76 26.08 -1.62
N CYS A 98 -27.70 26.89 -1.65
CA CYS A 98 -27.16 27.43 -0.41
C CYS A 98 -27.63 28.84 -0.11
N ASN A 99 -28.60 29.35 -0.86
CA ASN A 99 -29.38 30.49 -0.40
C ASN A 99 -30.63 30.06 0.35
N ALA A 100 -31.15 28.87 0.03
CA ALA A 100 -32.36 28.37 0.68
C ALA A 100 -32.08 27.83 2.07
N CYS A 101 -30.86 27.39 2.35
CA CYS A 101 -30.51 26.92 3.68
C CYS A 101 -30.14 28.07 4.62
N HIS A 102 -29.61 29.16 4.06
CA HIS A 102 -29.25 30.31 4.89
C HIS A 102 -30.47 31.08 5.39
N GLN A 103 -31.60 30.97 4.70
CA GLN A 103 -32.80 31.64 5.16
C GLN A 103 -33.44 30.96 6.36
N LYS A 104 -33.11 29.70 6.62
CA LYS A 104 -33.74 28.92 7.67
C LYS A 104 -32.85 28.65 8.87
N TYR A 105 -31.56 28.39 8.66
CA TYR A 105 -30.69 27.93 9.74
C TYR A 105 -29.46 28.79 9.98
N ARG A 106 -29.21 29.80 9.15
CA ARG A 106 -28.06 30.68 9.37
C ARG A 106 -28.51 31.98 10.01
N ALA B 1 -1.05 24.93 -6.38
CA ALA B 1 -1.93 26.08 -6.46
C ALA B 1 -1.12 27.35 -6.66
N ASP B 2 -1.82 28.47 -6.81
CA ASP B 2 -1.18 29.76 -7.04
C ASP B 2 -0.46 30.23 -5.78
N LEU B 3 0.33 31.30 -5.95
CA LEU B 3 0.90 31.97 -4.79
C LEU B 3 -0.18 32.66 -3.96
N GLU B 4 -1.23 33.14 -4.61
CA GLU B 4 -2.29 33.85 -3.90
C GLU B 4 -3.13 32.91 -3.05
N HIS B 5 -3.38 31.69 -3.53
CA HIS B 5 -4.14 30.75 -2.72
C HIS B 5 -3.31 30.14 -1.60
N ASN B 6 -1.99 30.02 -1.79
CA ASN B 6 -1.14 29.55 -0.71
C ASN B 6 -1.07 30.56 0.43
N MET B 7 -1.27 31.84 0.13
CA MET B 7 -1.38 32.86 1.18
C MET B 7 -2.76 32.88 1.82
N HIS B 8 -3.78 32.36 1.14
CA HIS B 8 -5.08 32.17 1.77
C HIS B 8 -5.02 31.08 2.83
N THR B 9 -4.23 30.04 2.58
CA THR B 9 -4.15 28.92 3.52
C THR B 9 -3.34 29.29 4.75
N LEU B 10 -2.28 30.08 4.58
CA LEU B 10 -1.46 30.49 5.72
C LEU B 10 -2.21 31.48 6.61
N ASN B 11 -3.03 32.34 6.01
CA ASN B 11 -3.72 33.37 6.78
C ASN B 11 -4.91 32.79 7.54
N ASP B 12 -5.64 31.86 6.93
CA ASP B 12 -6.84 31.31 7.57
C ASP B 12 -6.48 30.37 8.72
N ASN B 13 -5.48 29.52 8.51
CA ASN B 13 -5.10 28.56 9.54
C ASN B 13 -4.37 29.19 10.70
N LEU B 14 -3.78 30.36 10.53
CA LEU B 14 -3.13 31.05 11.63
C LEU B 14 -4.14 31.66 12.59
N LYS B 15 -5.30 32.09 12.09
CA LYS B 15 -6.33 32.64 12.96
C LYS B 15 -7.08 31.56 13.72
N HIS B 16 -7.09 30.32 13.23
CA HIS B 16 -7.66 29.21 13.97
C HIS B 16 -6.77 28.73 15.11
N ILE B 17 -5.47 29.03 15.06
CA ILE B 17 -4.57 28.57 16.11
C ILE B 17 -4.72 29.42 17.37
N GLU B 18 -4.98 30.72 17.24
CA GLU B 18 -5.11 31.58 18.42
C GLU B 18 -6.39 31.32 19.19
N LYS B 19 -7.41 30.75 18.55
CA LYS B 19 -8.69 30.53 19.19
C LYS B 19 -8.91 29.07 19.57
N ALA B 20 -7.91 28.22 19.40
CA ALA B 20 -8.07 26.80 19.65
C ALA B 20 -7.99 26.49 21.15
N ASP B 21 -8.69 25.44 21.56
CA ASP B 21 -8.69 25.01 22.94
C ASP B 21 -8.19 23.58 23.15
N ASN B 22 -7.97 22.81 22.09
CA ASN B 22 -7.42 21.48 22.21
C ASN B 22 -6.18 21.37 21.32
N ALA B 23 -5.48 20.25 21.46
CA ALA B 23 -4.22 20.04 20.77
C ALA B 23 -4.39 19.37 19.41
N THR B 24 -5.59 18.88 19.09
CA THR B 24 -5.85 18.31 17.78
C THR B 24 -6.09 19.40 16.74
N THR B 25 -6.68 20.51 17.16
CA THR B 25 -6.91 21.63 16.25
C THR B 25 -5.61 22.33 15.88
N VAL B 26 -4.71 22.51 16.85
CA VAL B 26 -3.43 23.16 16.59
C VAL B 26 -2.53 22.27 15.72
N LYS B 27 -2.59 20.96 15.94
CA LYS B 27 -1.73 20.05 15.19
C LYS B 27 -2.19 19.89 13.75
N ASP B 28 -3.49 20.00 13.49
CA ASP B 28 -3.99 19.87 12.14
C ASP B 28 -3.84 21.16 11.33
N ALA B 29 -3.90 22.31 11.99
CA ALA B 29 -3.72 23.58 11.28
C ALA B 29 -2.26 23.82 10.92
N LEU B 30 -1.32 23.34 11.73
CA LEU B 30 0.10 23.51 11.43
C LEU B 30 0.57 22.59 10.32
N THR B 31 -0.14 21.50 10.06
CA THR B 31 0.23 20.61 8.97
C THR B 31 -0.16 21.17 7.61
N LYS B 32 -1.27 21.92 7.54
CA LYS B 32 -1.65 22.56 6.29
C LYS B 32 -0.77 23.76 5.98
N MET B 33 -0.27 24.44 7.01
CA MET B 33 0.64 25.56 6.78
C MET B 33 2.00 25.08 6.30
N GLN B 34 2.39 23.87 6.66
CA GLN B 34 3.66 23.31 6.21
C GLN B 34 3.61 22.94 4.73
N ALA B 35 2.48 22.41 4.27
CA ALA B 35 2.34 22.03 2.88
C ALA B 35 2.15 23.23 1.97
N ALA B 36 1.55 24.31 2.48
CA ALA B 36 1.34 25.50 1.66
C ALA B 36 2.60 26.34 1.53
N ALA B 37 3.50 26.26 2.51
CA ALA B 37 4.74 27.02 2.43
C ALA B 37 5.76 26.35 1.52
N GLN B 38 5.70 25.03 1.38
CA GLN B 38 6.61 24.34 0.48
C GLN B 38 6.20 24.49 -0.98
N ASP B 39 4.90 24.61 -1.26
CA ASP B 39 4.45 24.83 -2.63
C ASP B 39 4.74 26.24 -3.10
N ALA B 40 4.81 27.20 -2.18
CA ALA B 40 5.03 28.60 -2.53
C ALA B 40 6.50 28.98 -2.60
N TRP B 41 7.40 28.07 -2.23
CA TRP B 41 8.82 28.41 -2.17
C TRP B 41 9.42 28.63 -3.55
N SER B 42 8.90 27.96 -4.57
CA SER B 42 9.46 28.03 -5.91
C SER B 42 8.78 29.07 -6.80
N ALA B 43 7.75 29.76 -6.31
CA ALA B 43 6.96 30.65 -7.14
C ALA B 43 7.70 31.96 -7.40
N THR B 44 7.10 32.78 -8.27
CA THR B 44 7.65 34.09 -8.65
C THR B 44 6.63 35.15 -8.29
N PRO B 45 6.97 36.14 -7.48
CA PRO B 45 6.02 37.20 -7.14
C PRO B 45 5.82 38.14 -8.31
N PRO B 46 4.68 38.82 -8.39
CA PRO B 46 4.41 39.73 -9.52
C PRO B 46 5.34 40.94 -9.60
N LYS B 47 5.98 41.34 -8.50
CA LYS B 47 6.89 42.48 -8.53
C LYS B 47 8.30 42.10 -8.95
N LEU B 48 8.57 40.81 -9.16
CA LEU B 48 9.85 40.35 -9.68
C LEU B 48 9.67 39.57 -10.97
N GLU B 49 8.61 39.88 -11.73
CA GLU B 49 8.27 39.10 -12.91
C GLU B 49 9.23 39.34 -14.07
N ASP B 50 9.84 40.51 -14.16
CA ASP B 50 10.71 40.84 -15.27
C ASP B 50 12.19 40.66 -14.94
N LYS B 51 12.49 39.94 -13.87
CA LYS B 51 13.87 39.63 -13.52
C LYS B 51 14.22 38.26 -14.07
N SER B 52 15.46 37.97 -14.03
CA SER B 52 15.93 36.64 -14.37
C SER B 52 15.90 35.76 -13.13
N PRO B 53 15.73 34.44 -13.27
CA PRO B 53 15.65 33.56 -12.10
C PRO B 53 16.97 33.29 -11.40
N ASP B 54 18.03 34.06 -11.68
CA ASP B 54 19.31 33.95 -10.99
C ASP B 54 19.62 35.21 -10.19
N SER B 55 18.61 36.05 -9.98
CA SER B 55 18.80 37.38 -9.43
C SER B 55 19.05 37.32 -7.92
N PRO B 56 19.68 38.35 -7.35
CA PRO B 56 19.75 38.46 -5.88
C PRO B 56 18.43 38.86 -5.23
N GLU B 57 17.43 39.26 -6.01
CA GLU B 57 16.07 39.36 -5.47
C GLU B 57 15.41 38.00 -5.35
N MET B 58 15.60 37.14 -6.34
CA MET B 58 15.03 35.79 -6.29
C MET B 58 15.83 34.84 -5.41
N SER B 59 16.97 35.28 -4.89
CA SER B 59 17.72 34.52 -3.91
C SER B 59 17.29 34.84 -2.49
N ASP B 60 16.97 36.11 -2.24
CA ASP B 60 16.47 36.52 -0.93
C ASP B 60 15.00 36.16 -0.76
N PHE B 61 14.28 35.96 -1.85
CA PHE B 61 12.88 35.53 -1.76
C PHE B 61 12.79 34.08 -1.31
N ARG B 62 13.62 33.21 -1.88
CA ARG B 62 13.62 31.80 -1.51
C ARG B 62 14.26 31.56 -0.15
N CYS B 63 15.11 32.47 0.31
CA CYS B 63 15.69 32.33 1.64
C CYS B 63 14.67 32.69 2.73
N GLY B 64 13.64 33.45 2.38
CA GLY B 64 12.63 33.83 3.35
C GLY B 64 11.60 32.75 3.61
N PHE B 65 11.28 31.95 2.61
CA PHE B 65 10.38 30.81 2.83
C PHE B 65 11.08 29.68 3.57
N TRP B 66 12.40 29.54 3.42
N TRP B 66 12.39 29.59 3.43
CA TRP B 66 13.07 28.46 4.13
CA TRP B 66 13.18 28.55 4.06
C TRP B 66 13.29 28.78 5.60
C TRP B 66 13.38 28.79 5.54
N GLU B 67 13.25 30.05 5.98
CA GLU B 67 13.24 30.40 7.40
C GLU B 67 11.86 30.17 8.01
N LEU B 68 10.80 30.33 7.22
CA LEU B 68 9.44 30.11 7.71
C LEU B 68 9.15 28.62 7.88
N ILE B 69 9.69 27.77 7.01
CA ILE B 69 9.47 26.33 7.08
C ILE B 69 10.12 25.76 8.33
N GLY B 70 11.29 26.28 8.72
CA GLY B 70 11.92 25.82 9.93
C GLY B 70 11.22 26.25 11.20
N GLN B 71 10.45 27.34 11.15
CA GLN B 71 9.70 27.77 12.32
C GLN B 71 8.36 27.05 12.43
N ILE B 72 7.76 26.66 11.32
CA ILE B 72 6.53 25.87 11.35
C ILE B 72 6.84 24.46 11.84
N ASN B 73 7.98 23.91 11.44
CA ASN B 73 8.39 22.57 11.88
C ASN B 73 8.70 22.53 13.36
N ALA B 74 9.24 23.62 13.92
CA ALA B 74 9.53 23.66 15.34
C ALA B 74 8.26 23.79 16.17
N ALA B 75 7.25 24.50 15.66
CA ALA B 75 5.99 24.65 16.38
C ALA B 75 5.14 23.39 16.28
N LEU B 76 5.27 22.64 15.18
CA LEU B 76 4.61 21.35 15.07
C LEU B 76 5.24 20.31 15.97
N HIS B 77 6.51 20.48 16.32
CA HIS B 77 7.18 19.57 17.24
C HIS B 77 6.67 19.73 18.67
N LEU B 78 6.26 20.94 19.05
CA LEU B 78 5.69 21.16 20.37
C LEU B 78 4.25 20.69 20.45
N ALA B 79 3.51 20.71 19.34
CA ALA B 79 2.12 20.33 19.35
C ALA B 79 1.94 18.83 19.47
N LYS B 80 2.93 18.05 19.03
CA LYS B 80 2.83 16.60 19.14
C LYS B 80 3.14 16.10 20.54
N GLN B 81 3.80 16.91 21.36
CA GLN B 81 3.99 16.64 22.78
C GLN B 81 2.85 17.19 23.63
N CYS B 82 1.74 17.59 23.00
CA CYS B 82 0.52 18.09 23.63
C CYS B 82 0.77 19.35 24.45
N LYS B 83 1.74 20.17 24.04
CA LYS B 83 2.03 21.45 24.67
C LYS B 83 1.35 22.53 23.84
N VAL B 84 0.11 22.84 24.21
CA VAL B 84 -0.73 23.73 23.39
C VAL B 84 -0.30 25.18 23.54
N LYS B 85 0.00 25.61 24.76
CA LYS B 85 0.35 27.02 24.99
C LYS B 85 1.72 27.36 24.43
N GLU B 86 2.64 26.41 24.42
CA GLU B 86 3.96 26.65 23.84
C GLU B 86 3.90 26.69 22.32
N ALA B 87 3.01 25.89 21.72
CA ALA B 87 2.87 25.88 20.27
C ALA B 87 2.06 27.08 19.78
N GLN B 88 1.19 27.64 20.61
CA GLN B 88 0.46 28.83 20.24
C GLN B 88 1.32 30.08 20.30
N ALA B 89 2.26 30.13 21.24
CA ALA B 89 3.16 31.28 21.34
C ALA B 89 4.24 31.23 20.28
N ALA B 90 4.59 30.04 19.79
CA ALA B 90 5.55 29.93 18.71
C ALA B 90 4.95 30.34 17.38
N ALA B 91 3.64 30.17 17.20
CA ALA B 91 2.97 30.60 15.99
C ALA B 91 2.69 32.09 15.97
N GLU B 92 2.68 32.75 17.13
CA GLU B 92 2.55 34.20 17.17
C GLU B 92 3.84 34.88 16.72
N GLN B 93 4.99 34.24 16.94
CA GLN B 93 6.27 34.77 16.50
C GLN B 93 6.49 34.66 15.00
N LEU B 94 5.61 33.95 14.28
CA LEU B 94 5.72 33.83 12.83
C LEU B 94 5.46 35.15 12.11
N LYS B 95 4.77 36.09 12.75
CA LYS B 95 4.35 37.31 12.07
C LYS B 95 5.49 38.28 11.83
N THR B 96 6.59 38.17 12.58
CA THR B 96 7.75 39.02 12.29
C THR B 96 8.48 38.58 11.03
N THR B 97 8.47 37.28 10.75
CA THR B 97 9.05 36.77 9.51
C THR B 97 8.25 37.22 8.30
N CYS B 98 6.93 37.23 8.40
CA CYS B 98 6.11 37.57 7.25
C CYS B 98 5.64 39.02 7.24
N ASN B 99 6.17 39.85 8.14
CA ASN B 99 6.11 41.29 7.94
C ASN B 99 7.32 41.81 7.21
N ALA B 100 8.46 41.13 7.35
CA ALA B 100 9.70 41.55 6.69
C ALA B 100 9.71 41.22 5.21
N CYS B 101 8.96 40.21 4.78
CA CYS B 101 8.89 39.88 3.36
C CYS B 101 7.87 40.75 2.64
N HIS B 102 6.83 41.21 3.33
CA HIS B 102 5.81 42.04 2.70
C HIS B 102 6.32 43.45 2.44
N GLN B 103 7.34 43.91 3.16
CA GLN B 103 7.89 45.23 2.92
C GLN B 103 8.74 45.29 1.66
N LYS B 104 9.20 44.14 1.15
CA LYS B 104 10.11 44.10 0.02
C LYS B 104 9.47 43.58 -1.25
N TYR B 105 8.60 42.57 -1.18
CA TYR B 105 8.11 41.91 -2.38
C TYR B 105 6.60 41.91 -2.54
N ARG B 106 5.85 42.41 -1.57
CA ARG B 106 4.40 42.47 -1.70
C ARG B 106 3.95 43.88 -2.07
N ALA C 1 -22.18 -9.67 8.51
CA ALA C 1 -22.78 -10.50 9.56
C ALA C 1 -24.28 -10.34 9.55
N ASP C 2 -24.96 -11.09 10.42
CA ASP C 2 -26.40 -11.05 10.51
C ASP C 2 -26.89 -9.73 11.10
N LEU C 3 -28.20 -9.53 11.04
CA LEU C 3 -28.81 -8.41 11.75
C LEU C 3 -28.72 -8.60 13.25
N GLU C 4 -28.78 -9.85 13.71
CA GLU C 4 -28.75 -10.13 15.14
C GLU C 4 -27.37 -9.88 15.73
N HIS C 5 -26.31 -10.20 15.00
CA HIS C 5 -24.97 -9.94 15.51
C HIS C 5 -24.59 -8.47 15.42
N ASN C 6 -25.15 -7.73 14.46
CA ASN C 6 -24.91 -6.30 14.40
C ASN C 6 -25.56 -5.58 15.57
N MET C 7 -26.64 -6.13 16.12
CA MET C 7 -27.25 -5.61 17.33
C MET C 7 -26.49 -6.02 18.58
N HIS C 8 -25.70 -7.09 18.52
CA HIS C 8 -24.81 -7.45 19.62
C HIS C 8 -23.67 -6.44 19.73
N THR C 9 -23.20 -5.93 18.59
CA THR C 9 -22.08 -5.00 18.60
C THR C 9 -22.50 -3.62 19.06
N LEU C 10 -23.71 -3.19 18.69
CA LEU C 10 -24.20 -1.88 19.13
C LEU C 10 -24.52 -1.87 20.62
N ASN C 11 -25.01 -2.98 21.15
CA ASN C 11 -25.40 -3.04 22.56
C ASN C 11 -24.20 -3.15 23.48
N ASP C 12 -23.19 -3.92 23.08
CA ASP C 12 -22.02 -4.13 23.94
C ASP C 12 -21.14 -2.89 24.00
N ASN C 13 -20.91 -2.24 22.86
CA ASN C 13 -20.04 -1.08 22.81
C ASN C 13 -20.67 0.16 23.42
N LEU C 14 -22.00 0.21 23.51
CA LEU C 14 -22.65 1.34 24.16
C LEU C 14 -22.51 1.30 25.67
N LYS C 15 -22.45 0.10 26.26
CA LYS C 15 -22.25 -0.01 27.70
C LYS C 15 -20.81 0.25 28.12
N HIS C 16 -19.85 0.08 27.20
CA HIS C 16 -18.47 0.44 27.50
C HIS C 16 -18.23 1.94 27.44
N ILE C 17 -19.10 2.71 26.77
CA ILE C 17 -18.91 4.14 26.67
C ILE C 17 -19.30 4.85 27.97
N GLU C 18 -20.33 4.37 28.68
CA GLU C 18 -20.76 5.01 29.91
C GLU C 18 -19.78 4.79 31.05
N LYS C 19 -18.95 3.76 30.98
CA LYS C 19 -18.02 3.43 32.06
C LYS C 19 -16.58 3.82 31.73
N ALA C 20 -16.35 4.48 30.61
CA ALA C 20 -15.01 4.81 30.18
C ALA C 20 -14.47 6.02 30.92
N ASP C 21 -13.15 6.04 31.11
CA ASP C 21 -12.48 7.15 31.77
C ASP C 21 -11.45 7.86 30.91
N ASN C 22 -11.11 7.35 29.74
CA ASN C 22 -10.19 8.01 28.84
C ASN C 22 -10.86 8.18 27.48
N ALA C 23 -10.20 8.92 26.60
CA ALA C 23 -10.74 9.25 25.30
C ALA C 23 -10.38 8.25 24.21
N THR C 24 -9.47 7.31 24.50
CA THR C 24 -9.14 6.27 23.55
C THR C 24 -10.18 5.16 23.56
N THR C 25 -10.78 4.89 24.73
CA THR C 25 -11.82 3.89 24.83
C THR C 25 -13.10 4.34 24.14
N VAL C 26 -13.47 5.62 24.30
CA VAL C 26 -14.68 6.14 23.68
C VAL C 26 -14.52 6.22 22.16
N LYS C 27 -13.32 6.58 21.69
CA LYS C 27 -13.09 6.73 20.26
C LYS C 27 -13.04 5.39 19.55
N ASP C 28 -12.60 4.33 20.22
CA ASP C 28 -12.54 3.01 19.61
C ASP C 28 -13.88 2.30 19.63
N ALA C 29 -14.71 2.56 20.63
CA ALA C 29 -16.03 1.95 20.69
C ALA C 29 -17.00 2.58 19.69
N LEU C 30 -16.84 3.87 19.41
CA LEU C 30 -17.72 4.54 18.44
C LEU C 30 -17.38 4.18 17.01
N THR C 31 -16.17 3.70 16.74
CA THR C 31 -15.79 3.28 15.40
C THR C 31 -16.39 1.92 15.05
N LYS C 32 -16.54 1.02 16.03
CA LYS C 32 -17.17 -0.26 15.77
C LYS C 32 -18.68 -0.13 15.63
N MET C 33 -19.29 0.86 16.30
CA MET C 33 -20.71 1.09 16.15
C MET C 33 -21.04 1.69 14.79
N GLN C 34 -20.10 2.42 14.21
CA GLN C 34 -20.29 3.00 12.89
C GLN C 34 -20.28 1.92 11.80
N ALA C 35 -19.39 0.94 11.93
CA ALA C 35 -19.30 -0.13 10.94
C ALA C 35 -20.43 -1.13 11.06
N ALA C 36 -20.98 -1.31 12.26
CA ALA C 36 -22.06 -2.25 12.45
C ALA C 36 -23.40 -1.67 12.00
N ALA C 37 -23.55 -0.35 12.05
CA ALA C 37 -24.79 0.27 11.62
C ALA C 37 -24.88 0.36 10.11
N GLN C 38 -23.75 0.44 9.41
CA GLN C 38 -23.78 0.47 7.96
C GLN C 38 -24.02 -0.89 7.35
N ASP C 39 -23.57 -1.96 8.02
CA ASP C 39 -23.84 -3.31 7.53
C ASP C 39 -25.30 -3.71 7.75
N ALA C 40 -25.96 -3.14 8.74
CA ALA C 40 -27.34 -3.49 9.06
C ALA C 40 -28.37 -2.66 8.30
N TRP C 41 -27.93 -1.64 7.55
CA TRP C 41 -28.86 -0.73 6.90
C TRP C 41 -29.62 -1.40 5.78
N SER C 42 -29.02 -2.39 5.12
CA SER C 42 -29.62 -3.04 3.96
C SER C 42 -30.39 -4.32 4.32
N ALA C 43 -30.40 -4.73 5.58
CA ALA C 43 -30.98 -6.01 5.96
C ALA C 43 -32.51 -5.94 5.98
N THR C 44 -33.12 -7.11 6.19
CA THR C 44 -34.56 -7.25 6.24
C THR C 44 -34.94 -7.83 7.61
N PRO C 45 -35.78 -7.16 8.39
CA PRO C 45 -36.17 -7.72 9.69
C PRO C 45 -37.14 -8.87 9.52
N PRO C 46 -37.21 -9.78 10.49
CA PRO C 46 -38.11 -10.94 10.37
C PRO C 46 -39.59 -10.60 10.35
N LYS C 47 -40.01 -9.43 10.84
CA LYS C 47 -41.41 -9.06 10.82
C LYS C 47 -41.83 -8.39 9.52
N LEU C 48 -40.90 -8.16 8.61
CA LEU C 48 -41.19 -7.63 7.28
C LEU C 48 -40.72 -8.59 6.19
N GLU C 49 -40.66 -9.89 6.50
CA GLU C 49 -40.08 -10.85 5.57
C GLU C 49 -40.97 -11.14 4.38
N ASP C 50 -42.28 -11.00 4.52
CA ASP C 50 -43.21 -11.32 3.44
C ASP C 50 -43.66 -10.09 2.68
N LYS C 51 -42.96 -8.98 2.83
CA LYS C 51 -43.25 -7.77 2.08
C LYS C 51 -42.36 -7.72 0.84
N SER C 52 -42.67 -6.85 -0.01
CA SER C 52 -41.82 -6.57 -1.15
C SER C 52 -40.79 -5.52 -0.77
N PRO C 53 -39.60 -5.52 -1.41
CA PRO C 53 -38.56 -4.54 -1.03
C PRO C 53 -38.79 -3.12 -1.52
N ASP C 54 -40.01 -2.77 -1.95
CA ASP C 54 -40.37 -1.41 -2.35
C ASP C 54 -41.42 -0.83 -1.41
N SER C 55 -41.62 -1.47 -0.27
CA SER C 55 -42.75 -1.16 0.60
C SER C 55 -42.49 0.13 1.39
N PRO C 56 -43.56 0.79 1.86
CA PRO C 56 -43.36 1.91 2.80
C PRO C 56 -42.96 1.48 4.21
N GLU C 57 -43.00 0.18 4.51
CA GLU C 57 -42.35 -0.31 5.72
C GLU C 57 -40.84 -0.42 5.54
N MET C 58 -40.40 -0.89 4.37
CA MET C 58 -38.97 -1.01 4.10
C MET C 58 -38.34 0.32 3.73
N SER C 59 -39.13 1.38 3.58
CA SER C 59 -38.61 2.72 3.38
C SER C 59 -38.39 3.44 4.70
N ASP C 60 -39.28 3.22 5.66
CA ASP C 60 -39.13 3.79 6.99
C ASP C 60 -38.09 3.04 7.81
N PHE C 61 -37.83 1.78 7.46
CA PHE C 61 -36.78 1.01 8.14
C PHE C 61 -35.39 1.53 7.79
N ARG C 62 -35.16 1.78 6.50
CA ARG C 62 -33.87 2.31 6.07
C ARG C 62 -33.67 3.76 6.44
N CYS C 63 -34.75 4.51 6.65
CA CYS C 63 -34.61 5.89 7.08
C CYS C 63 -34.23 5.98 8.55
N GLY C 64 -34.47 4.92 9.32
CA GLY C 64 -34.11 4.93 10.73
C GLY C 64 -32.66 4.63 10.99
N PHE C 65 -32.03 3.81 10.16
CA PHE C 65 -30.59 3.60 10.29
C PHE C 65 -29.80 4.77 9.80
N TRP C 66 -30.31 5.56 8.86
N TRP C 66 -30.34 5.53 8.86
CA TRP C 66 -29.56 6.70 8.36
CA TRP C 66 -29.69 6.70 8.29
C TRP C 66 -29.63 7.89 9.29
C TRP C 66 -29.68 7.89 9.24
N GLU C 67 -30.60 7.92 10.20
CA GLU C 67 -30.60 8.90 11.27
C GLU C 67 -29.63 8.51 12.38
N LEU C 68 -29.44 7.21 12.60
CA LEU C 68 -28.51 6.72 13.62
C LEU C 68 -27.06 6.91 13.19
N ILE C 69 -26.78 6.75 11.90
CA ILE C 69 -25.42 6.90 11.38
C ILE C 69 -24.95 8.35 11.51
N GLY C 70 -25.85 9.31 11.30
CA GLY C 70 -25.50 10.71 11.47
C GLY C 70 -25.28 11.12 12.91
N GLN C 71 -25.87 10.40 13.86
CA GLN C 71 -25.64 10.71 15.27
C GLN C 71 -24.38 10.04 15.81
N ILE C 72 -24.00 8.89 15.26
CA ILE C 72 -22.74 8.25 15.64
C ILE C 72 -21.57 9.04 15.09
N ASN C 73 -21.71 9.59 13.87
CA ASN C 73 -20.66 10.40 13.26
C ASN C 73 -20.46 11.72 14.00
N ALA C 74 -21.53 12.29 14.56
CA ALA C 74 -21.39 13.53 15.31
C ALA C 74 -20.74 13.30 16.66
N ALA C 75 -20.99 12.15 17.29
CA ALA C 75 -20.38 11.84 18.57
C ALA C 75 -18.92 11.42 18.42
N LEU C 76 -18.57 10.83 17.29
CA LEU C 76 -17.18 10.52 16.99
C LEU C 76 -16.38 11.78 16.67
N HIS C 77 -17.05 12.83 16.21
CA HIS C 77 -16.39 14.10 15.95
C HIS C 77 -15.99 14.80 17.23
N LEU C 78 -16.75 14.62 18.31
CA LEU C 78 -16.40 15.20 19.60
C LEU C 78 -15.30 14.41 20.30
N ALA C 79 -15.23 13.10 20.05
CA ALA C 79 -14.24 12.26 20.73
C ALA C 79 -12.83 12.48 20.17
N LYS C 80 -12.72 12.93 18.92
CA LYS C 80 -11.40 13.19 18.35
C LYS C 80 -10.82 14.51 18.82
N GLN C 81 -11.66 15.42 19.33
CA GLN C 81 -11.21 16.64 19.98
C GLN C 81 -10.97 16.44 21.47
N CYS C 82 -10.93 15.19 21.93
CA CYS C 82 -10.66 14.78 23.32
C CYS C 82 -11.70 15.33 24.29
N LYS C 83 -12.93 15.53 23.83
CA LYS C 83 -14.04 15.97 24.68
C LYS C 83 -14.82 14.74 25.09
N VAL C 84 -14.44 14.16 26.23
CA VAL C 84 -14.98 12.85 26.64
C VAL C 84 -16.40 13.00 27.18
N LYS C 85 -16.65 14.03 27.99
CA LYS C 85 -17.97 14.19 28.59
C LYS C 85 -19.02 14.60 27.57
N GLU C 86 -18.63 15.36 26.54
CA GLU C 86 -19.57 15.74 25.50
C GLU C 86 -19.90 14.56 24.59
N ALA C 87 -18.93 13.68 24.36
CA ALA C 87 -19.17 12.50 23.53
C ALA C 87 -19.93 11.42 24.27
N GLN C 88 -19.83 11.39 25.60
CA GLN C 88 -20.59 10.42 26.38
C GLN C 88 -22.05 10.82 26.51
N ALA C 89 -22.34 12.12 26.56
CA ALA C 89 -23.72 12.59 26.63
C ALA C 89 -24.41 12.51 25.28
N ALA C 90 -23.64 12.57 24.18
CA ALA C 90 -24.23 12.42 22.86
C ALA C 90 -24.58 10.96 22.58
N ALA C 91 -23.86 10.01 23.18
CA ALA C 91 -24.17 8.60 23.03
C ALA C 91 -25.34 8.16 23.90
N GLU C 92 -25.65 8.91 24.96
CA GLU C 92 -26.83 8.62 25.76
C GLU C 92 -28.10 8.99 25.02
N GLN C 93 -28.05 10.01 24.17
CA GLN C 93 -29.19 10.43 23.37
C GLN C 93 -29.51 9.48 22.23
N LEU C 94 -28.65 8.48 21.96
CA LEU C 94 -28.90 7.50 20.92
C LEU C 94 -30.06 6.58 21.25
N LYS C 95 -30.43 6.45 22.52
CA LYS C 95 -31.42 5.48 22.93
C LYS C 95 -32.83 5.87 22.56
N THR C 96 -33.10 7.16 22.32
CA THR C 96 -34.42 7.55 21.86
C THR C 96 -34.64 7.16 20.41
N THR C 97 -33.57 7.16 19.60
CA THR C 97 -33.68 6.71 18.22
C THR C 97 -33.96 5.21 18.14
N CYS C 98 -33.33 4.43 19.01
CA CYS C 98 -33.48 2.98 18.94
C CYS C 98 -34.51 2.44 19.91
N ASN C 99 -35.28 3.30 20.58
CA ASN C 99 -36.53 2.87 21.18
C ASN C 99 -37.70 3.04 20.23
N ALA C 100 -37.61 3.99 19.30
CA ALA C 100 -38.69 4.22 18.34
C ALA C 100 -38.74 3.19 17.23
N CYS C 101 -37.60 2.55 16.93
CA CYS C 101 -37.59 1.51 15.92
C CYS C 101 -38.01 0.17 16.49
N HIS C 102 -37.77 -0.07 17.78
CA HIS C 102 -38.16 -1.34 18.39
C HIS C 102 -39.66 -1.44 18.60
N GLN C 103 -40.37 -0.31 18.66
CA GLN C 103 -41.82 -0.36 18.81
C GLN C 103 -42.53 -0.75 17.53
N LYS C 104 -41.87 -0.65 16.39
CA LYS C 104 -42.48 -0.89 15.10
C LYS C 104 -42.02 -2.16 14.42
N TYR C 105 -40.73 -2.51 14.50
CA TYR C 105 -40.18 -3.60 13.72
C TYR C 105 -39.51 -4.70 14.53
N ARG C 106 -39.39 -4.55 15.84
CA ARG C 106 -38.80 -5.60 16.66
C ARG C 106 -39.88 -6.39 17.37
N ALA D 1 -18.56 7.21 -16.19
CA ALA D 1 -19.12 6.97 -17.52
C ALA D 1 -20.48 7.62 -17.65
N ASP D 2 -21.07 7.53 -18.83
CA ASP D 2 -22.37 8.13 -19.09
C ASP D 2 -23.48 7.38 -18.34
N LEU D 3 -24.67 7.98 -18.37
CA LEU D 3 -25.85 7.29 -17.88
C LEU D 3 -26.21 6.11 -18.77
N GLU D 4 -25.96 6.24 -20.07
CA GLU D 4 -26.30 5.18 -21.01
C GLU D 4 -25.40 3.97 -20.86
N HIS D 5 -24.12 4.18 -20.58
CA HIS D 5 -23.23 3.03 -20.39
C HIS D 5 -23.43 2.38 -19.02
N ASN D 6 -23.84 3.13 -18.01
CA ASN D 6 -24.16 2.53 -16.72
C ASN D 6 -25.39 1.64 -16.80
N MET D 7 -26.30 1.92 -17.74
CA MET D 7 -27.43 1.04 -18.00
C MET D 7 -27.04 -0.18 -18.84
N HIS D 8 -25.94 -0.09 -19.60
CA HIS D 8 -25.41 -1.26 -20.28
C HIS D 8 -24.83 -2.25 -19.29
N THR D 9 -24.23 -1.76 -18.20
CA THR D 9 -23.61 -2.64 -17.22
C THR D 9 -24.65 -3.33 -16.35
N LEU D 10 -25.73 -2.62 -16.01
CA LEU D 10 -26.78 -3.22 -15.20
C LEU D 10 -27.56 -4.27 -15.99
N ASN D 11 -27.75 -4.05 -17.28
CA ASN D 11 -28.55 -4.96 -18.09
C ASN D 11 -27.78 -6.22 -18.45
N ASP D 12 -26.48 -6.10 -18.73
CA ASP D 12 -25.69 -7.26 -19.13
C ASP D 12 -25.41 -8.18 -17.95
N ASN D 13 -25.06 -7.62 -16.80
CA ASN D 13 -24.73 -8.42 -15.64
C ASN D 13 -25.94 -9.08 -14.99
N LEU D 14 -27.14 -8.54 -15.22
CA LEU D 14 -28.34 -9.17 -14.70
C LEU D 14 -28.72 -10.43 -15.46
N LYS D 15 -28.41 -10.49 -16.76
CA LYS D 15 -28.68 -11.68 -17.55
C LYS D 15 -27.68 -12.80 -17.28
N HIS D 16 -26.48 -12.46 -16.80
CA HIS D 16 -25.52 -13.47 -16.40
C HIS D 16 -25.84 -14.10 -15.06
N ILE D 17 -26.66 -13.44 -14.23
CA ILE D 17 -27.00 -13.99 -12.91
C ILE D 17 -28.03 -15.11 -13.04
N GLU D 18 -28.98 -15.00 -13.98
CA GLU D 18 -30.01 -16.03 -14.11
C GLU D 18 -29.46 -17.32 -14.70
N LYS D 19 -28.34 -17.28 -15.40
CA LYS D 19 -27.78 -18.46 -16.05
C LYS D 19 -26.57 -19.02 -15.30
N ALA D 20 -26.25 -18.47 -14.14
CA ALA D 20 -25.05 -18.87 -13.43
C ALA D 20 -25.28 -20.19 -12.68
N ASP D 21 -24.21 -20.96 -12.53
CA ASP D 21 -24.27 -22.22 -11.80
C ASP D 21 -23.36 -22.29 -10.58
N ASN D 22 -22.48 -21.31 -10.38
CA ASN D 22 -21.62 -21.27 -9.20
C ASN D 22 -21.81 -19.93 -8.51
N ALA D 23 -21.22 -19.82 -7.32
CA ALA D 23 -21.38 -18.64 -6.48
C ALA D 23 -20.33 -17.58 -6.73
N THR D 24 -19.29 -17.88 -7.52
CA THR D 24 -18.28 -16.88 -7.87
C THR D 24 -18.78 -15.99 -9.01
N THR D 25 -19.59 -16.54 -9.91
CA THR D 25 -20.16 -15.76 -11.00
C THR D 25 -21.20 -14.77 -10.49
N VAL D 26 -22.04 -15.21 -9.55
CA VAL D 26 -23.08 -14.32 -9.00
C VAL D 26 -22.46 -13.23 -8.14
N LYS D 27 -21.40 -13.55 -7.42
CA LYS D 27 -20.77 -12.57 -6.53
C LYS D 27 -19.99 -11.52 -7.31
N ASP D 28 -19.43 -11.88 -8.47
CA ASP D 28 -18.68 -10.92 -9.27
C ASP D 28 -19.59 -10.04 -10.12
N ALA D 29 -20.75 -10.55 -10.53
CA ALA D 29 -21.68 -9.74 -11.31
C ALA D 29 -22.41 -8.73 -10.45
N LEU D 30 -22.66 -9.05 -9.18
CA LEU D 30 -23.34 -8.12 -8.28
C LEU D 30 -22.42 -7.00 -7.82
N THR D 31 -21.11 -7.18 -7.89
CA THR D 31 -20.18 -6.12 -7.52
C THR D 31 -20.08 -5.06 -8.59
N LYS D 32 -20.20 -5.44 -9.86
CA LYS D 32 -20.19 -4.46 -10.94
C LYS D 32 -21.49 -3.68 -11.01
N MET D 33 -22.60 -4.30 -10.62
CA MET D 33 -23.88 -3.59 -10.60
C MET D 33 -23.93 -2.58 -9.47
N GLN D 34 -23.18 -2.83 -8.39
CA GLN D 34 -23.13 -1.88 -7.28
C GLN D 34 -22.35 -0.63 -7.65
N ALA D 35 -21.26 -0.78 -8.39
CA ALA D 35 -20.44 0.36 -8.79
C ALA D 35 -21.09 1.16 -9.90
N ALA D 36 -21.90 0.53 -10.75
CA ALA D 36 -22.55 1.25 -11.83
C ALA D 36 -23.77 2.02 -11.34
N ALA D 37 -24.41 1.55 -10.27
CA ALA D 37 -25.57 2.26 -9.74
C ALA D 37 -25.18 3.48 -8.92
N GLN D 38 -23.99 3.47 -8.32
CA GLN D 38 -23.53 4.64 -7.56
C GLN D 38 -23.02 5.74 -8.48
N ASP D 39 -22.47 5.40 -9.64
CA ASP D 39 -22.04 6.41 -10.59
C ASP D 39 -23.22 7.08 -11.28
N ALA D 40 -24.34 6.38 -11.40
CA ALA D 40 -25.50 6.91 -12.10
C ALA D 40 -26.45 7.68 -11.20
N TRP D 41 -26.20 7.70 -9.88
CA TRP D 41 -27.12 8.31 -8.95
C TRP D 41 -27.15 9.84 -9.09
N SER D 42 -26.05 10.44 -9.50
CA SER D 42 -25.93 11.89 -9.58
C SER D 42 -26.23 12.45 -10.97
N ALA D 43 -26.52 11.60 -11.95
CA ALA D 43 -26.67 12.04 -13.33
C ALA D 43 -28.02 12.72 -13.55
N THR D 44 -28.18 13.27 -14.74
CA THR D 44 -29.41 13.97 -15.14
C THR D 44 -29.97 13.28 -16.37
N PRO D 45 -31.21 12.79 -16.35
CA PRO D 45 -31.78 12.15 -17.53
C PRO D 45 -32.14 13.17 -18.59
N PRO D 46 -32.19 12.75 -19.86
CA PRO D 46 -32.49 13.71 -20.94
C PRO D 46 -33.89 14.30 -20.90
N LYS D 47 -34.84 13.67 -20.23
CA LYS D 47 -36.19 14.21 -20.14
C LYS D 47 -36.37 15.20 -19.00
N LEU D 48 -35.33 15.40 -18.18
CA LEU D 48 -35.34 16.40 -17.13
C LEU D 48 -34.21 17.41 -17.32
N GLU D 49 -33.78 17.62 -18.57
CA GLU D 49 -32.61 18.44 -18.83
C GLU D 49 -32.87 19.92 -18.62
N ASP D 50 -34.10 20.38 -18.81
CA ASP D 50 -34.42 21.80 -18.70
C ASP D 50 -35.02 22.16 -17.35
N LYS D 51 -34.88 21.29 -16.36
CA LYS D 51 -35.32 21.59 -15.01
C LYS D 51 -34.16 22.13 -14.20
N SER D 52 -34.47 22.63 -13.08
CA SER D 52 -33.44 23.05 -12.14
C SER D 52 -33.06 21.87 -11.25
N PRO D 53 -31.84 21.81 -10.74
CA PRO D 53 -31.42 20.66 -9.92
C PRO D 53 -31.99 20.63 -8.51
N ASP D 54 -33.02 21.42 -8.19
CA ASP D 54 -33.71 21.40 -6.92
C ASP D 54 -35.15 20.94 -7.06
N SER D 55 -35.47 20.35 -8.20
CA SER D 55 -36.85 20.06 -8.57
C SER D 55 -37.38 18.85 -7.81
N PRO D 56 -38.70 18.72 -7.68
CA PRO D 56 -39.27 17.47 -7.16
C PRO D 56 -39.23 16.31 -8.16
N GLU D 57 -38.89 16.56 -9.42
CA GLU D 57 -38.54 15.47 -10.33
C GLU D 57 -37.15 14.95 -10.07
N MET D 58 -36.19 15.85 -9.82
CA MET D 58 -34.82 15.43 -9.53
C MET D 58 -34.65 14.93 -8.11
N SER D 59 -35.67 15.04 -7.27
CA SER D 59 -35.66 14.45 -5.94
C SER D 59 -36.18 13.03 -5.94
N ASP D 60 -37.20 12.76 -6.77
CA ASP D 60 -37.72 11.41 -6.91
C ASP D 60 -36.82 10.55 -7.78
N PHE D 61 -35.99 11.17 -8.64
CA PHE D 61 -35.05 10.42 -9.45
C PHE D 61 -33.92 9.86 -8.60
N ARG D 62 -33.37 10.68 -7.69
CA ARG D 62 -32.30 10.22 -6.81
C ARG D 62 -32.81 9.29 -5.72
N CYS D 63 -34.09 9.36 -5.37
CA CYS D 63 -34.63 8.42 -4.39
C CYS D 63 -34.82 7.04 -4.98
N GLY D 64 -34.90 6.93 -6.31
CA GLY D 64 -35.08 5.64 -6.95
C GLY D 64 -33.80 4.85 -7.08
N PHE D 65 -32.66 5.52 -7.25
CA PHE D 65 -31.38 4.82 -7.25
C PHE D 65 -30.96 4.40 -5.87
N TRP D 66 -31.39 5.11 -4.83
N TRP D 66 -31.41 5.12 -4.85
CA TRP D 66 -31.01 4.74 -3.48
CA TRP D 66 -31.08 4.83 -3.46
C TRP D 66 -31.79 3.55 -2.96
C TRP D 66 -31.83 3.63 -2.93
N GLU D 67 -32.96 3.28 -3.53
CA GLU D 67 -33.68 2.07 -3.23
C GLU D 67 -33.08 0.87 -3.95
N LEU D 68 -32.50 1.09 -5.13
CA LEU D 68 -31.87 0.01 -5.89
C LEU D 68 -30.54 -0.40 -5.27
N ILE D 69 -29.80 0.55 -4.71
CA ILE D 69 -28.50 0.28 -4.09
C ILE D 69 -28.68 -0.59 -2.84
N GLY D 70 -29.76 -0.35 -2.08
CA GLY D 70 -30.03 -1.16 -0.92
C GLY D 70 -30.47 -2.58 -1.24
N GLN D 71 -31.03 -2.80 -2.43
CA GLN D 71 -31.42 -4.14 -2.83
C GLN D 71 -30.26 -4.92 -3.44
N ILE D 72 -29.32 -4.23 -4.09
CA ILE D 72 -28.13 -4.89 -4.60
C ILE D 72 -27.22 -5.30 -3.44
N ASN D 73 -27.14 -4.46 -2.41
CA ASN D 73 -26.33 -4.77 -1.23
C ASN D 73 -26.89 -5.94 -0.45
N ALA D 74 -28.22 -6.10 -0.43
CA ALA D 74 -28.81 -7.23 0.28
C ALA D 74 -28.63 -8.53 -0.48
N ALA D 75 -28.62 -8.48 -1.81
CA ALA D 75 -28.40 -9.68 -2.61
C ALA D 75 -26.95 -10.09 -2.63
N LEU D 76 -26.03 -9.13 -2.52
CA LEU D 76 -24.61 -9.44 -2.39
C LEU D 76 -24.29 -10.03 -1.02
N HIS D 77 -25.10 -9.74 -0.01
CA HIS D 77 -24.91 -10.31 1.32
C HIS D 77 -25.27 -11.80 1.35
N LEU D 78 -26.23 -12.22 0.51
CA LEU D 78 -26.57 -13.64 0.43
C LEU D 78 -25.56 -14.41 -0.40
N ALA D 79 -24.91 -13.76 -1.38
CA ALA D 79 -23.98 -14.45 -2.25
C ALA D 79 -22.66 -14.76 -1.55
N LYS D 80 -22.31 -13.98 -0.53
CA LYS D 80 -21.07 -14.24 0.21
C LYS D 80 -21.22 -15.39 1.19
N GLN D 81 -22.46 -15.73 1.57
CA GLN D 81 -22.74 -16.92 2.35
C GLN D 81 -22.96 -18.16 1.49
N CYS D 82 -22.61 -18.08 0.20
CA CYS D 82 -22.70 -19.16 -0.78
C CYS D 82 -24.13 -19.66 -0.98
N LYS D 83 -25.11 -18.78 -0.80
CA LYS D 83 -26.52 -19.09 -1.03
C LYS D 83 -26.89 -18.60 -2.43
N VAL D 84 -26.71 -19.47 -3.42
CA VAL D 84 -26.83 -19.06 -4.82
C VAL D 84 -28.29 -18.88 -5.21
N LYS D 85 -29.17 -19.77 -4.78
CA LYS D 85 -30.58 -19.69 -5.18
C LYS D 85 -31.30 -18.55 -4.50
N GLU D 86 -30.90 -18.20 -3.27
CA GLU D 86 -31.50 -17.05 -2.60
C GLU D 86 -31.04 -15.74 -3.21
N ALA D 87 -29.79 -15.68 -3.67
CA ALA D 87 -29.28 -14.46 -4.29
C ALA D 87 -29.78 -14.30 -5.72
N GLN D 88 -30.13 -15.39 -6.39
CA GLN D 88 -30.70 -15.30 -7.73
C GLN D 88 -32.15 -14.85 -7.70
N ALA D 89 -32.90 -15.25 -6.67
CA ALA D 89 -34.28 -14.83 -6.56
C ALA D 89 -34.40 -13.40 -6.06
N ALA D 90 -33.39 -12.91 -5.34
CA ALA D 90 -33.40 -11.52 -4.92
C ALA D 90 -33.07 -10.58 -6.07
N ALA D 91 -32.29 -11.04 -7.04
CA ALA D 91 -31.98 -10.24 -8.23
C ALA D 91 -33.12 -10.23 -9.24
N GLU D 92 -34.02 -11.21 -9.19
CA GLU D 92 -35.21 -11.19 -10.04
C GLU D 92 -36.20 -10.13 -9.57
N GLN D 93 -36.24 -9.86 -8.26
CA GLN D 93 -37.11 -8.84 -7.70
C GLN D 93 -36.65 -7.42 -8.01
N LEU D 94 -35.46 -7.24 -8.56
CA LEU D 94 -34.95 -5.92 -8.93
C LEU D 94 -35.72 -5.30 -10.08
N LYS D 95 -36.42 -6.10 -10.88
CA LYS D 95 -37.05 -5.59 -12.09
C LYS D 95 -38.30 -4.78 -11.82
N THR D 96 -38.92 -4.94 -10.65
CA THR D 96 -40.05 -4.09 -10.30
C THR D 96 -39.61 -2.67 -9.95
N THR D 97 -38.42 -2.53 -9.37
CA THR D 97 -37.88 -1.22 -9.09
C THR D 97 -37.54 -0.47 -10.37
N CYS D 98 -36.99 -1.17 -11.36
CA CYS D 98 -36.56 -0.50 -12.58
C CYS D 98 -37.58 -0.60 -13.70
N ASN D 99 -38.78 -1.08 -13.43
CA ASN D 99 -39.91 -0.81 -14.32
C ASN D 99 -40.67 0.44 -13.90
N ALA D 100 -40.62 0.79 -12.61
CA ALA D 100 -41.33 1.97 -12.12
C ALA D 100 -40.60 3.26 -12.45
N CYS D 101 -39.29 3.21 -12.65
CA CYS D 101 -38.54 4.40 -13.03
C CYS D 101 -38.60 4.64 -14.53
N HIS D 102 -38.74 3.59 -15.33
CA HIS D 102 -38.81 3.75 -16.78
C HIS D 102 -40.14 4.33 -17.24
N GLN D 103 -41.19 4.20 -16.43
CA GLN D 103 -42.48 4.78 -16.79
C GLN D 103 -42.52 6.29 -16.61
N LYS D 104 -41.59 6.84 -15.83
CA LYS D 104 -41.60 8.27 -15.51
C LYS D 104 -40.50 9.06 -16.17
N TYR D 105 -39.29 8.51 -16.28
CA TYR D 105 -38.14 9.29 -16.73
C TYR D 105 -37.43 8.73 -17.96
N ARG D 106 -37.82 7.56 -18.46
CA ARG D 106 -37.19 7.03 -19.66
C ARG D 106 -38.08 7.26 -20.87
N ALA E 1 7.18 6.33 -23.75
CA ALA E 1 8.04 7.22 -24.52
C ALA E 1 8.12 6.76 -25.97
N ASP E 2 8.83 7.52 -26.80
CA ASP E 2 8.97 7.21 -28.21
C ASP E 2 9.84 5.97 -28.41
N LEU E 3 9.87 5.50 -29.66
CA LEU E 3 10.82 4.46 -30.02
C LEU E 3 12.24 4.98 -30.00
N GLU E 4 12.43 6.26 -30.32
CA GLU E 4 13.77 6.84 -30.37
C GLU E 4 14.36 7.02 -28.98
N HIS E 5 13.53 7.37 -28.00
CA HIS E 5 14.05 7.51 -26.64
C HIS E 5 14.26 6.16 -25.96
N ASN E 6 13.49 5.15 -26.34
CA ASN E 6 13.74 3.80 -25.81
C ASN E 6 15.05 3.23 -26.32
N MET E 7 15.50 3.66 -27.50
CA MET E 7 16.82 3.30 -28.00
C MET E 7 17.93 4.11 -27.35
N HIS E 8 17.61 5.29 -26.81
CA HIS E 8 18.58 6.04 -26.02
C HIS E 8 18.87 5.34 -24.71
N THR E 9 17.86 4.71 -24.12
CA THR E 9 18.02 4.05 -22.83
C THR E 9 18.79 2.74 -22.97
N LEU E 10 18.56 2.00 -24.06
CA LEU E 10 19.26 0.75 -24.27
C LEU E 10 20.73 0.99 -24.60
N ASN E 11 21.03 2.07 -25.32
CA ASN E 11 22.41 2.34 -25.74
C ASN E 11 23.24 2.89 -24.59
N ASP E 12 22.66 3.75 -23.75
CA ASP E 12 23.42 4.36 -22.67
C ASP E 12 23.71 3.38 -21.56
N ASN E 13 22.73 2.56 -21.18
CA ASN E 13 22.91 1.62 -20.09
C ASN E 13 23.78 0.43 -20.46
N LEU E 14 23.92 0.14 -21.75
CA LEU E 14 24.81 -0.93 -22.16
C LEU E 14 26.28 -0.54 -22.05
N LYS E 15 26.60 0.73 -22.24
CA LYS E 15 27.97 1.19 -22.10
C LYS E 15 28.39 1.33 -20.64
N HIS E 16 27.43 1.49 -19.73
CA HIS E 16 27.75 1.49 -18.30
C HIS E 16 28.01 0.09 -17.75
N ILE E 17 27.55 -0.96 -18.44
CA ILE E 17 27.75 -2.32 -17.96
C ILE E 17 29.18 -2.78 -18.21
N GLU E 18 29.80 -2.38 -19.33
CA GLU E 18 31.16 -2.82 -19.62
C GLU E 18 32.19 -2.18 -18.72
N LYS E 19 31.88 -1.02 -18.12
CA LYS E 19 32.84 -0.30 -17.30
C LYS E 19 32.56 -0.44 -15.81
N ALA E 20 31.59 -1.27 -15.44
CA ALA E 20 31.19 -1.40 -14.05
C ALA E 20 32.16 -2.29 -13.28
N ASP E 21 32.30 -1.99 -11.98
CA ASP E 21 33.17 -2.77 -11.12
C ASP E 21 32.45 -3.43 -9.94
N ASN E 22 31.18 -3.12 -9.70
CA ASN E 22 30.41 -3.77 -8.66
C ASN E 22 29.14 -4.35 -9.26
N ALA E 23 28.42 -5.12 -8.44
CA ALA E 23 27.23 -5.82 -8.89
C ALA E 23 25.96 -5.02 -8.73
N THR E 24 26.01 -3.88 -8.04
CA THR E 24 24.84 -3.02 -7.92
C THR E 24 24.65 -2.16 -9.16
N THR E 25 25.75 -1.78 -9.81
CA THR E 25 25.67 -1.02 -11.05
C THR E 25 25.14 -1.86 -12.20
N VAL E 26 25.57 -3.12 -12.30
CA VAL E 26 25.11 -4.00 -13.37
C VAL E 26 23.65 -4.37 -13.17
N LYS E 27 23.23 -4.56 -11.92
CA LYS E 27 21.85 -4.96 -11.64
C LYS E 27 20.87 -3.82 -11.87
N ASP E 28 21.29 -2.58 -11.65
CA ASP E 28 20.40 -1.43 -11.86
C ASP E 28 20.32 -1.03 -13.32
N ALA E 29 21.38 -1.25 -14.10
CA ALA E 29 21.34 -0.91 -15.51
C ALA E 29 20.54 -1.92 -16.32
N LEU E 30 20.53 -3.19 -15.89
CA LEU E 30 19.76 -4.21 -16.60
C LEU E 30 18.27 -4.10 -16.31
N THR E 31 17.87 -3.45 -15.23
CA THR E 31 16.46 -3.26 -14.94
C THR E 31 15.85 -2.16 -15.80
N LYS E 32 16.62 -1.13 -16.13
CA LYS E 32 16.11 -0.09 -17.02
C LYS E 32 16.04 -0.56 -18.46
N MET E 33 16.94 -1.47 -18.86
CA MET E 33 16.89 -2.02 -20.21
C MET E 33 15.70 -2.95 -20.39
N GLN E 34 15.25 -3.58 -19.30
CA GLN E 34 14.08 -4.46 -19.37
C GLN E 34 12.80 -3.66 -19.55
N ALA E 35 12.69 -2.51 -18.89
CA ALA E 35 11.49 -1.69 -19.00
C ALA E 35 11.43 -0.94 -20.32
N ALA E 36 12.59 -0.60 -20.91
CA ALA E 36 12.60 0.10 -22.17
C ALA E 36 12.33 -0.82 -23.35
N ALA E 37 12.66 -2.10 -23.22
CA ALA E 37 12.41 -3.04 -24.30
C ALA E 37 10.95 -3.48 -24.35
N GLN E 38 10.25 -3.46 -23.22
CA GLN E 38 8.84 -3.81 -23.21
C GLN E 38 7.97 -2.68 -23.73
N ASP E 39 8.38 -1.43 -23.53
CA ASP E 39 7.63 -0.30 -24.06
C ASP E 39 7.79 -0.17 -25.57
N ALA E 40 8.91 -0.64 -26.11
CA ALA E 40 9.19 -0.52 -27.54
C ALA E 40 8.66 -1.68 -28.36
N TRP E 41 8.14 -2.72 -27.71
CA TRP E 41 7.72 -3.92 -28.43
C TRP E 41 6.49 -3.67 -29.30
N SER E 42 5.63 -2.75 -28.91
CA SER E 42 4.39 -2.49 -29.61
C SER E 42 4.47 -1.36 -30.63
N ALA E 43 5.63 -0.70 -30.75
CA ALA E 43 5.74 0.48 -31.57
C ALA E 43 5.83 0.12 -33.06
N THR E 44 5.79 1.15 -33.89
CA THR E 44 5.87 1.00 -35.34
C THR E 44 7.08 1.77 -35.85
N PRO E 45 8.02 1.12 -36.54
CA PRO E 45 9.18 1.84 -37.06
C PRO E 45 8.81 2.72 -38.25
N PRO E 46 9.57 3.78 -38.52
CA PRO E 46 9.22 4.68 -39.63
C PRO E 46 9.32 4.05 -41.02
N LYS E 47 10.06 2.96 -41.18
CA LYS E 47 10.17 2.31 -42.48
C LYS E 47 9.05 1.30 -42.73
N LEU E 48 8.18 1.09 -41.76
CA LEU E 48 7.01 0.24 -41.93
C LEU E 48 5.73 1.01 -41.65
N GLU E 49 5.74 2.33 -41.85
CA GLU E 49 4.62 3.17 -41.48
C GLU E 49 3.42 3.00 -42.38
N ASP E 50 3.63 2.64 -43.65
CA ASP E 50 2.54 2.52 -44.61
C ASP E 50 2.07 1.08 -44.78
N LYS E 51 2.43 0.19 -43.87
CA LYS E 51 1.96 -1.17 -43.90
C LYS E 51 0.74 -1.31 -43.00
N SER E 52 0.10 -2.39 -43.11
CA SER E 52 -0.98 -2.72 -42.21
C SER E 52 -0.43 -3.43 -40.99
N PRO E 53 -1.07 -3.33 -39.82
CA PRO E 53 -0.54 -3.96 -38.60
C PRO E 53 -0.70 -5.47 -38.53
N ASP E 54 -1.02 -6.15 -39.64
CA ASP E 54 -1.10 -7.60 -39.71
C ASP E 54 -0.04 -8.18 -40.63
N SER E 55 0.96 -7.36 -40.97
CA SER E 55 1.91 -7.70 -42.02
C SER E 55 2.94 -8.72 -41.52
N PRO E 56 3.58 -9.46 -42.42
CA PRO E 56 4.72 -10.29 -42.01
C PRO E 56 5.99 -9.49 -41.73
N GLU E 57 6.02 -8.19 -42.04
CA GLU E 57 7.07 -7.33 -41.52
C GLU E 57 6.82 -6.97 -40.07
N MET E 58 5.58 -6.66 -39.72
CA MET E 58 5.24 -6.33 -38.34
C MET E 58 5.14 -7.55 -37.44
N SER E 59 5.24 -8.75 -38.00
CA SER E 59 5.31 -9.97 -37.20
C SER E 59 6.75 -10.33 -36.86
N ASP E 60 7.66 -10.09 -37.80
CA ASP E 60 9.08 -10.32 -37.54
C ASP E 60 9.69 -9.22 -36.69
N PHE E 61 9.07 -8.03 -36.69
CA PHE E 61 9.55 -6.94 -35.84
C PHE E 61 9.27 -7.23 -34.37
N ARG E 62 8.06 -7.70 -34.07
CA ARG E 62 7.70 -8.03 -32.69
C ARG E 62 8.36 -9.30 -32.20
N CYS E 63 8.76 -10.19 -33.11
CA CYS E 63 9.48 -11.40 -32.69
C CYS E 63 10.92 -11.08 -32.31
N GLY E 64 11.45 -9.95 -32.78
CA GLY E 64 12.82 -9.58 -32.46
C GLY E 64 12.98 -8.95 -31.10
N PHE E 65 11.96 -8.21 -30.63
CA PHE E 65 12.00 -7.68 -29.28
C PHE E 65 11.74 -8.75 -28.24
N TRP E 66 11.00 -9.80 -28.59
N TRP E 66 11.02 -9.80 -28.62
CA TRP E 66 10.73 -10.86 -27.62
CA TRP E 66 10.67 -10.90 -27.74
C TRP E 66 11.90 -11.81 -27.44
C TRP E 66 11.82 -11.85 -27.51
N GLU E 67 12.83 -11.84 -28.39
CA GLU E 67 14.08 -12.54 -28.20
C GLU E 67 15.06 -11.74 -27.35
N LEU E 68 14.99 -10.41 -27.44
CA LEU E 68 15.85 -9.53 -26.65
C LEU E 68 15.43 -9.51 -25.18
N ILE E 69 14.13 -9.58 -24.91
CA ILE E 69 13.61 -9.55 -23.55
C ILE E 69 14.02 -10.82 -22.80
N GLY E 70 14.06 -11.96 -23.48
CA GLY E 70 14.50 -13.18 -22.86
C GLY E 70 15.98 -13.23 -22.57
N GLN E 71 16.78 -12.46 -23.30
CA GLN E 71 18.21 -12.40 -23.03
C GLN E 71 18.56 -11.40 -21.94
N ILE E 72 17.77 -10.33 -21.80
CA ILE E 72 17.97 -9.39 -20.71
C ILE E 72 17.55 -10.02 -19.39
N ASN E 73 16.50 -10.82 -19.40
CA ASN E 73 16.04 -11.52 -18.20
C ASN E 73 17.03 -12.58 -17.73
N ALA E 74 17.73 -13.22 -18.68
CA ALA E 74 18.72 -14.22 -18.29
C ALA E 74 19.97 -13.58 -17.72
N ALA E 75 20.35 -12.40 -18.21
CA ALA E 75 21.51 -11.70 -17.70
C ALA E 75 21.24 -11.04 -16.35
N LEU E 76 19.99 -10.63 -16.12
CA LEU E 76 19.59 -10.12 -14.82
C LEU E 76 19.52 -11.23 -13.77
N HIS E 77 19.32 -12.47 -14.21
CA HIS E 77 19.31 -13.61 -13.29
C HIS E 77 20.71 -13.92 -12.77
N LEU E 78 21.75 -13.67 -13.57
CA LEU E 78 23.12 -13.88 -13.11
C LEU E 78 23.59 -12.74 -12.23
N ALA E 79 23.06 -11.53 -12.42
CA ALA E 79 23.51 -10.39 -11.63
C ALA E 79 22.98 -10.43 -10.21
N LYS E 80 21.85 -11.10 -9.98
CA LYS E 80 21.30 -11.20 -8.63
C LYS E 80 22.03 -12.24 -7.80
N GLN E 81 22.74 -13.17 -8.44
CA GLN E 81 23.62 -14.10 -7.76
C GLN E 81 25.03 -13.55 -7.58
N CYS E 82 25.22 -12.24 -7.80
CA CYS E 82 26.48 -11.50 -7.65
C CYS E 82 27.58 -12.04 -8.56
N LYS E 83 27.21 -12.57 -9.71
CA LYS E 83 28.16 -13.04 -10.73
C LYS E 83 28.34 -11.93 -11.76
N VAL E 84 29.30 -11.06 -11.51
CA VAL E 84 29.44 -9.84 -12.32
C VAL E 84 30.05 -10.15 -13.68
N LYS E 85 31.06 -11.02 -13.73
CA LYS E 85 31.73 -11.30 -15.00
C LYS E 85 30.85 -12.13 -15.93
N GLU E 86 30.00 -12.99 -15.37
CA GLU E 86 29.09 -13.77 -16.21
C GLU E 86 27.96 -12.90 -16.75
N ALA E 87 27.52 -11.92 -15.98
CA ALA E 87 26.46 -11.02 -16.44
C ALA E 87 26.98 -9.98 -17.42
N GLN E 88 28.27 -9.64 -17.35
CA GLN E 88 28.86 -8.71 -18.30
C GLN E 88 29.11 -9.38 -19.65
N ALA E 89 29.44 -10.66 -19.66
CA ALA E 89 29.65 -11.37 -20.91
C ALA E 89 28.34 -11.72 -21.59
N ALA E 90 27.26 -11.86 -20.81
CA ALA E 90 25.96 -12.12 -21.40
C ALA E 90 25.38 -10.86 -22.05
N ALA E 91 25.74 -9.68 -21.54
CA ALA E 91 25.30 -8.43 -22.13
C ALA E 91 26.10 -8.05 -23.38
N GLU E 92 27.30 -8.60 -23.54
CA GLU E 92 28.05 -8.40 -24.77
C GLU E 92 27.46 -9.17 -25.93
N GLN E 93 26.83 -10.32 -25.65
CA GLN E 93 26.17 -11.13 -26.67
C GLN E 93 24.87 -10.52 -27.17
N LEU E 94 24.38 -9.46 -26.53
CA LEU E 94 23.15 -8.80 -26.96
C LEU E 94 23.32 -8.07 -28.30
N LYS E 95 24.55 -7.76 -28.69
CA LYS E 95 24.78 -6.94 -29.87
C LYS E 95 24.54 -7.68 -31.17
N THR E 96 24.59 -9.02 -31.15
CA THR E 96 24.26 -9.77 -32.36
C THR E 96 22.75 -9.76 -32.64
N THR E 97 21.93 -9.70 -31.59
CA THR E 97 20.50 -9.59 -31.77
C THR E 97 20.12 -8.24 -32.35
N CYS E 98 20.78 -7.17 -31.91
CA CYS E 98 20.41 -5.83 -32.35
C CYS E 98 21.28 -5.31 -33.48
N ASN E 99 22.13 -6.16 -34.07
CA ASN E 99 22.66 -5.88 -35.38
C ASN E 99 21.80 -6.47 -36.49
N ALA E 100 21.09 -7.56 -36.19
CA ALA E 100 20.25 -8.21 -37.18
C ALA E 100 18.95 -7.47 -37.42
N CYS E 101 18.48 -6.70 -36.45
CA CYS E 101 17.27 -5.91 -36.63
C CYS E 101 17.55 -4.59 -37.33
N HIS E 102 18.76 -4.04 -37.16
CA HIS E 102 19.11 -2.79 -37.80
C HIS E 102 19.33 -2.94 -39.30
N GLN E 103 19.65 -4.15 -39.77
CA GLN E 103 19.83 -4.37 -41.19
C GLN E 103 18.52 -4.42 -41.96
N LYS E 104 17.40 -4.64 -41.26
CA LYS E 104 16.11 -4.79 -41.90
C LYS E 104 15.16 -3.64 -41.70
N TYR E 105 15.13 -3.02 -40.51
CA TYR E 105 14.11 -2.03 -40.20
C TYR E 105 14.65 -0.68 -39.77
N ARG E 106 15.97 -0.52 -39.64
CA ARG E 106 16.52 0.79 -39.29
C ARG E 106 17.09 1.47 -40.52
N ALA F 1 23.09 6.75 -8.91
CA ALA F 1 24.00 6.64 -10.05
C ALA F 1 25.13 7.64 -9.90
N ASP F 2 26.05 7.61 -10.86
CA ASP F 2 27.21 8.50 -10.83
C ASP F 2 26.79 9.94 -11.13
N LEU F 3 27.74 10.86 -10.94
CA LEU F 3 27.53 12.23 -11.37
C LEU F 3 27.49 12.33 -12.88
N GLU F 4 28.24 11.47 -13.58
CA GLU F 4 28.29 11.52 -15.03
C GLU F 4 26.99 11.03 -15.65
N HIS F 5 26.35 10.01 -15.06
CA HIS F 5 25.09 9.54 -15.62
C HIS F 5 23.93 10.47 -15.27
N ASN F 6 24.00 11.18 -14.14
CA ASN F 6 22.98 12.16 -13.82
C ASN F 6 23.02 13.35 -14.77
N MET F 7 24.19 13.65 -15.35
CA MET F 7 24.30 14.65 -16.39
C MET F 7 23.84 14.13 -17.75
N HIS F 8 23.85 12.81 -17.95
CA HIS F 8 23.26 12.24 -19.16
C HIS F 8 21.75 12.39 -19.15
N THR F 9 21.13 12.29 -17.96
CA THR F 9 19.68 12.37 -17.86
C THR F 9 19.19 13.81 -18.02
N LEU F 10 19.95 14.77 -17.49
CA LEU F 10 19.55 16.17 -17.63
C LEU F 10 19.72 16.66 -19.06
N ASN F 11 20.73 16.17 -19.77
CA ASN F 11 21.00 16.64 -21.12
C ASN F 11 20.03 16.03 -22.13
N ASP F 12 19.68 14.76 -21.96
CA ASP F 12 18.81 14.10 -22.92
C ASP F 12 17.37 14.57 -22.80
N ASN F 13 16.87 14.72 -21.56
CA ASN F 13 15.49 15.11 -21.36
C ASN F 13 15.25 16.58 -21.66
N LEU F 14 16.29 17.42 -21.65
CA LEU F 14 16.12 18.82 -22.02
C LEU F 14 15.94 19.00 -23.51
N LYS F 15 16.55 18.13 -24.33
CA LYS F 15 16.37 18.22 -25.78
C LYS F 15 15.03 17.67 -26.23
N HIS F 16 14.40 16.80 -25.43
CA HIS F 16 13.06 16.35 -25.75
C HIS F 16 11.99 17.37 -25.41
N ILE F 17 12.30 18.35 -24.55
CA ILE F 17 11.31 19.35 -24.18
C ILE F 17 11.13 20.39 -25.30
N GLU F 18 12.22 20.75 -26.01
CA GLU F 18 12.10 21.76 -27.06
C GLU F 18 11.36 21.24 -28.28
N LYS F 19 11.30 19.93 -28.48
CA LYS F 19 10.67 19.35 -29.66
C LYS F 19 9.30 18.76 -29.36
N ALA F 20 8.80 18.92 -28.14
CA ALA F 20 7.54 18.30 -27.75
C ALA F 20 6.36 19.10 -28.28
N ASP F 21 5.26 18.38 -28.55
CA ASP F 21 4.04 19.00 -29.02
C ASP F 21 2.83 18.79 -28.12
N ASN F 22 2.93 17.96 -27.09
CA ASN F 22 1.85 17.77 -26.13
C ASN F 22 2.38 18.02 -24.73
N ALA F 23 1.46 18.05 -23.77
CA ALA F 23 1.79 18.37 -22.39
C ALA F 23 2.15 17.15 -21.55
N THR F 24 1.94 15.95 -22.08
CA THR F 24 2.33 14.73 -21.37
C THR F 24 3.82 14.46 -21.54
N THR F 25 4.39 14.83 -22.68
CA THR F 25 5.82 14.67 -22.91
C THR F 25 6.64 15.63 -22.06
N VAL F 26 6.18 16.88 -21.95
CA VAL F 26 6.89 17.88 -21.15
C VAL F 26 6.80 17.55 -19.66
N LYS F 27 5.66 17.04 -19.22
CA LYS F 27 5.46 16.74 -17.80
C LYS F 27 6.25 15.51 -17.37
N ASP F 28 6.46 14.55 -18.27
CA ASP F 28 7.23 13.35 -17.93
C ASP F 28 8.73 13.58 -18.00
N ALA F 29 9.18 14.47 -18.87
CA ALA F 29 10.61 14.76 -18.95
C ALA F 29 11.09 15.62 -17.79
N LEU F 30 10.22 16.49 -17.27
CA LEU F 30 10.60 17.34 -16.14
C LEU F 30 10.62 16.58 -14.83
N THR F 31 9.94 15.44 -14.75
CA THR F 31 9.96 14.62 -13.54
C THR F 31 11.26 13.83 -13.42
N LYS F 32 11.83 13.40 -14.54
CA LYS F 32 13.11 12.71 -14.51
C LYS F 32 14.27 13.66 -14.23
N MET F 33 14.15 14.91 -14.66
CA MET F 33 15.18 15.91 -14.37
C MET F 33 15.18 16.30 -12.90
N GLN F 34 14.02 16.21 -12.24
CA GLN F 34 13.93 16.52 -10.83
C GLN F 34 14.60 15.44 -9.99
N ALA F 35 14.44 14.18 -10.36
CA ALA F 35 15.05 13.08 -9.61
C ALA F 35 16.54 12.97 -9.84
N ALA F 36 17.03 13.39 -11.02
CA ALA F 36 18.44 13.31 -11.31
C ALA F 36 19.22 14.46 -10.68
N ALA F 37 18.56 15.59 -10.45
CA ALA F 37 19.24 16.73 -9.82
C ALA F 37 19.35 16.55 -8.31
N GLN F 38 18.43 15.81 -7.70
CA GLN F 38 18.51 15.56 -6.26
C GLN F 38 19.55 14.50 -5.93
N ASP F 39 19.77 13.54 -6.82
CA ASP F 39 20.80 12.54 -6.58
C ASP F 39 22.20 13.10 -6.77
N ALA F 40 22.34 14.14 -7.59
CA ALA F 40 23.64 14.73 -7.88
C ALA F 40 24.04 15.83 -6.91
N TRP F 41 23.14 16.23 -6.01
CA TRP F 41 23.40 17.36 -5.12
C TRP F 41 24.48 17.04 -4.10
N SER F 42 24.60 15.78 -3.70
CA SER F 42 25.54 15.39 -2.66
C SER F 42 26.88 14.90 -3.19
N ALA F 43 27.06 14.83 -4.51
CA ALA F 43 28.25 14.23 -5.08
C ALA F 43 29.44 15.18 -5.00
N THR F 44 30.61 14.66 -5.38
CA THR F 44 31.87 15.39 -5.37
C THR F 44 32.42 15.43 -6.78
N PRO F 45 32.66 16.60 -7.37
CA PRO F 45 33.22 16.65 -8.71
C PRO F 45 34.70 16.27 -8.71
N PRO F 46 35.22 15.79 -9.85
CA PRO F 46 36.63 15.37 -9.89
C PRO F 46 37.64 16.50 -9.69
N LYS F 47 37.27 17.74 -9.92
CA LYS F 47 38.19 18.85 -9.73
C LYS F 47 38.21 19.38 -8.30
N LEU F 48 37.39 18.83 -7.42
CA LEU F 48 37.40 19.15 -6.00
C LEU F 48 37.63 17.91 -5.16
N GLU F 49 38.32 16.91 -5.72
CA GLU F 49 38.46 15.63 -5.05
C GLU F 49 39.42 15.69 -3.87
N ASP F 50 40.41 16.58 -3.89
CA ASP F 50 41.41 16.65 -2.83
C ASP F 50 41.10 17.73 -1.81
N LYS F 51 39.87 18.24 -1.79
CA LYS F 51 39.46 19.21 -0.80
C LYS F 51 38.78 18.48 0.35
N SER F 52 38.58 19.20 1.39
CA SER F 52 37.80 18.69 2.50
C SER F 52 36.32 18.99 2.27
N PRO F 53 35.40 18.18 2.80
CA PRO F 53 33.97 18.41 2.55
C PRO F 53 33.36 19.58 3.33
N ASP F 54 34.16 20.46 3.90
CA ASP F 54 33.69 21.66 4.58
C ASP F 54 34.15 22.92 3.85
N SER F 55 34.61 22.77 2.62
CA SER F 55 35.29 23.84 1.90
C SER F 55 34.29 24.87 1.37
N PRO F 56 34.73 26.10 1.11
CA PRO F 56 33.87 27.06 0.40
C PRO F 56 33.71 26.75 -1.08
N GLU F 57 34.48 25.82 -1.64
CA GLU F 57 34.17 25.28 -2.96
C GLU F 57 33.02 24.30 -2.91
N MET F 58 33.00 23.43 -1.90
CA MET F 58 31.92 22.46 -1.75
C MET F 58 30.66 23.07 -1.17
N SER F 59 30.70 24.34 -0.76
CA SER F 59 29.51 25.04 -0.33
C SER F 59 28.84 25.75 -1.50
N ASP F 60 29.63 26.29 -2.43
CA ASP F 60 29.09 26.91 -3.62
C ASP F 60 28.64 25.88 -4.64
N PHE F 61 29.18 24.66 -4.57
CA PHE F 61 28.74 23.58 -5.46
C PHE F 61 27.34 23.12 -5.10
N ARG F 62 27.06 22.93 -3.81
CA ARG F 62 25.74 22.50 -3.37
C ARG F 62 24.72 23.61 -3.46
N CYS F 63 25.14 24.87 -3.44
CA CYS F 63 24.20 25.97 -3.61
C CYS F 63 23.74 26.11 -5.05
N GLY F 64 24.52 25.56 -6.00
CA GLY F 64 24.15 25.64 -7.39
C GLY F 64 23.12 24.61 -7.81
N PHE F 65 23.14 23.43 -7.20
CA PHE F 65 22.09 22.45 -7.47
C PHE F 65 20.78 22.82 -6.81
N TRP F 66 20.82 23.57 -5.71
N TRP F 66 20.84 23.58 -5.72
CA TRP F 66 19.59 23.94 -5.04
CA TRP F 66 19.66 23.97 -4.99
C TRP F 66 18.87 25.07 -5.74
C TRP F 66 18.90 25.10 -5.68
N GLU F 67 19.58 25.85 -6.53
CA GLU F 67 18.94 26.84 -7.39
C GLU F 67 18.31 26.19 -8.62
N LEU F 68 18.91 25.10 -9.10
CA LEU F 68 18.38 24.38 -10.26
C LEU F 68 17.12 23.60 -9.90
N ILE F 69 17.05 23.05 -8.69
CA ILE F 69 15.90 22.28 -8.25
C ILE F 69 14.67 23.17 -8.12
N GLY F 70 14.86 24.41 -7.66
CA GLY F 70 13.75 25.35 -7.58
C GLY F 70 13.24 25.83 -8.92
N GLN F 71 14.08 25.79 -9.95
CA GLN F 71 13.63 26.18 -11.28
C GLN F 71 12.96 25.03 -12.02
N ILE F 72 13.36 23.79 -11.74
CA ILE F 72 12.69 22.64 -12.33
C ILE F 72 11.30 22.47 -11.71
N ASN F 73 11.18 22.74 -10.41
CA ASN F 73 9.90 22.64 -9.73
C ASN F 73 8.92 23.71 -10.20
N ALA F 74 9.42 24.89 -10.56
CA ALA F 74 8.54 25.94 -11.06
C ALA F 74 8.07 25.65 -12.47
N ALA F 75 8.90 25.02 -13.29
CA ALA F 75 8.51 24.67 -14.65
C ALA F 75 7.58 23.47 -14.68
N LEU F 76 7.71 22.56 -13.72
CA LEU F 76 6.77 21.46 -13.58
C LEU F 76 5.42 21.92 -13.08
N HIS F 77 5.37 23.05 -12.37
CA HIS F 77 4.12 23.62 -11.91
C HIS F 77 3.30 24.20 -13.07
N LEU F 78 3.96 24.71 -14.10
CA LEU F 78 3.26 25.21 -15.28
C LEU F 78 2.79 24.09 -16.18
N ALA F 79 3.51 22.96 -16.20
CA ALA F 79 3.15 21.87 -17.09
C ALA F 79 1.91 21.12 -16.61
N LYS F 80 1.64 21.15 -15.30
CA LYS F 80 0.46 20.48 -14.78
C LYS F 80 -0.81 21.28 -15.03
N GLN F 81 -0.70 22.58 -15.29
CA GLN F 81 -1.81 23.41 -15.72
C GLN F 81 -1.97 23.41 -17.23
N CYS F 82 -1.31 22.48 -17.93
CA CYS F 82 -1.38 22.29 -19.38
C CYS F 82 -0.92 23.53 -20.16
N LYS F 83 0.00 24.30 -19.58
CA LYS F 83 0.59 25.46 -20.25
C LYS F 83 1.93 25.03 -20.84
N VAL F 84 1.88 24.56 -22.10
CA VAL F 84 3.05 23.94 -22.71
C VAL F 84 4.09 24.98 -23.12
N LYS F 85 3.65 26.11 -23.68
CA LYS F 85 4.59 27.11 -24.16
C LYS F 85 5.26 27.86 -23.01
N GLU F 86 4.56 28.02 -21.89
CA GLU F 86 5.17 28.66 -20.72
C GLU F 86 6.17 27.74 -20.04
N ALA F 87 5.91 26.43 -20.05
CA ALA F 87 6.84 25.48 -19.45
C ALA F 87 8.05 25.21 -20.34
N GLN F 88 7.90 25.38 -21.65
CA GLN F 88 9.04 25.23 -22.56
C GLN F 88 9.98 26.42 -22.49
N ALA F 89 9.45 27.62 -22.28
CA ALA F 89 10.29 28.80 -22.15
C ALA F 89 10.98 28.88 -20.81
N ALA F 90 10.39 28.26 -19.79
CA ALA F 90 11.03 28.21 -18.47
C ALA F 90 12.19 27.22 -18.46
N ALA F 91 12.11 26.17 -19.28
CA ALA F 91 13.20 25.21 -19.38
C ALA F 91 14.35 25.71 -20.24
N GLU F 92 14.11 26.68 -21.12
CA GLU F 92 15.18 27.30 -21.88
C GLU F 92 16.04 28.20 -20.99
N GLN F 93 15.45 28.80 -19.96
CA GLN F 93 16.18 29.63 -19.01
C GLN F 93 17.07 28.84 -18.07
N LEU F 94 16.97 27.51 -18.06
CA LEU F 94 17.81 26.66 -17.22
C LEU F 94 19.26 26.68 -17.65
N LYS F 95 19.55 27.05 -18.88
CA LYS F 95 20.90 26.93 -19.42
C LYS F 95 21.85 27.99 -18.88
N THR F 96 21.32 29.10 -18.37
CA THR F 96 22.18 30.10 -17.74
C THR F 96 22.68 29.63 -16.38
N THR F 97 21.87 28.85 -15.67
CA THR F 97 22.31 28.28 -14.40
C THR F 97 23.40 27.25 -14.61
N CYS F 98 23.30 26.43 -15.65
CA CYS F 98 24.27 25.37 -15.86
C CYS F 98 25.35 25.73 -16.85
N ASN F 99 25.43 26.99 -17.27
CA ASN F 99 26.67 27.49 -17.86
C ASN F 99 27.59 28.12 -16.82
N ALA F 100 27.01 28.63 -15.73
CA ALA F 100 27.80 29.26 -14.67
C ALA F 100 28.51 28.24 -13.78
N CYS F 101 27.98 27.02 -13.69
CA CYS F 101 28.64 25.98 -12.91
C CYS F 101 29.72 25.29 -13.70
N HIS F 102 29.59 25.21 -15.02
CA HIS F 102 30.59 24.57 -15.85
C HIS F 102 31.87 25.40 -15.97
N GLN F 103 31.79 26.71 -15.76
CA GLN F 103 32.98 27.54 -15.81
C GLN F 103 33.87 27.39 -14.59
N LYS F 104 33.33 26.86 -13.49
CA LYS F 104 34.05 26.78 -12.23
C LYS F 104 34.46 25.37 -11.85
N TYR F 105 33.61 24.36 -12.10
CA TYR F 105 33.86 23.03 -11.58
C TYR F 105 33.90 21.93 -12.64
N ARG F 106 33.62 22.24 -13.89
CA ARG F 106 33.71 21.23 -14.94
C ARG F 106 35.00 21.38 -15.73
N ALA G 1 -13.84 -14.24 -16.35
CA ALA G 1 -15.16 -14.40 -16.94
C ALA G 1 -15.08 -15.35 -18.13
N ASP G 2 -16.25 -15.63 -18.72
CA ASP G 2 -16.32 -16.54 -19.86
C ASP G 2 -15.70 -15.91 -21.10
N LEU G 3 -15.55 -16.73 -22.13
CA LEU G 3 -15.16 -16.22 -23.43
C LEU G 3 -16.27 -15.36 -24.04
N GLU G 4 -17.52 -15.70 -23.76
CA GLU G 4 -18.65 -14.97 -24.33
C GLU G 4 -18.79 -13.58 -23.71
N HIS G 5 -18.52 -13.45 -22.42
CA HIS G 5 -18.60 -12.13 -21.80
C HIS G 5 -17.39 -11.26 -22.14
N ASN G 6 -16.23 -11.86 -22.38
CA ASN G 6 -15.08 -11.08 -22.83
C ASN G 6 -15.30 -10.51 -24.22
N MET G 7 -16.11 -11.17 -25.05
CA MET G 7 -16.50 -10.62 -26.33
C MET G 7 -17.59 -9.56 -26.22
N HIS G 8 -18.35 -9.56 -25.12
CA HIS G 8 -19.29 -8.48 -24.85
C HIS G 8 -18.55 -7.20 -24.52
N THR G 9 -17.42 -7.31 -23.83
CA THR G 9 -16.66 -6.14 -23.41
C THR G 9 -15.91 -5.52 -24.59
N LEU G 10 -15.39 -6.35 -25.49
CA LEU G 10 -14.67 -5.83 -26.65
C LEU G 10 -15.63 -5.17 -27.63
N ASN G 11 -16.84 -5.69 -27.77
CA ASN G 11 -17.79 -5.15 -28.73
C ASN G 11 -18.42 -3.86 -28.25
N ASP G 12 -18.73 -3.76 -26.96
CA ASP G 12 -19.38 -2.57 -26.44
C ASP G 12 -18.45 -1.38 -26.37
N ASN G 13 -17.21 -1.61 -25.92
CA ASN G 13 -16.26 -0.52 -25.77
C ASN G 13 -15.71 -0.03 -27.10
N LEU G 14 -15.78 -0.84 -28.16
CA LEU G 14 -15.34 -0.39 -29.47
C LEU G 14 -16.33 0.58 -30.10
N LYS G 15 -17.62 0.43 -29.81
CA LYS G 15 -18.62 1.35 -30.33
C LYS G 15 -18.64 2.68 -29.59
N HIS G 16 -18.15 2.71 -28.36
CA HIS G 16 -18.01 3.97 -27.64
C HIS G 16 -16.80 4.78 -28.10
N ILE G 17 -15.83 4.15 -28.76
CA ILE G 17 -14.65 4.88 -29.21
C ILE G 17 -14.95 5.70 -30.47
N GLU G 18 -15.81 5.19 -31.36
CA GLU G 18 -16.12 5.93 -32.59
C GLU G 18 -16.97 7.16 -32.33
N LYS G 19 -17.70 7.21 -31.22
CA LYS G 19 -18.60 8.32 -30.93
C LYS G 19 -18.04 9.25 -29.88
N ALA G 20 -16.80 9.05 -29.45
CA ALA G 20 -16.23 9.85 -28.37
C ALA G 20 -15.75 11.20 -28.88
N ASP G 21 -15.82 12.20 -28.01
CA ASP G 21 -15.36 13.54 -28.34
C ASP G 21 -14.22 14.06 -27.47
N ASN G 22 -13.86 13.36 -26.40
CA ASN G 22 -12.73 13.74 -25.57
C ASN G 22 -11.77 12.57 -25.46
N ALA G 23 -10.61 12.85 -24.87
CA ALA G 23 -9.54 11.87 -24.76
C ALA G 23 -9.62 11.03 -23.50
N THR G 24 -10.49 11.37 -22.55
CA THR G 24 -10.67 10.56 -21.36
C THR G 24 -11.58 9.36 -21.64
N THR G 25 -12.54 9.53 -22.55
CA THR G 25 -13.42 8.43 -22.92
C THR G 25 -12.67 7.37 -23.73
N VAL G 26 -11.81 7.80 -24.65
CA VAL G 26 -11.05 6.86 -25.47
C VAL G 26 -10.02 6.12 -24.63
N LYS G 27 -9.40 6.81 -23.66
CA LYS G 27 -8.37 6.19 -22.84
C LYS G 27 -8.95 5.20 -21.85
N ASP G 28 -10.17 5.41 -21.38
CA ASP G 28 -10.79 4.48 -20.44
C ASP G 28 -11.41 3.28 -21.13
N ALA G 29 -11.87 3.44 -22.37
CA ALA G 29 -12.42 2.30 -23.09
C ALA G 29 -11.34 1.35 -23.59
N LEU G 30 -10.16 1.88 -23.91
CA LEU G 30 -9.07 1.03 -24.38
C LEU G 30 -8.41 0.26 -23.25
N THR G 31 -8.57 0.69 -22.01
CA THR G 31 -8.02 -0.04 -20.87
C THR G 31 -8.87 -1.27 -20.53
N LYS G 32 -10.19 -1.19 -20.72
CA LYS G 32 -11.04 -2.35 -20.49
C LYS G 32 -10.89 -3.39 -21.60
N MET G 33 -10.59 -2.95 -22.83
CA MET G 33 -10.36 -3.88 -23.92
C MET G 33 -9.05 -4.63 -23.74
N GLN G 34 -8.07 -4.01 -23.07
CA GLN G 34 -6.80 -4.66 -22.83
C GLN G 34 -6.93 -5.77 -21.79
N ALA G 35 -7.74 -5.55 -20.75
CA ALA G 35 -7.92 -6.55 -19.71
C ALA G 35 -8.82 -7.69 -20.16
N ALA G 36 -9.75 -7.43 -21.08
CA ALA G 36 -10.63 -8.48 -21.56
C ALA G 36 -9.95 -9.38 -22.59
N ALA G 37 -8.96 -8.85 -23.31
CA ALA G 37 -8.25 -9.66 -24.30
C ALA G 37 -7.22 -10.57 -23.65
N GLN G 38 -6.67 -10.18 -22.50
CA GLN G 38 -5.72 -11.03 -21.79
C GLN G 38 -6.41 -12.17 -21.06
N ASP G 39 -7.64 -11.97 -20.59
CA ASP G 39 -8.37 -13.04 -19.94
C ASP G 39 -8.87 -14.07 -20.95
N ALA G 40 -9.08 -13.68 -22.20
CA ALA G 40 -9.61 -14.57 -23.21
C ALA G 40 -8.53 -15.32 -23.96
N TRP G 41 -7.25 -15.01 -23.73
CA TRP G 41 -6.16 -15.60 -24.50
C TRP G 41 -6.00 -17.08 -24.19
N SER G 42 -6.31 -17.51 -22.98
CA SER G 42 -6.11 -18.89 -22.55
C SER G 42 -7.33 -19.78 -22.72
N ALA G 43 -8.46 -19.23 -23.19
CA ALA G 43 -9.71 -19.98 -23.22
C ALA G 43 -9.73 -20.96 -24.40
N THR G 44 -10.77 -21.78 -24.44
CA THR G 44 -10.97 -22.78 -25.47
C THR G 44 -12.30 -22.50 -26.16
N PRO G 45 -12.30 -22.29 -27.48
CA PRO G 45 -13.57 -22.05 -28.18
C PRO G 45 -14.40 -23.32 -28.29
N PRO G 46 -15.72 -23.21 -28.42
CA PRO G 46 -16.56 -24.42 -28.51
C PRO G 46 -16.34 -25.27 -29.75
N LYS G 47 -15.77 -24.73 -30.82
CA LYS G 47 -15.53 -25.51 -32.02
C LYS G 47 -14.19 -26.24 -31.98
N LEU G 48 -13.40 -26.05 -30.93
CA LEU G 48 -12.16 -26.79 -30.73
C LEU G 48 -12.19 -27.54 -29.40
N GLU G 49 -13.38 -27.91 -28.93
CA GLU G 49 -13.51 -28.50 -27.60
C GLU G 49 -13.00 -29.93 -27.54
N ASP G 50 -13.03 -30.67 -28.64
CA ASP G 50 -12.63 -32.07 -28.64
C ASP G 50 -11.20 -32.26 -29.15
N LYS G 51 -10.42 -31.20 -29.21
CA LYS G 51 -9.03 -31.29 -29.59
C LYS G 51 -8.17 -31.38 -28.33
N SER G 52 -6.96 -31.70 -28.53
CA SER G 52 -5.99 -31.68 -27.44
C SER G 52 -5.39 -30.29 -27.34
N PRO G 53 -4.94 -29.86 -26.15
CA PRO G 53 -4.39 -28.51 -26.00
C PRO G 53 -2.99 -28.29 -26.57
N ASP G 54 -2.49 -29.21 -27.41
CA ASP G 54 -1.21 -29.07 -28.08
C ASP G 54 -1.39 -28.95 -29.59
N SER G 55 -2.62 -28.71 -30.03
CA SER G 55 -2.97 -28.81 -31.44
C SER G 55 -2.47 -27.60 -32.22
N PRO G 56 -2.31 -27.72 -33.54
CA PRO G 56 -2.03 -26.54 -34.37
C PRO G 56 -3.25 -25.64 -34.58
N GLU G 57 -4.45 -26.07 -34.18
CA GLU G 57 -5.57 -25.16 -34.08
C GLU G 57 -5.48 -24.30 -32.83
N MET G 58 -5.09 -24.90 -31.70
CA MET G 58 -4.95 -24.16 -30.46
C MET G 58 -3.67 -23.34 -30.40
N SER G 59 -2.79 -23.49 -31.39
CA SER G 59 -1.60 -22.65 -31.49
C SER G 59 -1.89 -21.40 -32.32
N ASP G 60 -2.71 -21.54 -33.37
CA ASP G 60 -3.10 -20.39 -34.17
C ASP G 60 -4.17 -19.56 -33.47
N PHE G 61 -4.91 -20.15 -32.54
CA PHE G 61 -5.90 -19.40 -31.77
C PHE G 61 -5.22 -18.45 -30.79
N ARG G 62 -4.20 -18.92 -30.09
CA ARG G 62 -3.48 -18.08 -29.15
C ARG G 62 -2.57 -17.07 -29.83
N CYS G 63 -2.17 -17.33 -31.07
CA CYS G 63 -1.38 -16.35 -31.81
C CYS G 63 -2.24 -15.20 -32.31
N GLY G 64 -3.55 -15.39 -32.39
CA GLY G 64 -4.43 -14.32 -32.84
C GLY G 64 -4.78 -13.32 -31.77
N PHE G 65 -4.86 -13.76 -30.51
CA PHE G 65 -5.05 -12.82 -29.43
C PHE G 65 -3.80 -12.03 -29.11
N TRP G 66 -2.63 -12.58 -29.38
N TRP G 66 -2.63 -12.60 -29.40
CA TRP G 66 -1.40 -11.86 -29.08
CA TRP G 66 -1.36 -11.96 -29.13
C TRP G 66 -1.10 -10.79 -30.12
C TRP G 66 -1.06 -10.86 -30.13
N GLU G 67 -1.66 -10.91 -31.31
CA GLU G 67 -1.59 -9.84 -32.29
C GLU G 67 -2.57 -8.72 -31.95
N LEU G 68 -3.70 -9.05 -31.34
CA LEU G 68 -4.69 -8.05 -30.95
C LEU G 68 -4.23 -7.24 -29.74
N ILE G 69 -3.51 -7.88 -28.81
CA ILE G 69 -3.02 -7.20 -27.61
C ILE G 69 -1.96 -6.16 -27.98
N GLY G 70 -1.13 -6.46 -28.98
CA GLY G 70 -0.15 -5.49 -29.43
C GLY G 70 -0.73 -4.30 -30.16
N GLN G 71 -1.92 -4.47 -30.76
CA GLN G 71 -2.57 -3.35 -31.42
C GLN G 71 -3.38 -2.49 -30.46
N ILE G 72 -3.91 -3.08 -29.39
CA ILE G 72 -4.59 -2.30 -28.37
C ILE G 72 -3.59 -1.47 -27.57
N ASN G 73 -2.41 -2.04 -27.32
CA ASN G 73 -1.36 -1.33 -26.60
C ASN G 73 -0.80 -0.15 -27.40
N ALA G 74 -0.76 -0.28 -28.73
CA ALA G 74 -0.27 0.81 -29.56
C ALA G 74 -1.29 1.93 -29.66
N ALA G 75 -2.59 1.61 -29.64
CA ALA G 75 -3.62 2.63 -29.69
C ALA G 75 -3.79 3.33 -28.36
N LEU G 76 -3.52 2.63 -27.25
CA LEU G 76 -3.50 3.25 -25.94
C LEU G 76 -2.32 4.17 -25.75
N HIS G 77 -1.23 3.93 -26.49
CA HIS G 77 -0.06 4.80 -26.44
C HIS G 77 -0.32 6.14 -27.10
N LEU G 78 -1.18 6.18 -28.13
CA LEU G 78 -1.55 7.44 -28.77
C LEU G 78 -2.56 8.21 -27.95
N ALA G 79 -3.40 7.53 -27.18
CA ALA G 79 -4.44 8.21 -26.41
C ALA G 79 -3.87 8.92 -25.20
N LYS G 80 -2.73 8.47 -24.68
CA LYS G 80 -2.11 9.13 -23.54
C LYS G 80 -1.37 10.41 -23.94
N GLN G 81 -1.03 10.55 -25.21
CA GLN G 81 -0.50 11.78 -25.76
C GLN G 81 -1.59 12.74 -26.24
N CYS G 82 -2.85 12.47 -25.87
CA CYS G 82 -4.03 13.27 -26.19
C CYS G 82 -4.25 13.41 -27.70
N LYS G 83 -3.86 12.39 -28.46
CA LYS G 83 -4.10 12.35 -29.91
C LYS G 83 -5.34 11.50 -30.14
N VAL G 84 -6.50 12.16 -30.16
CA VAL G 84 -7.78 11.44 -30.19
C VAL G 84 -8.06 10.87 -31.57
N LYS G 85 -7.78 11.64 -32.63
CA LYS G 85 -8.10 11.19 -33.97
C LYS G 85 -7.18 10.07 -34.43
N GLU G 86 -5.93 10.08 -33.96
CA GLU G 86 -5.00 9.00 -34.31
C GLU G 86 -5.35 7.72 -33.57
N ALA G 87 -5.84 7.83 -32.34
CA ALA G 87 -6.22 6.66 -31.58
C ALA G 87 -7.56 6.09 -32.02
N GLN G 88 -8.43 6.92 -32.59
CA GLN G 88 -9.69 6.43 -33.12
C GLN G 88 -9.51 5.70 -34.45
N ALA G 89 -8.55 6.13 -35.27
CA ALA G 89 -8.29 5.46 -36.54
C ALA G 89 -7.51 4.17 -36.34
N ALA G 90 -6.75 4.07 -35.25
CA ALA G 90 -6.05 2.83 -34.94
C ALA G 90 -6.99 1.76 -34.42
N ALA G 91 -8.08 2.17 -33.77
CA ALA G 91 -9.08 1.23 -33.28
C ALA G 91 -10.02 0.75 -34.38
N GLU G 92 -10.14 1.51 -35.48
CA GLU G 92 -10.91 1.05 -36.62
C GLU G 92 -10.20 -0.07 -37.37
N GLN G 93 -8.86 -0.06 -37.35
CA GLN G 93 -8.06 -1.11 -37.99
C GLN G 93 -8.09 -2.43 -37.22
N LEU G 94 -8.65 -2.45 -36.01
CA LEU G 94 -8.75 -3.68 -35.23
C LEU G 94 -9.72 -4.68 -35.85
N LYS G 95 -10.64 -4.24 -36.70
CA LYS G 95 -11.70 -5.11 -37.20
C LYS G 95 -11.20 -6.10 -38.24
N THR G 96 -10.07 -5.83 -38.89
CA THR G 96 -9.50 -6.81 -39.81
C THR G 96 -8.89 -7.98 -39.07
N THR G 97 -8.35 -7.76 -37.88
CA THR G 97 -7.82 -8.83 -37.06
C THR G 97 -8.93 -9.74 -36.57
N CYS G 98 -10.07 -9.16 -36.19
CA CYS G 98 -11.13 -9.96 -35.61
C CYS G 98 -12.22 -10.33 -36.62
N ASN G 99 -12.00 -10.07 -37.90
CA ASN G 99 -12.76 -10.75 -38.94
C ASN G 99 -12.07 -12.01 -39.40
N ALA G 100 -10.74 -12.07 -39.30
CA ALA G 100 -9.98 -13.24 -39.73
C ALA G 100 -10.08 -14.39 -38.74
N CYS G 101 -10.33 -14.11 -37.46
CA CYS G 101 -10.49 -15.16 -36.48
C CYS G 101 -11.91 -15.72 -36.47
N HIS G 102 -12.90 -14.91 -36.83
CA HIS G 102 -14.28 -15.38 -36.87
C HIS G 102 -14.55 -16.31 -38.03
N GLN G 103 -13.75 -16.25 -39.09
CA GLN G 103 -13.93 -17.15 -40.22
C GLN G 103 -13.44 -18.56 -39.93
N LYS G 104 -12.60 -18.74 -38.91
CA LYS G 104 -11.99 -20.01 -38.62
C LYS G 104 -12.52 -20.68 -37.36
N TYR G 105 -12.79 -19.92 -36.29
CA TYR G 105 -13.12 -20.52 -35.00
C TYR G 105 -14.46 -20.09 -34.42
N ARG G 106 -15.18 -19.17 -35.06
CA ARG G 106 -16.48 -18.76 -34.56
C ARG G 106 -17.59 -19.44 -35.37
N ALA H 1 15.19 -18.56 -8.97
CA ALA H 1 15.83 -19.82 -8.62
C ALA H 1 16.37 -20.50 -9.86
N ASP H 2 17.02 -21.65 -9.67
CA ASP H 2 17.60 -22.39 -10.78
C ASP H 2 16.51 -23.03 -11.62
N LEU H 3 16.94 -23.57 -12.77
CA LEU H 3 16.04 -24.40 -13.57
C LEU H 3 15.70 -25.70 -12.86
N GLU H 4 16.65 -26.22 -12.08
CA GLU H 4 16.43 -27.49 -11.40
C GLU H 4 15.44 -27.35 -10.25
N HIS H 5 15.46 -26.24 -9.54
CA HIS H 5 14.50 -26.05 -8.46
C HIS H 5 13.11 -25.68 -8.98
N ASN H 6 13.03 -25.03 -10.14
CA ASN H 6 11.73 -24.75 -10.74
C ASN H 6 11.06 -26.04 -11.21
N MET H 7 11.83 -27.06 -11.55
CA MET H 7 11.28 -28.38 -11.85
C MET H 7 10.90 -29.15 -10.60
N HIS H 8 11.50 -28.82 -9.45
CA HIS H 8 11.06 -29.40 -8.19
C HIS H 8 9.68 -28.89 -7.80
N THR H 9 9.39 -27.63 -8.11
CA THR H 9 8.11 -27.03 -7.74
C THR H 9 6.99 -27.54 -8.64
N LEU H 10 7.27 -27.75 -9.93
CA LEU H 10 6.25 -28.25 -10.83
C LEU H 10 5.92 -29.71 -10.55
N ASN H 11 6.92 -30.50 -10.15
CA ASN H 11 6.70 -31.92 -9.92
C ASN H 11 5.99 -32.18 -8.60
N ASP H 12 6.31 -31.42 -7.57
CA ASP H 12 5.71 -31.65 -6.25
C ASP H 12 4.26 -31.20 -6.20
N ASN H 13 3.97 -30.04 -6.79
CA ASN H 13 2.62 -29.50 -6.74
C ASN H 13 1.66 -30.23 -7.68
N LEU H 14 2.17 -30.93 -8.68
CA LEU H 14 1.31 -31.72 -9.55
C LEU H 14 0.81 -32.99 -8.88
N LYS H 15 1.61 -33.57 -7.98
CA LYS H 15 1.19 -34.76 -7.26
C LYS H 15 0.20 -34.44 -6.14
N HIS H 16 0.21 -33.20 -5.65
CA HIS H 16 -0.80 -32.78 -4.67
C HIS H 16 -2.16 -32.50 -5.30
N ILE H 17 -2.21 -32.27 -6.61
CA ILE H 17 -3.48 -31.97 -7.26
C ILE H 17 -4.30 -33.25 -7.46
N GLU H 18 -3.65 -34.38 -7.75
CA GLU H 18 -4.39 -35.62 -7.97
C GLU H 18 -4.99 -36.19 -6.70
N LYS H 19 -4.46 -35.83 -5.54
CA LYS H 19 -4.93 -36.37 -4.27
C LYS H 19 -5.78 -35.38 -3.49
N ALA H 20 -6.10 -34.23 -4.07
CA ALA H 20 -6.82 -33.20 -3.36
C ALA H 20 -8.32 -33.50 -3.32
N ASP H 21 -8.97 -33.06 -2.24
CA ASP H 21 -10.40 -33.25 -2.08
C ASP H 21 -11.20 -31.95 -1.97
N ASN H 22 -10.55 -30.80 -1.86
CA ASN H 22 -11.23 -29.52 -1.84
C ASN H 22 -10.67 -28.63 -2.93
N ALA H 23 -11.32 -27.48 -3.12
CA ALA H 23 -10.96 -26.56 -4.20
C ALA H 23 -9.94 -25.52 -3.77
N THR H 24 -9.63 -25.42 -2.48
CA THR H 24 -8.60 -24.50 -2.01
C THR H 24 -7.22 -25.09 -2.21
N THR H 25 -7.09 -26.41 -2.11
CA THR H 25 -5.81 -27.07 -2.34
C THR H 25 -5.42 -27.02 -3.82
N VAL H 26 -6.38 -27.23 -4.72
CA VAL H 26 -6.11 -27.20 -6.15
C VAL H 26 -5.78 -25.79 -6.61
N LYS H 27 -6.46 -24.80 -6.05
CA LYS H 27 -6.25 -23.42 -6.46
C LYS H 27 -4.92 -22.86 -5.97
N ASP H 28 -4.43 -23.33 -4.81
CA ASP H 28 -3.15 -22.86 -4.30
C ASP H 28 -1.97 -23.57 -4.94
N ALA H 29 -2.14 -24.82 -5.37
CA ALA H 29 -1.05 -25.52 -6.04
C ALA H 29 -0.85 -25.05 -7.47
N LEU H 30 -1.93 -24.62 -8.14
CA LEU H 30 -1.82 -24.13 -9.51
C LEU H 30 -1.22 -22.73 -9.57
N THR H 31 -1.26 -21.97 -8.48
CA THR H 31 -0.65 -20.65 -8.45
C THR H 31 0.85 -20.73 -8.32
N LYS H 32 1.37 -21.73 -7.61
CA LYS H 32 2.82 -21.90 -7.51
C LYS H 32 3.41 -22.46 -8.79
N MET H 33 2.64 -23.26 -9.53
CA MET H 33 3.11 -23.78 -10.80
C MET H 33 3.17 -22.68 -11.86
N GLN H 34 2.32 -21.67 -11.73
CA GLN H 34 2.32 -20.55 -12.67
C GLN H 34 3.55 -19.67 -12.48
N ALA H 35 3.95 -19.44 -11.22
CA ALA H 35 5.12 -18.62 -10.95
C ALA H 35 6.42 -19.33 -11.24
N ALA H 36 6.45 -20.65 -11.12
CA ALA H 36 7.67 -21.40 -11.40
C ALA H 36 7.91 -21.58 -12.89
N ALA H 37 6.83 -21.60 -13.69
CA ALA H 37 6.99 -21.74 -15.14
C ALA H 37 7.42 -20.44 -15.80
N GLN H 38 7.06 -19.29 -15.21
CA GLN H 38 7.49 -18.01 -15.78
C GLN H 38 8.95 -17.71 -15.44
N ASP H 39 9.45 -18.17 -14.31
CA ASP H 39 10.85 -17.98 -13.97
C ASP H 39 11.76 -18.87 -14.81
N ALA H 40 11.26 -20.01 -15.26
CA ALA H 40 12.07 -20.96 -16.02
C ALA H 40 12.05 -20.71 -17.51
N TRP H 41 11.23 -19.77 -17.98
CA TRP H 41 11.06 -19.55 -19.42
C TRP H 41 12.32 -18.96 -20.05
N SER H 42 13.09 -18.19 -19.30
CA SER H 42 14.26 -17.50 -19.83
C SER H 42 15.56 -18.26 -19.62
N ALA H 43 15.53 -19.41 -18.96
CA ALA H 43 16.75 -20.11 -18.59
C ALA H 43 17.35 -20.85 -19.79
N THR H 44 18.55 -21.40 -19.57
CA THR H 44 19.28 -22.13 -20.58
C THR H 44 19.52 -23.55 -20.08
N PRO H 45 19.09 -24.58 -20.79
CA PRO H 45 19.32 -25.95 -20.34
C PRO H 45 20.78 -26.34 -20.53
N PRO H 46 21.27 -27.31 -19.75
CA PRO H 46 22.70 -27.71 -19.87
C PRO H 46 23.06 -28.35 -21.20
N LYS H 47 22.11 -28.88 -21.95
CA LYS H 47 22.41 -29.50 -23.24
C LYS H 47 22.43 -28.49 -24.38
N LEU H 48 22.11 -27.23 -24.11
CA LEU H 48 22.21 -26.16 -25.10
C LEU H 48 23.14 -25.06 -24.62
N GLU H 49 24.11 -25.40 -23.78
CA GLU H 49 24.95 -24.39 -23.15
C GLU H 49 25.95 -23.77 -24.11
N ASP H 50 26.37 -24.50 -25.14
CA ASP H 50 27.38 -24.00 -26.07
C ASP H 50 26.76 -23.44 -27.35
N LYS H 51 25.47 -23.17 -27.34
CA LYS H 51 24.81 -22.54 -28.48
C LYS H 51 24.75 -21.04 -28.26
N SER H 52 24.42 -20.37 -29.28
CA SER H 52 24.16 -18.94 -29.18
C SER H 52 22.70 -18.71 -28.80
N PRO H 53 22.38 -17.61 -28.12
CA PRO H 53 20.99 -17.37 -27.70
C PRO H 53 20.03 -16.94 -28.81
N ASP H 54 20.41 -17.09 -30.08
CA ASP H 54 19.54 -16.81 -31.22
C ASP H 54 19.22 -18.07 -32.00
N SER H 55 19.50 -19.23 -31.41
CA SER H 55 19.46 -20.50 -32.12
C SER H 55 18.02 -20.97 -32.33
N PRO H 56 17.78 -21.83 -33.33
CA PRO H 56 16.46 -22.48 -33.44
C PRO H 56 16.23 -23.56 -32.38
N GLU H 57 17.24 -23.95 -31.63
CA GLU H 57 17.01 -24.75 -30.42
C GLU H 57 16.49 -23.90 -29.28
N MET H 58 17.05 -22.71 -29.11
CA MET H 58 16.60 -21.81 -28.04
C MET H 58 15.31 -21.09 -28.39
N SER H 59 14.82 -21.24 -29.63
CA SER H 59 13.51 -20.71 -30.00
C SER H 59 12.41 -21.72 -29.74
N ASP H 60 12.69 -23.00 -29.96
CA ASP H 60 11.73 -24.05 -29.67
C ASP H 60 11.67 -24.36 -28.18
N PHE H 61 12.72 -24.03 -27.43
CA PHE H 61 12.69 -24.20 -25.98
C PHE H 61 11.75 -23.20 -25.32
N ARG H 62 11.83 -21.93 -25.74
CA ARG H 62 10.96 -20.91 -25.17
C ARG H 62 9.52 -21.03 -25.67
N CYS H 63 9.31 -21.66 -26.82
CA CYS H 63 7.94 -21.87 -27.29
C CYS H 63 7.25 -22.98 -26.51
N GLY H 64 8.02 -23.86 -25.86
CA GLY H 64 7.43 -24.93 -25.08
C GLY H 64 6.95 -24.51 -23.71
N PHE H 65 7.62 -23.55 -23.09
CA PHE H 65 7.14 -23.01 -21.83
C PHE H 65 5.94 -22.11 -22.01
N TRP H 66 5.80 -21.46 -23.16
N TRP H 66 5.82 -21.49 -23.18
CA TRP H 66 4.65 -20.58 -23.37
CA TRP H 66 4.73 -20.58 -23.49
C TRP H 66 3.39 -21.34 -23.72
C TRP H 66 3.44 -21.32 -23.80
N GLU H 67 3.51 -22.59 -24.16
CA GLU H 67 2.36 -23.46 -24.29
C GLU H 67 1.93 -24.02 -22.94
N LEU H 68 2.87 -24.24 -22.03
CA LEU H 68 2.56 -24.73 -20.69
C LEU H 68 1.89 -23.67 -19.83
N ILE H 69 2.30 -22.41 -19.99
CA ILE H 69 1.73 -21.30 -19.21
C ILE H 69 0.27 -21.09 -19.58
N GLY H 70 -0.07 -21.25 -20.86
CA GLY H 70 -1.46 -21.13 -21.27
C GLY H 70 -2.36 -22.26 -20.80
N GLN H 71 -1.78 -23.43 -20.53
CA GLN H 71 -2.57 -24.54 -20.01
C GLN H 71 -2.73 -24.47 -18.49
N ILE H 72 -1.74 -23.91 -17.78
CA ILE H 72 -1.89 -23.72 -16.34
C ILE H 72 -2.90 -22.62 -16.06
N ASN H 73 -2.92 -21.57 -16.90
CA ASN H 73 -3.88 -20.49 -16.74
C ASN H 73 -5.30 -20.94 -17.01
N ALA H 74 -5.50 -21.88 -17.94
CA ALA H 74 -6.83 -22.38 -18.22
C ALA H 74 -7.34 -23.29 -17.11
N ALA H 75 -6.44 -24.05 -16.47
CA ALA H 75 -6.84 -24.92 -15.38
C ALA H 75 -7.09 -24.14 -14.10
N LEU H 76 -6.39 -23.02 -13.91
CA LEU H 76 -6.65 -22.13 -12.79
C LEU H 76 -7.97 -21.39 -12.95
N HIS H 77 -8.42 -21.20 -14.19
CA HIS H 77 -9.71 -20.57 -14.45
C HIS H 77 -10.88 -21.47 -14.06
N LEU H 78 -10.71 -22.79 -14.16
CA LEU H 78 -11.75 -23.71 -13.73
C LEU H 78 -11.78 -23.88 -12.22
N ALA H 79 -10.63 -23.73 -11.56
CA ALA H 79 -10.56 -23.92 -10.11
C ALA H 79 -11.19 -22.77 -9.35
N LYS H 80 -11.24 -21.58 -9.94
CA LYS H 80 -11.86 -20.43 -9.28
C LYS H 80 -13.38 -20.48 -9.36
N GLN H 81 -13.94 -21.24 -10.30
CA GLN H 81 -15.36 -21.52 -10.36
C GLN H 81 -15.76 -22.74 -9.54
N CYS H 82 -14.86 -23.22 -8.68
CA CYS H 82 -15.05 -24.35 -7.77
C CYS H 82 -15.37 -25.65 -8.50
N LYS H 83 -14.85 -25.80 -9.71
CA LYS H 83 -15.00 -27.03 -10.50
C LYS H 83 -13.73 -27.86 -10.30
N VAL H 84 -13.76 -28.72 -9.29
CA VAL H 84 -12.55 -29.44 -8.87
C VAL H 84 -12.21 -30.56 -9.84
N LYS H 85 -13.22 -31.31 -10.30
CA LYS H 85 -12.95 -32.45 -11.18
C LYS H 85 -12.53 -32.01 -12.57
N GLU H 86 -13.03 -30.86 -13.03
CA GLU H 86 -12.62 -30.35 -14.34
C GLU H 86 -11.20 -29.79 -14.29
N ALA H 87 -10.81 -29.21 -13.16
CA ALA H 87 -9.46 -28.68 -13.02
C ALA H 87 -8.44 -29.77 -12.77
N GLN H 88 -8.86 -30.89 -12.18
CA GLN H 88 -7.95 -32.01 -11.98
C GLN H 88 -7.69 -32.77 -13.28
N ALA H 89 -8.68 -32.85 -14.17
CA ALA H 89 -8.49 -33.52 -15.44
C ALA H 89 -7.70 -32.66 -16.42
N ALA H 90 -7.75 -31.34 -16.26
CA ALA H 90 -6.96 -30.45 -17.10
C ALA H 90 -5.48 -30.48 -16.70
N ALA H 91 -5.19 -30.74 -15.44
CA ALA H 91 -3.81 -30.86 -14.98
C ALA H 91 -3.20 -32.21 -15.32
N GLU H 92 -4.01 -33.23 -15.58
CA GLU H 92 -3.49 -34.51 -16.04
C GLU H 92 -3.02 -34.42 -17.49
N GLN H 93 -3.65 -33.56 -18.29
CA GLN H 93 -3.26 -33.35 -19.68
C GLN H 93 -1.96 -32.58 -19.83
N LEU H 94 -1.42 -32.02 -18.74
CA LEU H 94 -0.16 -31.29 -18.79
C LEU H 94 1.03 -32.20 -19.07
N LYS H 95 0.90 -33.50 -18.82
CA LYS H 95 2.04 -34.40 -18.92
C LYS H 95 2.44 -34.70 -20.35
N THR H 96 1.55 -34.50 -21.32
CA THR H 96 1.93 -34.68 -22.71
C THR H 96 2.80 -33.53 -23.20
N THR H 97 2.59 -32.33 -22.66
CA THR H 97 3.44 -31.20 -23.00
C THR H 97 4.85 -31.38 -22.46
N CYS H 98 4.97 -31.91 -21.24
CA CYS H 98 6.27 -32.03 -20.61
C CYS H 98 6.89 -33.41 -20.76
N ASN H 99 6.29 -34.28 -21.59
CA ASN H 99 7.02 -35.43 -22.09
C ASN H 99 7.70 -35.12 -23.43
N ALA H 100 7.14 -34.19 -24.20
CA ALA H 100 7.70 -33.83 -25.49
C ALA H 100 8.93 -32.95 -25.37
N CYS H 101 9.06 -32.20 -24.28
CA CYS H 101 10.25 -31.38 -24.07
C CYS H 101 11.40 -32.20 -23.49
N HIS H 102 11.10 -33.23 -22.71
CA HIS H 102 12.14 -34.06 -22.12
C HIS H 102 12.83 -34.95 -23.14
N GLN H 103 12.18 -35.24 -24.26
CA GLN H 103 12.81 -36.05 -25.30
C GLN H 103 13.84 -35.29 -26.09
N LYS H 104 13.81 -33.96 -26.05
CA LYS H 104 14.67 -33.13 -26.86
C LYS H 104 15.75 -32.41 -26.07
N TYR H 105 15.46 -31.92 -24.87
CA TYR H 105 16.39 -31.06 -24.15
C TYR H 105 16.76 -31.55 -22.77
N ARG H 106 16.19 -32.63 -22.28
CA ARG H 106 16.56 -33.16 -20.97
C ARG H 106 17.49 -34.36 -21.13
N ALA I 1 20.54 -6.33 14.10
CA ALA I 1 21.75 -5.81 14.73
C ALA I 1 22.31 -6.82 15.71
N ASP I 2 23.44 -6.48 16.31
CA ASP I 2 24.11 -7.37 17.26
C ASP I 2 23.31 -7.47 18.55
N LEU I 3 23.74 -8.40 19.41
CA LEU I 3 23.20 -8.46 20.76
C LEU I 3 23.65 -7.26 21.58
N GLU I 4 24.85 -6.75 21.31
CA GLU I 4 25.37 -5.62 22.07
C GLU I 4 24.64 -4.33 21.74
N HIS I 5 24.26 -4.13 20.48
CA HIS I 5 23.53 -2.92 20.13
C HIS I 5 22.06 -2.99 20.55
N ASN I 6 21.49 -4.19 20.61
CA ASN I 6 20.12 -4.32 21.13
C ASN I 6 20.05 -4.01 22.62
N MET I 7 21.15 -4.21 23.34
CA MET I 7 21.23 -3.79 24.73
C MET I 7 21.49 -2.29 24.88
N HIS I 8 22.06 -1.65 23.85
CA HIS I 8 22.17 -0.20 23.84
C HIS I 8 20.80 0.45 23.72
N THR I 9 19.90 -0.17 22.95
CA THR I 9 18.58 0.40 22.73
C THR I 9 17.69 0.24 23.95
N LEU I 10 17.80 -0.90 24.65
CA LEU I 10 17.00 -1.11 25.83
C LEU I 10 17.44 -0.22 26.98
N ASN I 11 18.75 0.04 27.09
CA ASN I 11 19.27 0.83 28.19
C ASN I 11 19.00 2.32 28.01
N ASP I 12 19.10 2.82 26.77
CA ASP I 12 18.92 4.24 26.53
C ASP I 12 17.46 4.65 26.63
N ASN I 13 16.56 3.85 26.07
CA ASN I 13 15.14 4.19 26.07
C ASN I 13 14.50 4.01 27.44
N LEU I 14 15.09 3.20 28.32
CA LEU I 14 14.56 3.07 29.67
C LEU I 14 14.84 4.28 30.52
N LYS I 15 15.96 4.97 30.29
CA LYS I 15 16.28 6.18 31.04
C LYS I 15 15.47 7.38 30.57
N HIS I 16 14.98 7.36 29.33
CA HIS I 16 14.09 8.41 28.86
C HIS I 16 12.67 8.27 29.39
N ILE I 17 12.28 7.08 29.85
CA ILE I 17 10.93 6.88 30.37
C ILE I 17 10.78 7.48 31.77
N GLU I 18 11.83 7.40 32.61
CA GLU I 18 11.72 7.93 33.96
C GLU I 18 11.69 9.46 34.00
N LYS I 19 12.19 10.11 32.96
CA LYS I 19 12.25 11.57 32.94
C LYS I 19 11.19 12.20 32.05
N ALA I 20 10.28 11.39 31.51
CA ALA I 20 9.29 11.90 30.58
C ALA I 20 8.15 12.60 31.31
N ASP I 21 7.55 13.59 30.65
CA ASP I 21 6.43 14.34 31.20
C ASP I 21 5.16 14.25 30.37
N ASN I 22 5.20 13.68 29.17
CA ASN I 22 4.01 13.49 28.36
C ASN I 22 3.90 12.02 27.98
N ALA I 23 2.76 11.69 27.37
CA ALA I 23 2.46 10.30 27.03
C ALA I 23 2.92 9.91 25.63
N THR I 24 3.37 10.87 24.82
CA THR I 24 3.92 10.55 23.51
C THR I 24 5.36 10.08 23.61
N THR I 25 6.11 10.60 24.59
CA THR I 25 7.48 10.17 24.80
C THR I 25 7.54 8.75 25.35
N VAL I 26 6.65 8.41 26.28
CA VAL I 26 6.62 7.08 26.87
C VAL I 26 6.16 6.04 25.84
N LYS I 27 5.20 6.42 24.99
CA LYS I 27 4.67 5.49 24.00
C LYS I 27 5.65 5.21 22.88
N ASP I 28 6.49 6.19 22.54
CA ASP I 28 7.47 5.99 21.48
C ASP I 28 8.71 5.25 21.95
N ALA I 29 9.08 5.41 23.23
CA ALA I 29 10.24 4.70 23.76
C ALA I 29 9.93 3.22 24.00
N LEU I 30 8.69 2.89 24.35
CA LEU I 30 8.31 1.50 24.58
C LEU I 30 8.17 0.72 23.29
N THR I 31 7.96 1.39 22.16
CA THR I 31 7.88 0.71 20.88
C THR I 31 9.25 0.29 20.36
N LYS I 32 10.28 1.08 20.65
CA LYS I 32 11.63 0.70 20.25
C LYS I 32 12.19 -0.42 21.12
N MET I 33 11.77 -0.47 22.39
CA MET I 33 12.19 -1.55 23.27
C MET I 33 11.55 -2.88 22.88
N GLN I 34 10.35 -2.82 22.29
CA GLN I 34 9.68 -4.03 21.84
C GLN I 34 10.37 -4.64 20.62
N ALA I 35 10.82 -3.80 19.70
CA ALA I 35 11.49 -4.29 18.49
C ALA I 35 12.91 -4.76 18.78
N ALA I 36 13.57 -4.19 19.78
CA ALA I 36 14.93 -4.61 20.10
C ALA I 36 14.95 -5.90 20.91
N ALA I 37 13.89 -6.19 21.66
CA ALA I 37 13.84 -7.42 22.43
C ALA I 37 13.49 -8.62 21.57
N GLN I 38 12.75 -8.41 20.48
CA GLN I 38 12.43 -9.51 19.57
C GLN I 38 13.60 -9.88 18.67
N ASP I 39 14.44 -8.92 18.32
CA ASP I 39 15.63 -9.23 17.53
C ASP I 39 16.69 -9.95 18.34
N ALA I 40 16.72 -9.74 19.66
CA ALA I 40 17.73 -10.33 20.52
C ALA I 40 17.33 -11.70 21.05
N TRP I 41 16.10 -12.15 20.80
CA TRP I 41 15.61 -13.39 21.38
C TRP I 41 16.31 -14.61 20.80
N SER I 42 16.73 -14.53 19.54
CA SER I 42 17.34 -15.66 18.85
C SER I 42 18.85 -15.69 18.92
N ALA I 43 19.49 -14.69 19.55
CA ALA I 43 20.94 -14.57 19.52
C ALA I 43 21.60 -15.55 20.48
N THR I 44 22.92 -15.61 20.42
CA THR I 44 23.73 -16.48 21.26
C THR I 44 24.68 -15.62 22.07
N PRO I 45 24.66 -15.70 23.40
CA PRO I 45 25.59 -14.90 24.21
C PRO I 45 26.99 -15.45 24.13
N PRO I 46 28.02 -14.62 24.36
CA PRO I 46 29.41 -15.10 24.26
C PRO I 46 29.80 -16.14 25.30
N LYS I 47 29.10 -16.24 26.42
CA LYS I 47 29.42 -17.23 27.43
C LYS I 47 28.77 -18.58 27.18
N LEU I 48 27.94 -18.69 26.14
CA LEU I 48 27.35 -19.96 25.73
C LEU I 48 27.73 -20.29 24.29
N GLU I 49 28.88 -19.80 23.82
CA GLU I 49 29.24 -19.94 22.43
C GLU I 49 29.65 -21.36 22.06
N ASP I 50 30.18 -22.13 23.00
CA ASP I 50 30.66 -23.48 22.72
C ASP I 50 29.64 -24.54 23.10
N LYS I 51 28.39 -24.17 23.30
CA LYS I 51 27.33 -25.12 23.57
C LYS I 51 26.62 -25.47 22.28
N SER I 52 25.82 -26.45 22.35
CA SER I 52 24.97 -26.79 21.23
C SER I 52 23.65 -26.02 21.35
N PRO I 53 22.97 -25.72 20.24
CA PRO I 53 21.73 -24.93 20.32
C PRO I 53 20.51 -25.68 20.83
N ASP I 54 20.68 -26.85 21.44
CA ASP I 54 19.60 -27.61 22.06
C ASP I 54 19.77 -27.70 23.57
N SER I 55 20.66 -26.88 24.12
CA SER I 55 21.09 -27.02 25.50
C SER I 55 20.04 -26.49 26.47
N PRO I 56 20.05 -26.94 27.73
CA PRO I 56 19.20 -26.31 28.74
C PRO I 56 19.67 -24.93 29.19
N GLU I 57 20.88 -24.51 28.80
CA GLU I 57 21.26 -23.11 28.93
C GLU I 57 20.61 -22.25 27.86
N MET I 58 20.57 -22.74 26.62
CA MET I 58 19.95 -21.99 25.54
C MET I 58 18.43 -22.09 25.56
N SER I 59 17.86 -22.89 26.45
CA SER I 59 16.42 -22.93 26.64
C SER I 59 15.98 -21.93 27.70
N ASP I 60 16.78 -21.77 28.75
CA ASP I 60 16.50 -20.78 29.78
C ASP I 60 16.83 -19.37 29.31
N PHE I 61 17.72 -19.24 28.33
CA PHE I 61 18.04 -17.92 27.78
C PHE I 61 16.87 -17.37 26.97
N ARG I 62 16.28 -18.21 26.12
CA ARG I 62 15.14 -17.79 25.31
C ARG I 62 13.87 -17.64 26.13
N CYS I 63 13.77 -18.31 27.27
CA CYS I 63 12.61 -18.13 28.13
C CYS I 63 12.66 -16.81 28.88
N GLY I 64 13.85 -16.22 29.00
CA GLY I 64 13.97 -14.94 29.70
C GLY I 64 13.61 -13.75 28.86
N PHE I 65 13.85 -13.82 27.55
CA PHE I 65 13.40 -12.75 26.67
C PHE I 65 11.90 -12.79 26.43
N TRP I 66 11.28 -13.97 26.53
N TRP I 66 11.30 -13.98 26.56
CA TRP I 66 9.85 -14.07 26.31
CA TRP I 66 9.89 -14.16 26.33
C TRP I 66 9.05 -13.59 27.50
C TRP I 66 9.05 -13.67 27.50
N GLU I 67 9.65 -13.55 28.68
CA GLU I 67 9.03 -12.94 29.83
C GLU I 67 9.15 -11.41 29.78
N LEU I 68 10.24 -10.90 29.18
CA LEU I 68 10.44 -9.47 29.04
C LEU I 68 9.51 -8.87 27.98
N ILE I 69 9.24 -9.62 26.91
CA ILE I 69 8.38 -9.13 25.84
C ILE I 69 6.94 -8.99 26.33
N GLY I 70 6.50 -9.89 27.20
CA GLY I 70 5.16 -9.78 27.77
C GLY I 70 5.00 -8.64 28.75
N GLN I 71 6.10 -8.20 29.37
CA GLN I 71 6.02 -7.06 30.28
C GLN I 71 6.12 -5.73 29.54
N ILE I 72 6.83 -5.69 28.41
CA ILE I 72 6.87 -4.48 27.60
C ILE I 72 5.52 -4.26 26.92
N ASN I 73 4.87 -5.34 26.49
CA ASN I 73 3.55 -5.25 25.85
C ASN I 73 2.48 -4.80 26.83
N ALA I 74 2.60 -5.18 28.11
CA ALA I 74 1.63 -4.74 29.10
C ALA I 74 1.81 -3.28 29.46
N ALA I 75 3.05 -2.78 29.47
CA ALA I 75 3.30 -1.38 29.77
C ALA I 75 2.95 -0.48 28.59
N LEU I 76 3.06 -0.98 27.37
CA LEU I 76 2.62 -0.25 26.19
C LEU I 76 1.09 -0.17 26.12
N HIS I 77 0.40 -1.14 26.73
CA HIS I 77 -1.06 -1.11 26.78
C HIS I 77 -1.57 -0.02 27.70
N LEU I 78 -0.84 0.31 28.75
CA LEU I 78 -1.23 1.40 29.64
C LEU I 78 -0.91 2.77 29.05
N ALA I 79 0.13 2.85 28.22
CA ALA I 79 0.53 4.13 27.65
C ALA I 79 -0.42 4.60 26.56
N LYS I 80 -1.13 3.67 25.90
CA LYS I 80 -2.08 4.06 24.87
C LYS I 80 -3.38 4.57 25.46
N GLN I 81 -3.67 4.24 26.72
CA GLN I 81 -4.79 4.81 27.46
C GLN I 81 -4.43 6.11 28.16
N CYS I 82 -3.27 6.69 27.83
CA CYS I 82 -2.75 7.95 28.37
C CYS I 82 -2.54 7.91 29.87
N LYS I 83 -2.24 6.73 30.42
CA LYS I 83 -1.93 6.56 31.84
C LYS I 83 -0.40 6.57 31.99
N VAL I 84 0.16 7.76 32.20
CA VAL I 84 1.60 7.92 32.16
C VAL I 84 2.26 7.38 33.42
N LYS I 85 1.65 7.63 34.59
CA LYS I 85 2.26 7.20 35.84
C LYS I 85 2.18 5.69 36.03
N GLU I 86 1.13 5.06 35.51
CA GLU I 86 1.02 3.61 35.58
C GLU I 86 2.00 2.93 34.63
N ALA I 87 2.26 3.53 33.47
CA ALA I 87 3.20 2.97 32.53
C ALA I 87 4.64 3.20 32.94
N GLN I 88 4.90 4.26 33.71
CA GLN I 88 6.25 4.51 34.21
C GLN I 88 6.61 3.57 35.36
N ALA I 89 5.62 3.21 36.19
CA ALA I 89 5.89 2.28 37.28
C ALA I 89 5.99 0.85 36.80
N ALA I 90 5.36 0.53 35.67
CA ALA I 90 5.49 -0.81 35.10
C ALA I 90 6.84 -1.00 34.44
N ALA I 91 7.45 0.07 33.94
CA ALA I 91 8.77 0.00 33.34
C ALA I 91 9.88 -0.04 34.39
N GLU I 92 9.60 0.42 35.61
CA GLU I 92 10.57 0.29 36.69
C GLU I 92 10.68 -1.15 37.17
N GLN I 93 9.60 -1.91 37.07
CA GLN I 93 9.60 -3.32 37.46
C GLN I 93 10.34 -4.21 36.46
N LEU I 94 10.73 -3.68 35.29
CA LEU I 94 11.47 -4.45 34.32
C LEU I 94 12.88 -4.80 34.78
N LYS I 95 13.42 -4.08 35.75
CA LYS I 95 14.81 -4.24 36.14
C LYS I 95 15.05 -5.51 36.94
N THR I 96 14.01 -6.08 37.56
CA THR I 96 14.19 -7.35 38.25
C THR I 96 14.32 -8.50 37.26
N THR I 97 13.67 -8.41 36.11
CA THR I 97 13.82 -9.42 35.08
C THR I 97 15.21 -9.40 34.48
N CYS I 98 15.78 -8.22 34.28
CA CYS I 98 17.08 -8.12 33.63
C CYS I 98 18.22 -7.97 34.62
N ASN I 99 17.98 -8.13 35.91
CA ASN I 99 19.06 -8.42 36.85
C ASN I 99 19.26 -9.92 37.02
N ALA I 100 18.20 -10.71 36.83
CA ALA I 100 18.30 -12.17 36.98
C ALA I 100 18.97 -12.83 35.80
N CYS I 101 18.93 -12.22 34.62
CA CYS I 101 19.62 -12.77 33.46
C CYS I 101 21.09 -12.40 33.44
N HIS I 102 21.45 -11.25 34.00
CA HIS I 102 22.85 -10.83 34.03
C HIS I 102 23.68 -11.64 35.01
N GLN I 103 23.06 -12.25 36.01
CA GLN I 103 23.80 -13.07 36.96
C GLN I 103 24.19 -14.41 36.37
N LYS I 104 23.55 -14.85 35.30
CA LYS I 104 23.78 -16.16 34.73
C LYS I 104 24.52 -16.14 33.40
N TYR I 105 24.23 -15.19 32.52
CA TYR I 105 24.76 -15.22 31.17
C TYR I 105 25.56 -14.00 30.76
N ARG I 106 25.65 -12.97 31.60
CA ARG I 106 26.45 -11.80 31.26
C ARG I 106 27.79 -11.85 31.99
N ALA J 1 11.84 13.38 18.49
CA ALA J 1 12.53 13.27 19.78
C ALA J 1 13.25 14.56 20.10
N ASP J 2 13.88 14.60 21.27
CA ASP J 2 14.61 15.79 21.72
C ASP J 2 15.88 15.99 20.90
N LEU J 3 16.50 17.14 21.11
CA LEU J 3 17.82 17.37 20.55
C LEU J 3 18.86 16.48 21.22
N GLU J 4 18.67 16.19 22.51
CA GLU J 4 19.63 15.39 23.25
C GLU J 4 19.60 13.92 22.82
N HIS J 5 18.41 13.40 22.50
CA HIS J 5 18.34 12.01 22.05
C HIS J 5 18.79 11.86 20.60
N ASN J 6 18.62 12.90 19.78
CA ASN J 6 19.14 12.85 18.42
C ASN J 6 20.66 12.85 18.39
N MET J 7 21.30 13.42 19.41
CA MET J 7 22.75 13.32 19.55
C MET J 7 23.19 11.99 20.12
N HIS J 8 22.30 11.28 20.82
CA HIS J 8 22.60 9.91 21.24
C HIS J 8 22.65 8.97 20.04
N THR J 9 21.79 9.22 19.05
CA THR J 9 21.73 8.35 17.88
C THR J 9 22.92 8.57 16.96
N LEU J 10 23.36 9.83 16.81
CA LEU J 10 24.51 10.11 15.96
C LEU J 10 25.80 9.60 16.57
N ASN J 11 25.92 9.64 17.90
CA ASN J 11 27.15 9.23 18.56
C ASN J 11 27.28 7.71 18.61
N ASP J 12 26.17 7.00 18.84
CA ASP J 12 26.24 5.55 18.97
C ASP J 12 26.47 4.87 17.63
N ASN J 13 25.78 5.34 16.58
CA ASN J 13 25.89 4.72 15.27
C ASN J 13 27.21 5.03 14.58
N LEU J 14 27.89 6.11 14.98
CA LEU J 14 29.19 6.42 14.41
C LEU J 14 30.28 5.49 14.93
N LYS J 15 30.16 5.03 16.17
CA LYS J 15 31.13 4.09 16.72
C LYS J 15 30.94 2.68 16.20
N HIS J 16 29.75 2.34 15.72
CA HIS J 16 29.53 1.04 15.09
C HIS J 16 30.06 0.99 13.66
N ILE J 17 30.29 2.15 13.03
CA ILE J 17 30.78 2.16 11.66
C ILE J 17 32.28 1.85 11.62
N GLU J 18 33.05 2.32 12.60
CA GLU J 18 34.49 2.07 12.60
C GLU J 18 34.85 0.62 12.89
N LYS J 19 33.95 -0.13 13.53
CA LYS J 19 34.23 -1.51 13.91
C LYS J 19 33.53 -2.51 13.01
N ALA J 20 32.86 -2.06 11.96
CA ALA J 20 32.08 -2.94 11.11
C ALA J 20 32.97 -3.69 10.13
N ASP J 21 32.56 -4.90 9.78
CA ASP J 21 33.28 -5.73 8.83
C ASP J 21 32.49 -6.09 7.58
N ASN J 22 31.20 -5.79 7.52
CA ASN J 22 30.40 -6.03 6.33
C ASN J 22 29.72 -4.74 5.91
N ALA J 23 29.10 -4.77 4.74
CA ALA J 23 28.49 -3.59 4.15
C ALA J 23 27.02 -3.41 4.54
N THR J 24 26.42 -4.40 5.19
CA THR J 24 25.05 -4.27 5.69
C THR J 24 25.02 -3.49 6.99
N THR J 25 26.05 -3.63 7.81
CA THR J 25 26.13 -2.87 9.06
C THR J 25 26.37 -1.39 8.82
N VAL J 26 27.24 -1.06 7.86
CA VAL J 26 27.53 0.33 7.54
C VAL J 26 26.33 1.00 6.89
N LYS J 27 25.60 0.27 6.04
CA LYS J 27 24.46 0.84 5.34
C LYS J 27 23.27 1.08 6.27
N ASP J 28 23.11 0.25 7.29
CA ASP J 28 22.00 0.42 8.22
C ASP J 28 22.29 1.49 9.27
N ALA J 29 23.55 1.67 9.64
CA ALA J 29 23.88 2.71 10.61
C ALA J 29 23.83 4.10 10.00
N LEU J 30 24.14 4.23 8.71
CA LEU J 30 24.09 5.53 8.05
C LEU J 30 22.66 5.97 7.76
N THR J 31 21.71 5.05 7.72
CA THR J 31 20.31 5.41 7.51
C THR J 31 19.68 6.00 8.76
N LYS J 32 20.09 5.52 9.94
CA LYS J 32 19.58 6.09 11.18
C LYS J 32 20.19 7.45 11.48
N MET J 33 21.43 7.69 11.04
CA MET J 33 22.05 8.99 11.21
C MET J 33 21.41 10.03 10.31
N GLN J 34 20.88 9.61 9.17
CA GLN J 34 20.22 10.53 8.25
C GLN J 34 18.88 10.99 8.81
N ALA J 35 18.14 10.10 9.45
CA ALA J 35 16.85 10.45 10.02
C ALA J 35 16.98 11.26 11.30
N ALA J 36 18.05 11.07 12.05
CA ALA J 36 18.24 11.82 13.28
C ALA J 36 18.75 13.22 13.02
N ALA J 37 19.46 13.43 11.91
CA ALA J 37 19.96 14.76 11.60
C ALA J 37 18.88 15.66 11.01
N GLN J 38 17.87 15.07 10.35
CA GLN J 38 16.77 15.86 9.81
C GLN J 38 15.78 16.27 10.89
N ASP J 39 15.61 15.46 11.93
CA ASP J 39 14.74 15.83 13.03
C ASP J 39 15.36 16.92 13.91
N ALA J 40 16.68 17.00 13.96
CA ALA J 40 17.37 17.95 14.80
C ALA J 40 17.62 19.29 14.12
N TRP J 41 17.31 19.40 12.83
CA TRP J 41 17.63 20.60 12.07
C TRP J 41 16.80 21.80 12.51
N SER J 42 15.57 21.55 12.96
CA SER J 42 14.64 22.61 13.31
C SER J 42 14.66 22.97 14.80
N ALA J 43 15.45 22.28 15.62
CA ALA J 43 15.41 22.46 17.06
C ALA J 43 16.13 23.75 17.48
N THR J 44 16.02 24.06 18.76
CA THR J 44 16.63 25.24 19.36
C THR J 44 17.58 24.79 20.47
N PRO J 45 18.86 25.14 20.41
CA PRO J 45 19.79 24.74 21.47
C PRO J 45 19.55 25.55 22.73
N PRO J 46 19.92 25.02 23.90
CA PRO J 46 19.68 25.75 25.16
C PRO J 46 20.47 27.04 25.31
N LYS J 47 21.56 27.23 24.58
CA LYS J 47 22.35 28.45 24.67
C LYS J 47 21.83 29.55 23.75
N LEU J 48 20.82 29.26 22.94
CA LEU J 48 20.16 30.26 22.10
C LEU J 48 18.68 30.35 22.41
N GLU J 49 18.29 30.04 23.65
CA GLU J 49 16.88 29.95 24.00
C GLU J 49 16.22 31.31 24.10
N ASP J 50 16.97 32.36 24.44
CA ASP J 50 16.39 33.69 24.62
C ASP J 50 16.57 34.58 23.40
N LYS J 51 16.90 33.99 22.26
CA LYS J 51 16.99 34.73 21.02
C LYS J 51 15.67 34.64 20.27
N SER J 52 15.55 35.43 19.28
CA SER J 52 14.42 35.34 18.38
C SER J 52 14.73 34.35 17.27
N PRO J 53 13.74 33.69 16.67
CA PRO J 53 14.01 32.69 15.64
C PRO J 53 14.40 33.27 14.28
N ASP J 54 14.75 34.55 14.18
CA ASP J 54 15.22 35.17 12.96
C ASP J 54 16.68 35.61 13.09
N SER J 55 17.36 35.12 14.12
CA SER J 55 18.67 35.64 14.49
C SER J 55 19.75 35.12 13.55
N PRO J 56 20.88 35.81 13.47
CA PRO J 56 22.04 35.25 12.74
C PRO J 56 22.74 34.13 13.49
N GLU J 57 22.42 33.89 14.77
CA GLU J 57 22.83 32.67 15.43
C GLU J 57 21.99 31.48 15.00
N MET J 58 20.67 31.68 14.87
CA MET J 58 19.78 30.61 14.43
C MET J 58 19.83 30.39 12.93
N SER J 59 20.55 31.22 12.19
CA SER J 59 20.77 30.99 10.77
C SER J 59 22.03 30.18 10.53
N ASP J 60 23.06 30.40 11.34
CA ASP J 60 24.29 29.62 11.25
C ASP J 60 24.11 28.24 11.89
N PHE J 61 23.16 28.09 12.80
CA PHE J 61 22.88 26.79 13.40
C PHE J 61 22.23 25.86 12.39
N ARG J 62 21.25 26.36 11.64
CA ARG J 62 20.58 25.53 10.63
C ARG J 62 21.45 25.30 9.41
N CYS J 63 22.43 26.16 9.15
CA CYS J 63 23.34 25.92 8.04
C CYS J 63 24.35 24.83 8.36
N GLY J 64 24.57 24.54 9.64
CA GLY J 64 25.50 23.50 10.02
C GLY J 64 24.93 22.10 9.94
N PHE J 65 23.63 21.94 10.18
CA PHE J 65 23.00 20.65 9.98
C PHE J 65 22.81 20.32 8.51
N TRP J 66 22.68 21.33 7.65
N TRP J 66 22.69 21.35 7.67
CA TRP J 66 22.49 21.06 6.23
CA TRP J 66 22.49 21.20 6.25
C TRP J 66 23.78 20.71 5.53
C TRP J 66 23.76 20.79 5.52
N GLU J 67 24.92 21.05 6.12
CA GLU J 67 26.20 20.57 5.62
C GLU J 67 26.45 19.13 6.07
N LEU J 68 25.94 18.74 7.23
CA LEU J 68 26.10 17.39 7.74
C LEU J 68 25.22 16.41 6.98
N ILE J 69 24.03 16.83 6.58
CA ILE J 69 23.10 15.97 5.84
C ILE J 69 23.66 15.62 4.46
N GLY J 70 24.34 16.58 3.82
CA GLY J 70 24.95 16.32 2.54
C GLY J 70 26.15 15.40 2.61
N GLN J 71 26.82 15.33 3.76
CA GLN J 71 27.94 14.42 3.92
C GLN J 71 27.50 13.01 4.29
N ILE J 72 26.38 12.89 5.01
CA ILE J 72 25.83 11.57 5.32
C ILE J 72 25.25 10.93 4.06
N ASN J 73 24.63 11.75 3.21
CA ASN J 73 24.07 11.24 1.95
C ASN J 73 25.15 10.79 0.98
N ALA J 74 26.31 11.45 1.00
CA ALA J 74 27.40 11.04 0.13
C ALA J 74 28.06 9.75 0.61
N ALA J 75 28.13 9.55 1.93
CA ALA J 75 28.70 8.31 2.46
C ALA J 75 27.75 7.14 2.33
N LEU J 76 26.45 7.38 2.35
CA LEU J 76 25.47 6.35 2.09
C LEU J 76 25.46 5.94 0.62
N HIS J 77 25.87 6.84 -0.27
CA HIS J 77 25.97 6.52 -1.69
C HIS J 77 27.11 5.56 -1.99
N LEU J 78 28.20 5.62 -1.21
CA LEU J 78 29.30 4.69 -1.38
C LEU J 78 28.99 3.33 -0.76
N ALA J 79 28.17 3.29 0.28
CA ALA J 79 27.87 2.03 0.96
C ALA J 79 26.93 1.15 0.14
N LYS J 80 26.11 1.75 -0.72
CA LYS J 80 25.22 0.97 -1.57
C LYS J 80 25.94 0.33 -2.75
N GLN J 81 27.10 0.85 -3.12
CA GLN J 81 27.98 0.22 -4.10
C GLN J 81 28.93 -0.78 -3.48
N CYS J 82 28.69 -1.17 -2.22
CA CYS J 82 29.46 -2.15 -1.46
C CYS J 82 30.93 -1.76 -1.29
N LYS J 83 31.20 -0.45 -1.24
CA LYS J 83 32.54 0.08 -0.99
C LYS J 83 32.65 0.42 0.48
N VAL J 84 33.08 -0.56 1.29
CA VAL J 84 33.03 -0.42 2.74
C VAL J 84 34.13 0.50 3.24
N LYS J 85 35.35 0.38 2.68
CA LYS J 85 36.47 1.18 3.17
C LYS J 85 36.33 2.64 2.77
N GLU J 86 35.71 2.91 1.62
CA GLU J 86 35.50 4.30 1.21
C GLU J 86 34.40 4.95 2.03
N ALA J 87 33.39 4.19 2.43
CA ALA J 87 32.31 4.73 3.25
C ALA J 87 32.72 4.89 4.70
N GLN J 88 33.68 4.10 5.17
CA GLN J 88 34.18 4.25 6.52
C GLN J 88 35.10 5.45 6.66
N ALA J 89 35.86 5.77 5.62
CA ALA J 89 36.74 6.93 5.65
C ALA J 89 35.97 8.23 5.46
N ALA J 90 34.81 8.16 4.79
CA ALA J 90 33.98 9.35 4.65
C ALA J 90 33.25 9.68 5.93
N ALA J 91 32.95 8.67 6.76
CA ALA J 91 32.32 8.90 8.05
C ALA J 91 33.30 9.39 9.11
N GLU J 92 34.60 9.15 8.92
CA GLU J 92 35.60 9.70 9.82
C GLU J 92 35.76 11.20 9.62
N GLN J 93 35.55 11.68 8.40
CA GLN J 93 35.63 13.11 8.09
C GLN J 93 34.45 13.90 8.64
N LEU J 94 33.42 13.23 9.15
CA LEU J 94 32.26 13.92 9.73
C LEU J 94 32.61 14.65 11.03
N LYS J 95 33.70 14.27 11.69
CA LYS J 95 34.00 14.80 13.02
C LYS J 95 34.51 16.23 12.97
N THR J 96 35.02 16.69 11.83
CA THR J 96 35.43 18.09 11.71
C THR J 96 34.23 19.01 11.61
N THR J 97 33.13 18.54 11.01
CA THR J 97 31.91 19.32 10.96
C THR J 97 31.29 19.46 12.34
N CYS J 98 31.32 18.42 13.14
CA CYS J 98 30.67 18.46 14.44
C CYS J 98 31.62 18.76 15.58
N ASN J 99 32.86 19.14 15.28
CA ASN J 99 33.69 19.84 16.26
C ASN J 99 33.54 21.34 16.15
N ALA J 100 33.22 21.84 14.94
CA ALA J 100 33.06 23.27 14.74
C ALA J 100 31.75 23.81 15.27
N CYS J 101 30.72 22.97 15.38
CA CYS J 101 29.45 23.40 15.94
C CYS J 101 29.47 23.34 17.46
N HIS J 102 30.24 22.44 18.05
CA HIS J 102 30.32 22.34 19.50
C HIS J 102 31.08 23.49 20.14
N GLN J 103 31.96 24.15 19.37
CA GLN J 103 32.69 25.29 19.91
C GLN J 103 31.82 26.54 20.03
N LYS J 104 30.71 26.59 19.32
CA LYS J 104 29.86 27.78 19.27
C LYS J 104 28.55 27.64 20.01
N TYR J 105 27.90 26.47 19.96
CA TYR J 105 26.55 26.34 20.49
C TYR J 105 26.38 25.26 21.54
N ARG J 106 27.40 24.47 21.82
CA ARG J 106 27.30 23.45 22.86
C ARG J 106 27.96 23.91 24.14
N ALA K 1 -1.10 -25.29 4.18
CA ALA K 1 -0.91 -26.60 3.57
C ALA K 1 -0.87 -27.69 4.63
N ASP K 2 -0.75 -28.93 4.20
CA ASP K 2 -0.73 -30.06 5.12
C ASP K 2 0.57 -30.09 5.92
N LEU K 3 0.61 -30.98 6.91
CA LEU K 3 1.85 -31.24 7.61
C LEU K 3 2.85 -31.96 6.70
N GLU K 4 2.36 -32.79 5.79
CA GLU K 4 3.24 -33.54 4.90
C GLU K 4 3.90 -32.64 3.87
N HIS K 5 3.19 -31.64 3.37
CA HIS K 5 3.80 -30.73 2.40
C HIS K 5 4.74 -29.73 3.07
N ASN K 6 4.49 -29.38 4.33
CA ASN K 6 5.41 -28.51 5.05
C ASN K 6 6.73 -29.21 5.34
N MET K 7 6.73 -30.54 5.43
CA MET K 7 7.95 -31.31 5.52
C MET K 7 8.64 -31.49 4.19
N HIS K 8 7.91 -31.36 3.08
CA HIS K 8 8.54 -31.34 1.76
C HIS K 8 9.34 -30.06 1.56
N THR K 9 8.85 -28.95 2.12
CA THR K 9 9.52 -27.66 1.94
C THR K 9 10.77 -27.58 2.80
N LEU K 10 10.73 -28.13 4.02
CA LEU K 10 11.91 -28.10 4.88
C LEU K 10 13.01 -29.01 4.37
N ASN K 11 12.64 -30.15 3.77
CA ASN K 11 13.63 -31.11 3.30
C ASN K 11 14.30 -30.66 2.01
N ASP K 12 13.53 -30.06 1.10
CA ASP K 12 14.09 -29.65 -0.19
C ASP K 12 15.00 -28.44 -0.05
N ASN K 13 14.58 -27.45 0.73
CA ASN K 13 15.37 -26.23 0.87
C ASN K 13 16.61 -26.43 1.72
N LEU K 14 16.66 -27.45 2.56
CA LEU K 14 17.86 -27.73 3.33
C LEU K 14 18.96 -28.32 2.47
N LYS K 15 18.62 -29.09 1.44
CA LYS K 15 19.62 -29.65 0.55
C LYS K 15 20.17 -28.63 -0.43
N HIS K 16 19.42 -27.55 -0.70
CA HIS K 16 19.93 -26.47 -1.52
C HIS K 16 20.90 -25.56 -0.77
N ILE K 17 20.88 -25.59 0.57
CA ILE K 17 21.77 -24.73 1.35
C ILE K 17 23.19 -25.30 1.37
N GLU K 18 23.34 -26.62 1.41
CA GLU K 18 24.68 -27.22 1.46
C GLU K 18 25.43 -27.08 0.14
N LYS K 19 24.73 -26.90 -0.97
CA LYS K 19 25.35 -26.82 -2.28
C LYS K 19 25.42 -25.40 -2.81
N ALA K 20 25.03 -24.42 -2.02
CA ALA K 20 24.99 -23.04 -2.48
C ALA K 20 26.38 -22.41 -2.49
N ASP K 21 26.59 -21.48 -3.41
CA ASP K 21 27.86 -20.76 -3.52
C ASP K 21 27.73 -19.26 -3.35
N ASN K 22 26.53 -18.70 -3.29
CA ASN K 22 26.34 -17.29 -3.04
C ASN K 22 25.41 -17.10 -1.86
N ALA K 23 25.28 -15.86 -1.42
CA ALA K 23 24.50 -15.53 -0.23
C ALA K 23 23.05 -15.21 -0.53
N THR K 24 22.68 -15.08 -1.81
CA THR K 24 21.28 -14.87 -2.17
C THR K 24 20.51 -16.19 -2.16
N THR K 25 21.17 -17.29 -2.50
CA THR K 25 20.54 -18.60 -2.47
C THR K 25 20.27 -19.05 -1.04
N VAL K 26 21.22 -18.82 -0.13
CA VAL K 26 21.05 -19.22 1.26
C VAL K 26 19.99 -18.37 1.94
N LYS K 27 19.93 -17.09 1.61
CA LYS K 27 18.97 -16.19 2.25
C LYS K 27 17.55 -16.45 1.78
N ASP K 28 17.36 -16.89 0.53
CA ASP K 28 16.03 -17.16 0.02
C ASP K 28 15.52 -18.53 0.45
N ALA K 29 16.40 -19.50 0.67
CA ALA K 29 15.98 -20.81 1.12
C ALA K 29 15.61 -20.81 2.59
N LEU K 30 16.26 -19.97 3.39
CA LEU K 30 15.96 -19.89 4.82
C LEU K 30 14.66 -19.15 5.09
N THR K 31 14.20 -18.33 4.16
CA THR K 31 12.94 -17.62 4.34
C THR K 31 11.74 -18.55 4.09
N LYS K 32 11.87 -19.51 3.17
CA LYS K 32 10.80 -20.46 2.96
C LYS K 32 10.72 -21.49 4.08
N MET K 33 11.84 -21.81 4.71
CA MET K 33 11.83 -22.72 5.84
C MET K 33 11.19 -22.08 7.07
N GLN K 34 11.28 -20.76 7.19
CA GLN K 34 10.67 -20.04 8.29
C GLN K 34 9.16 -20.03 8.18
N ALA K 35 8.64 -19.85 6.97
CA ALA K 35 7.20 -19.82 6.77
C ALA K 35 6.57 -21.21 6.84
N ALA K 36 7.32 -22.25 6.50
CA ALA K 36 6.78 -23.60 6.55
C ALA K 36 6.78 -24.16 7.97
N ALA K 37 7.68 -23.68 8.82
CA ALA K 37 7.72 -24.15 10.20
C ALA K 37 6.65 -23.49 11.06
N GLN K 38 6.23 -22.28 10.71
CA GLN K 38 5.17 -21.61 11.45
C GLN K 38 3.80 -22.15 11.10
N ASP K 39 3.60 -22.61 9.86
CA ASP K 39 2.33 -23.21 9.48
C ASP K 39 2.16 -24.60 10.08
N ALA K 40 3.26 -25.30 10.36
CA ALA K 40 3.19 -26.66 10.88
C ALA K 40 3.15 -26.71 12.39
N TRP K 41 3.28 -25.58 13.07
CA TRP K 41 3.36 -25.57 14.53
C TRP K 41 2.04 -25.95 15.18
N SER K 42 0.92 -25.64 14.53
CA SER K 42 -0.40 -25.87 15.09
C SER K 42 -1.03 -27.20 14.67
N ALA K 43 -0.35 -27.97 13.82
CA ALA K 43 -0.96 -29.17 13.25
C ALA K 43 -0.96 -30.32 14.26
N THR K 44 -1.62 -31.41 13.87
CA THR K 44 -1.73 -32.62 14.69
C THR K 44 -1.12 -33.79 13.92
N PRO K 45 -0.13 -34.47 14.47
CA PRO K 45 0.46 -35.62 13.77
C PRO K 45 -0.48 -36.81 13.80
N PRO K 46 -0.36 -37.73 12.83
CA PRO K 46 -1.26 -38.89 12.79
C PRO K 46 -1.12 -39.85 13.95
N LYS K 47 0.00 -39.86 14.66
CA LYS K 47 0.17 -40.75 15.79
C LYS K 47 -0.36 -40.17 17.10
N LEU K 48 -0.85 -38.94 17.08
CA LEU K 48 -1.51 -38.33 18.23
C LEU K 48 -2.93 -37.90 17.89
N GLU K 49 -3.57 -38.59 16.94
CA GLU K 49 -4.86 -38.17 16.45
C GLU K 49 -5.98 -38.43 17.44
N ASP K 50 -5.84 -39.45 18.30
CA ASP K 50 -6.90 -39.81 19.23
C ASP K 50 -6.67 -39.24 20.62
N LYS K 51 -5.78 -38.26 20.75
CA LYS K 51 -5.56 -37.59 22.01
C LYS K 51 -6.40 -36.32 22.07
N SER K 52 -6.48 -35.78 23.21
CA SER K 52 -7.10 -34.48 23.38
C SER K 52 -6.08 -33.38 23.15
N PRO K 53 -6.49 -32.19 22.70
CA PRO K 53 -5.52 -31.12 22.41
C PRO K 53 -4.95 -30.42 23.64
N ASP K 54 -5.09 -31.00 24.84
CA ASP K 54 -4.49 -30.47 26.06
C ASP K 54 -3.46 -31.43 26.62
N SER K 55 -3.04 -32.39 25.82
CA SER K 55 -2.23 -33.51 26.30
C SER K 55 -0.78 -33.09 26.52
N PRO K 56 -0.03 -33.80 27.36
CA PRO K 56 1.42 -33.57 27.43
C PRO K 56 2.20 -34.09 26.23
N GLU K 57 1.57 -34.87 25.34
CA GLU K 57 2.15 -35.14 24.04
C GLU K 57 2.02 -33.96 23.11
N MET K 58 0.86 -33.30 23.10
CA MET K 58 0.64 -32.14 22.25
C MET K 58 1.28 -30.88 22.80
N SER K 59 1.83 -30.94 24.02
CA SER K 59 2.60 -29.83 24.57
C SER K 59 4.07 -29.94 24.20
N ASP K 60 4.60 -31.16 24.18
CA ASP K 60 5.98 -31.38 23.77
C ASP K 60 6.13 -31.31 22.25
N PHE K 61 5.05 -31.52 21.51
CA PHE K 61 5.10 -31.39 20.05
C PHE K 61 5.23 -29.93 19.64
N ARG K 62 4.46 -29.04 20.26
CA ARG K 62 4.53 -27.62 19.95
C ARG K 62 5.79 -26.97 20.51
N CYS K 63 6.40 -27.55 21.55
CA CYS K 63 7.66 -27.01 22.06
C CYS K 63 8.82 -27.34 21.14
N GLY K 64 8.68 -28.36 20.30
CA GLY K 64 9.74 -28.73 19.38
C GLY K 64 9.81 -27.88 18.14
N PHE K 65 8.67 -27.40 17.66
CA PHE K 65 8.69 -26.46 16.54
C PHE K 65 9.14 -25.08 16.96
N TRP K 66 8.95 -24.70 18.22
N TRP K 66 8.95 -24.74 18.23
CA TRP K 66 9.35 -23.39 18.68
CA TRP K 66 9.31 -23.43 18.76
C TRP K 66 10.85 -23.30 18.93
C TRP K 66 10.81 -23.31 18.99
N GLU K 67 11.50 -24.44 19.14
CA GLU K 67 12.95 -24.47 19.19
C GLU K 67 13.56 -24.42 17.80
N LEU K 68 12.87 -24.97 16.80
CA LEU K 68 13.34 -24.95 15.42
C LEU K 68 13.22 -23.56 14.80
N ILE K 69 12.16 -22.82 15.16
CA ILE K 69 11.93 -21.48 14.63
C ILE K 69 13.02 -20.52 15.11
N GLY K 70 13.45 -20.68 16.36
CA GLY K 70 14.52 -19.85 16.89
C GLY K 70 15.88 -20.14 16.28
N GLN K 71 16.08 -21.35 15.77
CA GLN K 71 17.35 -21.67 15.11
C GLN K 71 17.36 -21.26 13.65
N ILE K 72 16.20 -21.26 12.99
CA ILE K 72 16.12 -20.76 11.62
C ILE K 72 16.29 -19.25 11.60
N ASN K 73 15.73 -18.56 12.61
CA ASN K 73 15.88 -17.11 12.70
C ASN K 73 17.30 -16.69 12.99
N ALA K 74 18.05 -17.49 13.74
CA ALA K 74 19.44 -17.16 14.01
C ALA K 74 20.33 -17.38 12.79
N ALA K 75 20.02 -18.39 11.98
CA ALA K 75 20.80 -18.65 10.78
C ALA K 75 20.47 -17.65 9.67
N LEU K 76 19.24 -17.14 9.64
CA LEU K 76 18.88 -16.08 8.71
C LEU K 76 19.52 -14.75 9.09
N HIS K 77 19.84 -14.57 10.37
CA HIS K 77 20.53 -13.37 10.82
C HIS K 77 21.98 -13.33 10.35
N LEU K 78 22.62 -14.48 10.21
CA LEU K 78 23.97 -14.53 9.68
C LEU K 78 24.01 -14.38 8.17
N ALA K 79 22.96 -14.81 7.48
CA ALA K 79 22.95 -14.74 6.03
C ALA K 79 22.75 -13.31 5.51
N LYS K 80 22.12 -12.46 6.32
CA LYS K 80 21.93 -11.07 5.90
C LYS K 80 23.18 -10.23 6.08
N GLN K 81 24.12 -10.68 6.90
CA GLN K 81 25.44 -10.09 7.01
C GLN K 81 26.43 -10.66 6.01
N CYS K 82 25.95 -11.42 5.02
CA CYS K 82 26.72 -12.03 3.93
C CYS K 82 27.78 -13.01 4.45
N LYS K 83 27.50 -13.65 5.58
CA LYS K 83 28.37 -14.69 6.14
C LYS K 83 27.83 -16.04 5.72
N VAL K 84 28.30 -16.53 4.57
CA VAL K 84 27.71 -17.72 3.96
C VAL K 84 28.15 -18.99 4.69
N LYS K 85 29.43 -19.07 5.07
CA LYS K 85 29.92 -20.28 5.72
C LYS K 85 29.40 -20.44 7.13
N GLU K 86 29.16 -19.33 7.83
CA GLU K 86 28.59 -19.41 9.17
C GLU K 86 27.12 -19.78 9.12
N ALA K 87 26.39 -19.33 8.10
CA ALA K 87 24.98 -19.67 7.97
C ALA K 87 24.78 -21.09 7.45
N GLN K 88 25.75 -21.63 6.72
CA GLN K 88 25.66 -23.01 6.26
C GLN K 88 25.95 -24.00 7.38
N ALA K 89 26.85 -23.65 8.30
CA ALA K 89 27.15 -24.51 9.44
C ALA K 89 26.06 -24.46 10.49
N ALA K 90 25.32 -23.36 10.57
CA ALA K 90 24.20 -23.28 11.50
C ALA K 90 23.01 -24.08 11.01
N ALA K 91 22.85 -24.23 9.70
CA ALA K 91 21.79 -25.05 9.14
C ALA K 91 22.09 -26.54 9.20
N GLU K 92 23.36 -26.91 9.33
CA GLU K 92 23.71 -28.32 9.52
C GLU K 92 23.35 -28.79 10.92
N GLN K 93 23.40 -27.89 11.90
CA GLN K 93 23.04 -28.20 13.28
C GLN K 93 21.54 -28.37 13.48
N LEU K 94 20.72 -28.04 12.47
CA LEU K 94 19.27 -28.21 12.56
C LEU K 94 18.86 -29.67 12.61
N LYS K 95 19.71 -30.58 12.15
CA LYS K 95 19.32 -31.98 12.01
C LYS K 95 19.24 -32.71 13.33
N THR K 96 19.90 -32.21 14.37
CA THR K 96 19.76 -32.82 15.69
C THR K 96 18.42 -32.52 16.31
N THR K 97 17.85 -31.33 16.02
CA THR K 97 16.53 -31.00 16.50
C THR K 97 15.46 -31.86 15.82
N CYS K 98 15.61 -32.13 14.53
CA CYS K 98 14.59 -32.87 13.82
C CYS K 98 14.91 -34.36 13.68
N ASN K 99 15.95 -34.84 14.37
CA ASN K 99 16.05 -36.27 14.62
C ASN K 99 15.40 -36.66 15.94
N ALA K 100 15.35 -35.74 16.90
CA ALA K 100 14.74 -36.01 18.19
C ALA K 100 13.23 -36.01 18.15
N CYS K 101 12.63 -35.30 17.20
CA CYS K 101 11.18 -35.31 17.07
C CYS K 101 10.68 -36.51 16.27
N HIS K 102 11.50 -37.02 15.35
CA HIS K 102 11.11 -38.18 14.55
C HIS K 102 11.13 -39.46 15.36
N GLN K 103 11.88 -39.52 16.45
CA GLN K 103 11.90 -40.71 17.28
C GLN K 103 10.65 -40.85 18.13
N LYS K 104 9.90 -39.77 18.33
CA LYS K 104 8.75 -39.78 19.21
C LYS K 104 7.41 -39.69 18.50
N TYR K 105 7.31 -38.91 17.42
CA TYR K 105 6.02 -38.64 16.80
C TYR K 105 5.92 -39.00 15.33
N ARG K 106 7.01 -39.43 14.70
CA ARG K 106 6.94 -39.82 13.30
C ARG K 106 6.90 -41.34 13.19
N ALA L 1 -8.00 -3.49 24.17
CA ALA L 1 -9.15 -3.44 25.04
C ALA L 1 -8.85 -4.12 26.36
N ASP L 2 -9.82 -4.10 27.27
CA ASP L 2 -9.66 -4.70 28.58
C ASP L 2 -9.63 -6.23 28.49
N LEU L 3 -9.30 -6.86 29.61
CA LEU L 3 -9.43 -8.30 29.71
C LEU L 3 -10.89 -8.71 29.70
N GLU L 4 -11.78 -7.88 30.26
CA GLU L 4 -13.18 -8.21 30.34
C GLU L 4 -13.86 -8.14 28.97
N HIS L 5 -13.46 -7.19 28.13
CA HIS L 5 -14.06 -7.12 26.80
C HIS L 5 -13.49 -8.18 25.86
N ASN L 6 -12.24 -8.61 26.07
CA ASN L 6 -11.69 -9.71 25.27
C ASN L 6 -12.39 -11.02 25.59
N MET L 7 -12.93 -11.17 26.79
CA MET L 7 -13.75 -12.32 27.12
C MET L 7 -15.17 -12.20 26.59
N HIS L 8 -15.64 -10.98 26.31
CA HIS L 8 -16.91 -10.81 25.62
C HIS L 8 -16.83 -11.27 24.18
N THR L 9 -15.67 -11.06 23.55
CA THR L 9 -15.49 -11.43 22.14
C THR L 9 -15.35 -12.93 21.98
N LEU L 10 -14.67 -13.59 22.91
CA LEU L 10 -14.49 -15.04 22.83
C LEU L 10 -15.80 -15.77 23.11
N ASN L 11 -16.63 -15.23 24.00
CA ASN L 11 -17.87 -15.90 24.39
C ASN L 11 -18.94 -15.73 23.32
N ASP L 12 -19.03 -14.55 22.70
CA ASP L 12 -20.07 -14.30 21.72
C ASP L 12 -19.81 -15.03 20.41
N ASN L 13 -18.56 -15.02 19.95
CA ASN L 13 -18.23 -15.66 18.67
C ASN L 13 -18.22 -17.18 18.76
N LEU L 14 -18.08 -17.74 19.96
CA LEU L 14 -18.14 -19.20 20.09
C LEU L 14 -19.57 -19.71 19.97
N LYS L 15 -20.56 -18.93 20.39
CA LYS L 15 -21.95 -19.34 20.26
C LYS L 15 -22.46 -19.19 18.83
N HIS L 16 -21.84 -18.33 18.02
CA HIS L 16 -22.19 -18.24 16.61
C HIS L 16 -21.62 -19.38 15.78
N ILE L 17 -20.60 -20.08 16.28
CA ILE L 17 -20.00 -21.17 15.52
C ILE L 17 -20.87 -22.42 15.59
N GLU L 18 -21.52 -22.68 16.73
CA GLU L 18 -22.35 -23.88 16.85
C GLU L 18 -23.63 -23.80 16.03
N LYS L 19 -24.09 -22.60 15.69
CA LYS L 19 -25.34 -22.42 14.96
C LYS L 19 -25.11 -22.08 13.50
N ALA L 20 -23.87 -22.10 13.03
CA ALA L 20 -23.57 -21.69 11.67
C ALA L 20 -23.89 -22.81 10.68
N ASP L 21 -24.26 -22.41 9.47
CA ASP L 21 -24.57 -23.36 8.40
C ASP L 21 -23.67 -23.23 7.17
N ASN L 22 -22.84 -22.19 7.08
CA ASN L 22 -21.92 -22.06 5.98
C ASN L 22 -20.51 -21.89 6.53
N ALA L 23 -19.53 -21.92 5.63
CA ALA L 23 -18.13 -21.87 6.00
C ALA L 23 -17.57 -20.46 6.08
N THR L 24 -18.32 -19.45 5.62
CA THR L 24 -17.88 -18.07 5.74
C THR L 24 -18.15 -17.54 7.15
N THR L 25 -19.22 -18.00 7.78
CA THR L 25 -19.53 -17.59 9.15
C THR L 25 -18.52 -18.16 10.14
N VAL L 26 -18.14 -19.43 9.97
CA VAL L 26 -17.18 -20.07 10.87
C VAL L 26 -15.79 -19.47 10.70
N LYS L 27 -15.42 -19.13 9.45
CA LYS L 27 -14.09 -18.59 9.19
C LYS L 27 -13.94 -17.16 9.70
N ASP L 28 -15.03 -16.38 9.70
CA ASP L 28 -14.95 -15.02 10.18
C ASP L 28 -15.03 -14.93 11.70
N ALA L 29 -15.72 -15.86 12.35
CA ALA L 29 -15.78 -15.85 13.80
C ALA L 29 -14.50 -16.33 14.44
N LEU L 30 -13.77 -17.25 13.78
CA LEU L 30 -12.52 -17.74 14.32
C LEU L 30 -11.38 -16.73 14.16
N THR L 31 -11.51 -15.78 13.24
CA THR L 31 -10.49 -14.75 13.09
C THR L 31 -10.59 -13.69 14.18
N LYS L 32 -11.79 -13.40 14.66
CA LYS L 32 -11.93 -12.45 15.76
C LYS L 32 -11.51 -13.06 17.09
N MET L 33 -11.67 -14.37 17.25
CA MET L 33 -11.22 -15.04 18.46
C MET L 33 -9.71 -15.11 18.52
N GLN L 34 -9.04 -15.14 17.37
CA GLN L 34 -7.59 -15.16 17.33
C GLN L 34 -7.00 -13.82 17.75
N ALA L 35 -7.61 -12.72 17.33
CA ALA L 35 -7.12 -11.40 17.68
C ALA L 35 -7.43 -11.03 19.12
N ALA L 36 -8.51 -11.55 19.68
CA ALA L 36 -8.86 -11.25 21.06
C ALA L 36 -8.02 -12.05 22.05
N ALA L 37 -7.55 -13.23 21.65
CA ALA L 37 -6.73 -14.04 22.55
C ALA L 37 -5.29 -13.54 22.61
N GLN L 38 -4.82 -12.90 21.54
CA GLN L 38 -3.46 -12.35 21.55
C GLN L 38 -3.38 -11.05 22.33
N ASP L 39 -4.45 -10.26 22.35
CA ASP L 39 -4.46 -9.04 23.14
C ASP L 39 -4.58 -9.33 24.63
N ALA L 40 -5.17 -10.45 25.01
CA ALA L 40 -5.38 -10.79 26.41
C ALA L 40 -4.23 -11.56 27.01
N TRP L 41 -3.23 -11.95 26.21
CA TRP L 41 -2.14 -12.80 26.70
C TRP L 41 -1.24 -12.06 27.68
N SER L 42 -1.10 -10.75 27.52
CA SER L 42 -0.20 -9.96 28.34
C SER L 42 -0.87 -9.31 29.55
N ALA L 43 -2.18 -9.49 29.73
CA ALA L 43 -2.90 -8.78 30.77
C ALA L 43 -2.66 -9.41 32.14
N THR L 44 -3.19 -8.75 33.16
CA THR L 44 -3.06 -9.18 34.55
C THR L 44 -4.46 -9.39 35.11
N PRO L 45 -4.80 -10.57 35.61
CA PRO L 45 -6.13 -10.78 36.19
C PRO L 45 -6.25 -10.11 37.54
N PRO L 46 -7.47 -9.76 37.97
CA PRO L 46 -7.65 -9.07 39.25
C PRO L 46 -7.27 -9.89 40.48
N LYS L 47 -7.22 -11.22 40.38
CA LYS L 47 -6.85 -12.05 41.52
C LYS L 47 -5.34 -12.24 41.64
N LEU L 48 -4.56 -11.71 40.70
CA LEU L 48 -3.10 -11.73 40.77
C LEU L 48 -2.54 -10.32 40.72
N GLU L 49 -3.31 -9.34 41.19
CA GLU L 49 -2.92 -7.94 41.04
C GLU L 49 -1.78 -7.54 41.99
N ASP L 50 -1.66 -8.20 43.14
CA ASP L 50 -0.64 -7.84 44.11
C ASP L 50 0.59 -8.74 44.03
N LYS L 51 0.74 -9.47 42.95
CA LYS L 51 1.92 -10.28 42.73
C LYS L 51 2.93 -9.50 41.91
N SER L 52 4.10 -10.00 41.84
CA SER L 52 5.10 -9.45 40.96
C SER L 52 4.98 -10.10 39.58
N PRO L 53 5.38 -9.42 38.50
CA PRO L 53 5.23 -9.99 37.16
C PRO L 53 6.24 -11.07 36.80
N ASP L 54 6.96 -11.64 37.78
CA ASP L 54 7.88 -12.75 37.57
C ASP L 54 7.40 -14.01 38.29
N SER L 55 6.15 -14.01 38.72
CA SER L 55 5.66 -15.04 39.62
C SER L 55 5.37 -16.34 38.87
N PRO L 56 5.35 -17.47 39.56
CA PRO L 56 4.87 -18.71 38.94
C PRO L 56 3.38 -18.77 38.73
N GLU L 57 2.61 -17.83 39.29
CA GLU L 57 1.21 -17.66 38.89
C GLU L 57 1.11 -16.94 37.56
N MET L 58 1.92 -15.91 37.34
CA MET L 58 1.91 -15.18 36.08
C MET L 58 2.64 -15.91 34.97
N SER L 59 3.30 -17.02 35.27
CA SER L 59 3.90 -17.86 34.26
C SER L 59 2.92 -18.93 33.76
N ASP L 60 2.10 -19.46 34.67
CA ASP L 60 1.08 -20.42 34.28
C ASP L 60 -0.12 -19.72 33.64
N PHE L 61 -0.32 -18.44 33.89
CA PHE L 61 -1.38 -17.69 33.24
C PHE L 61 -1.08 -17.47 31.76
N ARG L 62 0.15 -17.08 31.45
CA ARG L 62 0.53 -16.85 30.07
C ARG L 62 0.71 -18.15 29.30
N CYS L 63 0.97 -19.26 29.99
CA CYS L 63 1.06 -20.54 29.30
C CYS L 63 -0.31 -21.07 28.90
N GLY L 64 -1.38 -20.58 29.55
CA GLY L 64 -2.71 -21.03 29.22
C GLY L 64 -3.30 -20.34 28.00
N PHE L 65 -2.94 -19.08 27.76
CA PHE L 65 -3.37 -18.42 26.54
C PHE L 65 -2.61 -18.91 25.32
N TRP L 66 -1.38 -19.39 25.51
N TRP L 66 -1.39 -19.40 25.53
CA TRP L 66 -0.59 -19.87 24.38
CA TRP L 66 -0.54 -19.88 24.46
C TRP L 66 -1.03 -21.25 23.92
C TRP L 66 -0.95 -21.26 23.98
N GLU L 67 -1.68 -22.01 24.79
CA GLU L 67 -2.29 -23.26 24.40
C GLU L 67 -3.61 -23.03 23.66
N LEU L 68 -4.32 -21.96 24.01
CA LEU L 68 -5.58 -21.62 23.35
C LEU L 68 -5.35 -21.07 21.95
N ILE L 69 -4.27 -20.31 21.76
CA ILE L 69 -3.96 -19.73 20.46
C ILE L 69 -3.61 -20.82 19.44
N GLY L 70 -2.92 -21.87 19.90
CA GLY L 70 -2.61 -22.97 19.01
C GLY L 70 -3.81 -23.81 18.63
N GLN L 71 -4.86 -23.82 19.45
CA GLN L 71 -6.06 -24.56 19.11
C GLN L 71 -7.00 -23.74 18.22
N ILE L 72 -6.99 -22.42 18.34
CA ILE L 72 -7.77 -21.58 17.44
C ILE L 72 -7.16 -21.59 16.05
N ASN L 73 -5.83 -21.60 15.98
CA ASN L 73 -5.14 -21.65 14.69
C ASN L 73 -5.35 -22.97 13.96
N ALA L 74 -5.48 -24.07 14.71
CA ALA L 74 -5.73 -25.36 14.08
C ALA L 74 -7.16 -25.47 13.57
N ALA L 75 -8.11 -24.85 14.27
CA ALA L 75 -9.50 -24.89 13.83
C ALA L 75 -9.74 -23.94 12.66
N LEU L 76 -8.99 -22.85 12.58
CA LEU L 76 -9.04 -21.96 11.42
C LEU L 76 -8.42 -22.59 10.19
N HIS L 77 -7.49 -23.54 10.39
CA HIS L 77 -6.89 -24.25 9.27
C HIS L 77 -7.87 -25.21 8.61
N LEU L 78 -8.80 -25.78 9.38
CA LEU L 78 -9.82 -26.64 8.82
C LEU L 78 -10.93 -25.86 8.13
N ALA L 79 -11.19 -24.63 8.59
CA ALA L 79 -12.27 -23.84 8.02
C ALA L 79 -11.91 -23.28 6.65
N LYS L 80 -10.62 -23.10 6.37
CA LYS L 80 -10.20 -22.61 5.06
C LYS L 80 -10.25 -23.69 3.99
N GLN L 81 -10.24 -24.96 4.39
CA GLN L 81 -10.46 -26.08 3.49
C GLN L 81 -11.93 -26.43 3.34
N CYS L 82 -12.83 -25.55 3.80
CA CYS L 82 -14.28 -25.67 3.71
C CYS L 82 -14.80 -26.92 4.43
N LYS L 83 -14.12 -27.35 5.49
CA LYS L 83 -14.56 -28.47 6.32
C LYS L 83 -15.27 -27.89 7.54
N VAL L 84 -16.58 -27.71 7.41
CA VAL L 84 -17.35 -27.00 8.43
C VAL L 84 -17.57 -27.86 9.67
N LYS L 85 -17.88 -29.14 9.48
CA LYS L 85 -18.17 -30.00 10.62
C LYS L 85 -16.92 -30.33 11.43
N GLU L 86 -15.77 -30.40 10.77
CA GLU L 86 -14.52 -30.65 11.48
C GLU L 86 -14.07 -29.42 12.26
N ALA L 87 -14.34 -28.22 11.73
CA ALA L 87 -13.98 -27.00 12.42
C ALA L 87 -14.94 -26.66 13.55
N GLN L 88 -16.18 -27.13 13.46
CA GLN L 88 -17.14 -26.93 14.54
C GLN L 88 -16.86 -27.86 15.71
N ALA L 89 -16.40 -29.07 15.45
CA ALA L 89 -16.07 -29.99 16.54
C ALA L 89 -14.76 -29.64 17.20
N ALA L 90 -13.86 -28.97 16.49
CA ALA L 90 -12.61 -28.52 17.09
C ALA L 90 -12.82 -27.33 18.00
N ALA L 91 -13.84 -26.50 17.72
CA ALA L 91 -14.17 -25.37 18.58
C ALA L 91 -14.95 -25.79 19.81
N GLU L 92 -15.60 -26.95 19.79
CA GLU L 92 -16.26 -27.46 20.99
C GLU L 92 -15.23 -27.96 22.00
N GLN L 93 -14.08 -28.45 21.55
CA GLN L 93 -13.01 -28.90 22.43
C GLN L 93 -12.28 -27.76 23.12
N LEU L 94 -12.54 -26.51 22.72
CA LEU L 94 -11.91 -25.35 23.36
C LEU L 94 -12.37 -25.15 24.79
N LYS L 95 -13.52 -25.69 25.16
CA LYS L 95 -14.12 -25.40 26.46
C LYS L 95 -13.40 -26.11 27.61
N THR L 96 -12.66 -27.17 27.33
CA THR L 96 -11.87 -27.82 28.38
C THR L 96 -10.66 -26.99 28.75
N THR L 97 -10.10 -26.26 27.79
CA THR L 97 -8.97 -25.37 28.07
C THR L 97 -9.43 -24.19 28.92
N CYS L 98 -10.61 -23.65 28.65
CA CYS L 98 -11.06 -22.47 29.37
C CYS L 98 -11.99 -22.79 30.53
N ASN L 99 -12.15 -24.06 30.89
CA ASN L 99 -12.67 -24.41 32.20
C ASN L 99 -11.55 -24.59 33.21
N ALA L 100 -10.35 -24.98 32.75
CA ALA L 100 -9.23 -25.19 33.65
C ALA L 100 -8.59 -23.89 34.11
N CYS L 101 -8.72 -22.83 33.33
CA CYS L 101 -8.19 -21.53 33.75
C CYS L 101 -9.14 -20.79 34.67
N HIS L 102 -10.44 -21.03 34.54
CA HIS L 102 -11.42 -20.36 35.40
C HIS L 102 -11.41 -20.91 36.81
N GLN L 103 -10.94 -22.14 37.01
CA GLN L 103 -10.86 -22.70 38.35
C GLN L 103 -9.73 -22.11 39.16
N LYS L 104 -8.74 -21.50 38.52
CA LYS L 104 -7.56 -21.00 39.19
C LYS L 104 -7.47 -19.49 39.28
N TYR L 105 -7.88 -18.76 38.24
CA TYR L 105 -7.66 -17.33 38.20
C TYR L 105 -8.92 -16.49 38.01
N ARG L 106 -10.08 -17.10 37.83
CA ARG L 106 -11.31 -16.33 37.71
C ARG L 106 -12.09 -16.35 39.01
FE HEC M . -23.04 27.94 4.56
CHA HEC M . -22.40 29.91 7.24
CHB HEC M . -20.90 29.86 2.61
CHC HEC M . -23.63 25.93 1.96
CHD HEC M . -25.63 26.42 6.30
NA HEC M . -21.89 29.60 4.84
C1A HEC M . -21.72 30.21 6.07
C2A HEC M . -20.72 31.24 5.90
C3A HEC M . -20.31 31.23 4.62
C4A HEC M . -21.03 30.20 3.93
CMA HEC M . -19.25 32.15 3.98
CAA HEC M . -20.23 32.18 7.02
CBA HEC M . -18.94 31.61 7.62
CGA HEC M . -18.59 32.36 8.87
O1A HEC M . -19.49 32.62 9.69
O2A HEC M . -17.38 32.69 9.05
NB HEC M . -22.28 27.83 2.64
C1B HEC M . -21.63 28.87 2.01
C2B HEC M . -21.88 28.73 0.59
C3B HEC M . -22.64 27.65 0.39
C4B HEC M . -22.90 27.07 1.69
CMB HEC M . -21.34 29.70 -0.48
CAB HEC M . -23.16 27.14 -0.99
CBB HEC M . -22.32 26.47 -1.78
NC HEC M . -24.40 26.43 4.20
C1C HEC M . -24.48 25.75 3.02
C2C HEC M . -25.58 24.82 3.10
C3C HEC M . -26.15 24.96 4.32
C4C HEC M . -25.40 25.97 5.03
CMC HEC M . -25.96 23.89 1.92
CAC HEC M . -27.35 24.25 5.02
CBC HEC M . -28.02 23.16 4.61
ND HEC M . -23.92 28.18 6.39
C1D HEC M . -24.86 27.34 6.97
C2D HEC M . -24.89 27.59 8.38
C3D HEC M . -23.99 28.55 8.65
C4D HEC M . -23.37 28.95 7.40
CMD HEC M . -25.81 26.86 9.38
CAD HEC M . -23.65 29.17 10.02
CBD HEC M . -22.74 28.23 10.82
CGD HEC M . -21.71 28.99 11.59
O1D HEC M . -20.99 29.82 10.98
O2D HEC M . -21.57 28.74 12.81
C1 HAE N . -35.36 15.19 2.46
C2 HAE N . -35.38 13.67 2.65
O2 HAE N . -35.46 12.93 1.72
N HAE N . -35.32 13.10 3.98
O HAE N . -35.35 11.70 4.10
C1 HAE O . -8.58 17.95 -19.33
C2 HAE O . -7.60 18.46 -20.38
O2 HAE O . -6.54 18.90 -20.05
N HAE O . -7.94 18.41 -21.79
O HAE O . -7.04 18.88 -22.76
ZN ZN P . -14.24 17.41 10.47
ZN ZN Q . -8.01 30.76 -2.15
ZN ZN R . -11.19 28.64 8.34
FE FE S . -5.84 17.80 -21.61
FE HEC T . 2.21 36.48 2.20
CHA HEC T . 0.39 38.14 -0.12
CHB HEC T . -0.53 36.38 4.32
CHC HEC T . 4.01 34.77 4.42
CHD HEC T . 5.09 37.12 0.38
NA HEC T . 0.29 37.17 2.15
C1A HEC T . -0.27 37.78 1.05
C2A HEC T . -1.67 37.98 1.33
C3A HEC T . -1.93 37.49 2.55
C4A HEC T . -0.70 36.97 3.09
CMA HEC T . -3.28 37.48 3.28
CAA HEC T . -2.69 38.64 0.36
CBA HEC T . -3.42 37.54 -0.41
CGA HEC T . -4.22 38.15 -1.53
O1A HEC T . -3.68 39.04 -2.22
O2A HEC T . -5.40 37.73 -1.72
NB HEC T . 1.76 35.60 4.00
C1B HEC T . 0.66 35.91 4.78
C2B HEC T . 1.02 35.69 6.16
C3B HEC T . 2.28 35.26 6.21
C4B HEC T . 2.77 35.17 4.85
CMB HEC T . 0.08 35.94 7.35
CAB HEC T . 3.07 34.90 7.50
CBB HEC T . 2.84 33.72 8.10
NC HEC T . 4.21 36.03 2.36
C1C HEC T . 4.75 35.32 3.40
C2C HEC T . 6.18 35.24 3.23
C3C HEC T . 6.48 35.90 2.09
C4C HEC T . 5.25 36.39 1.54
CMC HEC T . 7.09 34.51 4.25
CAC HEC T . 7.83 36.18 1.36
CBC HEC T . 9.03 35.63 1.61
ND HEC T . 2.68 37.52 0.50
C1D HEC T . 3.89 37.51 -0.15
C2D HEC T . 3.69 38.00 -1.50
C3D HEC T . 2.39 38.28 -1.64
C4D HEC T . 1.73 37.99 -0.38
CMD HEC T . 4.82 38.13 -2.54
CAD HEC T . 1.67 38.82 -2.90
CBD HEC T . 1.46 37.70 -3.91
CGD HEC T . 0.13 37.82 -4.60
O1D HEC T . -0.89 37.95 -3.89
O2D HEC T . 0.09 37.77 -5.86
C1 HAE U . 19.77 33.25 2.75
C2 HAE U . 20.66 32.10 2.29
O2 HAE U . 21.20 31.39 3.07
N HAE U . 20.87 31.85 0.88
O HAE U . 21.71 30.79 0.50
C1 HAE V . -2.30 15.72 22.89
C2 HAE V . -3.34 15.34 23.94
O2 HAE V . -4.46 15.14 23.63
N HAE V . -2.95 15.25 25.34
O HAE V . -3.90 14.91 26.32
FE FE W . 22.33 29.73 2.14
FE FE X . -4.23 13.48 24.86
ZN ZN Y . 0.92 24.07 -6.02
FE FE Z . -35.56 10.94 2.23
FE HEC AA . -31.81 -3.11 17.57
CHA HEC AA . -32.88 -6.30 18.00
CHB HEC AA . -29.99 -3.30 20.52
CHC HEC AA . -30.70 -0.01 17.06
CHD HEC AA . -34.08 -2.70 14.98
NA HEC AA . -31.51 -4.51 19.02
C1A HEC AA . -32.02 -5.79 18.96
C2A HEC AA . -31.47 -6.53 20.08
C3A HEC AA . -30.68 -5.71 20.78
C4A HEC AA . -30.69 -4.42 20.12
CMA HEC AA . -29.89 -6.04 22.05
CAA HEC AA . -31.77 -8.01 20.40
CBA HEC AA . -30.65 -8.87 19.82
CGA HEC AA . -31.04 -10.33 19.89
O1A HEC AA . -32.21 -10.64 19.55
O2A HEC AA . -30.19 -11.16 20.27
NB HEC AA . -30.45 -1.92 18.56
C1B HEC AA . -30.06 -2.10 19.86
C2B HEC AA . -29.73 -0.81 20.41
C3B HEC AA . -29.93 0.12 19.48
C4B HEC AA . -30.38 -0.57 18.28
CMB HEC AA . -29.25 -0.57 21.86
CAB HEC AA . -29.72 1.65 19.65
CBB HEC AA . -28.48 2.13 19.61
NC HEC AA . -32.31 -1.63 16.24
C1C HEC AA . -31.73 -0.39 16.24
C2C HEC AA . -32.36 0.42 15.22
C3C HEC AA . -33.32 -0.33 14.63
C4C HEC AA . -33.28 -1.63 15.27
CMC HEC AA . -31.94 1.89 14.96
CAC HEC AA . -34.33 -0.05 13.49
CBC HEC AA . -34.37 1.00 12.66
ND HEC AA . -33.27 -4.25 16.70
C1D HEC AA . -33.97 -3.95 15.56
C2D HEC AA . -34.58 -5.16 15.05
C3D HEC AA . -34.25 -6.15 15.89
C4D HEC AA . -33.42 -5.60 16.95
CMD HEC AA . -35.45 -5.23 13.78
CAD HEC AA . -34.65 -7.64 15.79
CBD HEC AA . -33.80 -8.35 14.73
CGD HEC AA . -33.44 -9.74 15.15
O1D HEC AA . -32.91 -9.90 16.28
O2D HEC AA . -33.64 -10.69 14.35
C1 HAE BA . -37.07 9.21 5.76
C2 HAE BA . -36.59 9.64 4.37
O2 HAE BA . -36.07 10.68 4.20
N HAE BA . -36.77 8.76 3.23
O HAE BA . -36.32 9.20 1.98
C1 HAE CA . -7.47 12.79 23.40
C2 HAE CA . -6.44 12.97 24.52
O2 HAE CA . -5.81 12.05 24.90
N HAE CA . -6.25 14.28 25.13
O HAE CA . -5.31 14.45 26.16
ZN ZN DA . -22.40 -8.05 7.11
ZN ZN EA . -23.08 -11.90 18.30
FE HEC FA . -32.37 2.07 -16.79
CHA HEC FA . -32.26 3.42 -19.90
CHB HEC FA . -31.73 -1.07 -18.11
CHC HEC FA . -32.40 0.81 -13.70
CHD HEC FA . -33.63 5.07 -15.54
NA HEC FA . -32.10 1.30 -18.65
C1A HEC FA . -32.03 2.06 -19.79
C2A HEC FA . -31.66 1.18 -20.88
C3A HEC FA . -31.51 -0.06 -20.39
C4A HEC FA . -31.79 -0.01 -18.98
CMA HEC FA . -31.13 -1.33 -21.17
CAA HEC FA . -31.47 1.62 -22.35
CBA HEC FA . -30.00 1.87 -22.61
CGA HEC FA . -29.81 2.54 -23.95
O1A HEC FA . -30.59 3.48 -24.25
O2A HEC FA . -28.89 2.15 -24.70
NB HEC FA . -31.99 0.20 -16.03
C1B HEC FA . -32.01 -0.97 -16.77
C2B HEC FA . -32.40 -2.04 -15.89
C3B HEC FA . -32.60 -1.54 -14.67
C4B HEC FA . -32.33 -0.11 -14.74
CMB HEC FA . -32.56 -3.51 -16.32
CAB HEC FA . -33.04 -2.34 -13.41
CBB HEC FA . -32.14 -3.08 -12.77
NC HEC FA . -32.92 2.82 -14.95
C1C HEC FA . -32.88 2.09 -13.79
C2C HEC FA . -33.38 2.89 -12.71
C3C HEC FA . -33.73 4.09 -13.22
C4C HEC FA . -33.44 4.05 -14.64
CMC HEC FA . -33.48 2.35 -11.26
CAC HEC FA . -34.33 5.39 -12.58
CBC HEC FA . -34.48 5.67 -11.29
ND HEC FA . -32.94 3.88 -17.58
C1D HEC FA . -33.27 5.02 -16.87
C2D HEC FA . -33.17 6.15 -17.75
C3D HEC FA . -32.79 5.70 -18.96
C4D HEC FA . -32.64 4.26 -18.87
CMD HEC FA . -33.47 7.60 -17.33
CAD HEC FA . -32.55 6.53 -20.24
CBD HEC FA . -31.19 7.23 -20.16
CGD HEC FA . -30.50 7.24 -21.50
O1D HEC FA . -30.37 6.15 -22.11
O2D HEC FA . -30.06 8.32 -21.94
C1 HAE GA . -37.54 9.40 -1.35
C2 HAE GA . -36.82 10.13 -0.21
O2 HAE GA . -36.70 9.64 0.87
N HAE GA . -36.27 11.46 -0.41
O HAE GA . -35.62 12.08 0.66
C1 HAE HA . -19.22 -19.99 -1.96
C2 HAE HA . -18.78 -21.44 -2.19
O2 HAE HA . -18.02 -21.69 -3.06
N HAE HA . -19.30 -22.50 -1.35
O HAE HA . -18.90 -23.83 -1.56
FE FE IA . -17.17 -22.80 -1.58
ZN ZN JA . -18.80 7.72 -14.09
ZN ZN KA . -21.85 -10.18 -20.83
ZN ZN LA . -21.74 0.73 -23.17
FE HEC MA . 17.71 0.04 -31.94
CHA HEC MA . 17.50 2.95 -33.66
CHB HEC MA . 20.51 1.23 -30.25
CHC HEC MA . 17.84 -2.80 -30.22
CHD HEC MA . 15.35 -1.38 -34.06
NA HEC MA . 18.83 1.74 -31.98
C1A HEC MA . 18.52 2.85 -32.73
C2A HEC MA . 19.43 3.91 -32.35
C3A HEC MA . 20.27 3.43 -31.42
C4A HEC MA . 19.90 2.06 -31.16
CMA HEC MA . 21.42 4.19 -30.73
CAA HEC MA . 19.44 5.33 -32.96
CBA HEC MA . 18.66 6.26 -32.04
CGA HEC MA . 18.43 7.58 -32.72
O1A HEC MA . 18.07 7.57 -33.93
O2A HEC MA . 18.60 8.64 -32.06
NB HEC MA . 18.90 -0.62 -30.39
C1B HEC MA . 20.13 -0.08 -30.06
C2B HEC MA . 20.93 -1.13 -29.48
C3B HEC MA . 20.21 -2.26 -29.47
C4B HEC MA . 18.91 -1.95 -30.03
CMB HEC MA . 22.38 -0.95 -28.99
CAB HEC MA . 20.69 -3.64 -28.95
CBB HEC MA . 20.72 -3.86 -27.63
NC HEC MA . 16.75 -1.78 -32.11
C1C HEC MA . 17.00 -2.84 -31.29
C2C HEC MA . 16.20 -3.96 -31.72
C3C HEC MA . 15.50 -3.56 -32.81
C4C HEC MA . 15.84 -2.18 -33.05
CMC HEC MA . 16.25 -5.32 -31.01
CAC HEC MA . 14.47 -4.28 -33.74
CBC HEC MA . 13.88 -5.47 -33.54
ND HEC MA . 16.69 0.64 -33.61
C1D HEC MA . 15.64 -0.04 -34.21
C2D HEC MA . 14.92 0.88 -35.05
C3D HEC MA . 15.51 2.08 -34.94
C4D HEC MA . 16.63 1.95 -34.04
CMD HEC MA . 13.69 0.50 -35.89
CAD HEC MA . 15.09 3.39 -35.64
CBD HEC MA . 13.90 4.02 -34.93
CGD HEC MA . 14.01 5.51 -34.87
O1D HEC MA . 15.05 6.02 -34.42
O2D HEC MA . 13.03 6.21 -35.26
C1 HAE NA . 8.97 -15.33 -34.39
C2 HAE NA . 7.68 -15.94 -33.82
O2 HAE NA . 7.72 -16.88 -33.09
N HAE NA . 6.40 -15.39 -34.16
O HAE NA . 5.25 -15.99 -33.62
C1 HAE OA . 26.03 -8.94 -4.93
C2 HAE OA . 27.13 -8.66 -3.91
O2 HAE OA . 27.28 -7.56 -3.49
N HAE OA . 27.99 -9.74 -3.45
O HAE OA . 29.00 -9.48 -2.51
ZN ZN PA . 6.10 4.45 -23.71
ZN ZN QA . 24.69 7.38 -18.75
ZN ZN RA . 16.11 10.46 -25.35
FE FE SA . 27.27 -8.53 -1.71
FE HEC TA . 26.53 19.31 -15.82
CHA HEC TA . 29.23 17.51 -16.80
CHB HEC TA . 25.00 18.69 -18.86
CHC HEC TA . 23.86 21.01 -14.79
CHD HEC TA . 28.30 20.44 -13.05
NA HEC TA . 27.03 18.32 -17.54
C1A HEC TA . 28.19 17.59 -17.69
C2A HEC TA . 28.10 16.92 -18.97
C3A HEC TA . 26.94 17.25 -19.55
C4A HEC TA . 26.24 18.13 -18.65
CMA HEC TA . 26.41 16.77 -20.91
CAA HEC TA . 29.19 15.98 -19.55
CBA HEC TA . 28.82 14.54 -19.24
CGA HEC TA . 29.97 13.64 -19.56
O1A HEC TA . 31.13 13.99 -19.21
O2A HEC TA . 29.75 12.55 -20.16
NB HEC TA . 24.68 19.67 -16.65
C1B HEC TA . 24.38 19.55 -18.00
C2B HEC TA . 23.34 20.48 -18.30
C3B HEC TA . 23.02 21.15 -17.18
C4B HEC TA . 23.86 20.63 -16.11
CMB HEC TA . 22.73 20.69 -19.70
CAB HEC TA . 21.95 22.27 -17.07
CBB HEC TA . 20.66 21.92 -17.02
NC HEC TA . 26.16 20.51 -14.20
C1C HEC TA . 24.96 21.15 -13.99
C2C HEC TA . 25.07 21.96 -12.80
C3C HEC TA . 26.32 21.80 -12.31
C4C HEC TA . 27.01 20.89 -13.19
CMC HEC TA . 23.89 22.82 -12.29
CAC HEC TA . 27.05 22.39 -11.06
CBC HEC TA . 26.52 23.07 -10.04
ND HEC TA . 28.44 19.10 -15.10
C1D HEC TA . 28.90 19.52 -13.86
C2D HEC TA . 30.13 18.81 -13.58
C3D HEC TA . 30.39 18.00 -14.61
C4D HEC TA . 29.34 18.16 -15.59
CMD HEC TA . 30.95 19.00 -12.28
CAD HEC TA . 31.59 17.04 -14.76
CBD HEC TA . 31.36 15.77 -13.94
CGD HEC TA . 31.86 14.55 -14.65
O1D HEC TA . 31.46 14.34 -15.82
O2D HEC TA . 32.62 13.76 -14.04
C1 HAE UA . 24.34 29.74 -1.50
C2 HAE UA . 23.79 29.53 -0.09
O2 HAE UA . 22.76 30.02 0.25
N HAE UA . 24.52 28.72 0.87
O HAE UA . 23.97 28.56 2.15
C1 HAE VA . -2.81 18.89 -20.06
C2 HAE VA . -3.81 18.65 -21.19
O2 HAE VA . -3.81 17.63 -21.79
N HAE VA . -4.76 19.69 -21.55
O HAE VA . -5.69 19.48 -22.59
ZN ZN WA . 22.35 7.87 -7.21
FE HEC XA . -14.90 -12.42 -30.95
CHA HEC XA . -17.66 -14.33 -30.53
CHB HEC XA . -16.86 -9.55 -31.00
CHC HEC XA . -12.15 -10.56 -31.26
CHD HEC XA . -13.01 -15.27 -31.52
NA HEC XA . -16.89 -12.00 -30.83
C1A HEC XA . -17.86 -12.96 -30.60
C2A HEC XA . -19.11 -12.27 -30.42
C3A HEC XA . -18.89 -10.95 -30.56
C4A HEC XA . -17.50 -10.75 -30.81
CMA HEC XA . -19.94 -9.82 -30.45
CAA HEC XA . -20.47 -12.96 -30.14
CBA HEC XA . -20.73 -12.93 -28.64
CGA HEC XA . -21.90 -13.81 -28.32
O1A HEC XA . -21.98 -14.94 -28.86
O2A HEC XA . -22.76 -13.40 -27.50
NB HEC XA . -14.56 -10.38 -30.98
C1B HEC XA . -15.52 -9.43 -31.25
C2B HEC XA . -14.86 -8.31 -31.87
C3B HEC XA . -13.55 -8.57 -31.96
C4B HEC XA . -13.34 -9.89 -31.38
CMB HEC XA . -15.59 -7.03 -32.34
CAB HEC XA . -12.48 -7.63 -32.57
CBB HEC XA . -12.04 -6.60 -31.86
NC HEC XA . -12.92 -12.85 -31.33
C1C HEC XA . -11.94 -11.90 -31.45
C2C HEC XA . -10.70 -12.55 -31.78
C3C HEC XA . -10.95 -13.88 -31.86
C4C HEC XA . -12.34 -14.08 -31.56
CMC HEC XA . -9.39 -11.75 -31.98
CAC HEC XA . -10.03 -15.11 -32.15
CBC HEC XA . -8.70 -15.14 -32.24
ND HEC XA . -15.28 -14.42 -31.09
C1D HEC XA . -14.33 -15.42 -31.18
C2D HEC XA . -14.97 -16.67 -30.83
C3D HEC XA . -16.26 -16.42 -30.55
C4D HEC XA . -16.47 -14.99 -30.72
CMD HEC XA . -14.25 -18.03 -30.81
CAD HEC XA . -17.35 -17.42 -30.13
CBD HEC XA . -17.19 -17.79 -28.66
CGD HEC XA . -18.52 -17.93 -27.98
O1D HEC XA . -19.35 -16.99 -28.08
O2D HEC XA . -18.75 -18.96 -27.31
C1 HAE YA . 1.93 -17.27 -34.45
C2 HAE YA . 3.16 -17.57 -33.60
O2 HAE YA . 4.09 -16.84 -33.60
N HAE YA . 3.20 -18.76 -32.78
O HAE YA . 4.36 -18.99 -32.01
C1 HAE ZA . -5.50 14.56 -22.98
C2 HAE ZA . -6.04 15.99 -22.86
O2 HAE ZA . -6.97 16.21 -22.16
N HAE ZA . -5.41 17.07 -23.60
O HAE ZA . -5.90 18.37 -23.50
ZN ZN AB . -11.66 -14.28 -16.46
FE FE BB . 5.65 -17.52 -32.43
FE HEC CB . 11.11 -30.51 -16.59
CHA HEC CB . 14.13 -31.64 -15.57
CHB HEC CB . 9.57 -32.29 -14.03
CHC HEC CB . 8.16 -29.31 -17.56
CHD HEC CB . 12.55 -29.25 -19.49
NA HEC CB . 11.72 -31.77 -15.11
C1A HEC CB . 13.04 -32.05 -14.84
C2A HEC CB . 13.08 -32.84 -13.62
C3A HEC CB . 11.82 -33.02 -13.20
C4A HEC CB . 10.94 -32.34 -14.12
CMA HEC CB . 11.36 -33.80 -11.96
CAA HEC CB . 14.36 -33.37 -12.96
CBA HEC CB . 14.78 -32.42 -11.84
CGA HEC CB . 16.16 -32.77 -11.35
O1A HEC CB . 17.04 -33.03 -12.20
O2A HEC CB . 16.37 -32.77 -10.11
NB HEC CB . 9.20 -30.66 -15.83
C1B HEC CB . 8.78 -31.64 -14.96
C2B HEC CB . 7.38 -31.88 -15.20
C3B HEC CB . 6.97 -31.07 -16.18
C4B HEC CB . 8.12 -30.27 -16.59
CMB HEC CB . 6.53 -32.92 -14.43
CAB HEC CB . 5.53 -31.01 -16.77
CBB HEC CB . 4.59 -30.35 -16.08
NC HEC CB . 10.48 -29.46 -18.24
C1C HEC CB . 9.17 -29.09 -18.46
C2C HEC CB . 9.08 -28.43 -19.74
C3C HEC CB . 10.32 -28.42 -20.27
C4C HEC CB . 11.20 -29.06 -19.34
CMC HEC CB . 7.73 -27.89 -20.27
CAC HEC CB . 10.88 -27.86 -21.62
CBC HEC CB . 10.26 -27.06 -22.51
ND HEC CB . 12.98 -30.53 -17.43
C1D HEC CB . 13.38 -29.81 -18.54
C2D HEC CB . 14.82 -29.75 -18.53
C3D HEC CB . 15.26 -30.40 -17.46
C4D HEC CB . 14.11 -30.91 -16.73
CMD HEC CB . 15.65 -29.04 -19.63
CAD HEC CB . 16.73 -30.61 -17.01
CBD HEC CB . 17.27 -29.34 -16.37
CGD HEC CB . 18.16 -29.66 -15.20
O1D HEC CB . 17.73 -30.42 -14.30
O2D HEC CB . 19.29 -29.13 -15.14
C1 HAE DB . 6.63 -21.59 -31.40
C2 HAE DB . 6.49 -20.11 -31.75
O2 HAE DB . 5.43 -19.63 -31.97
N HAE DB . 7.65 -19.26 -31.84
O HAE DB . 7.47 -17.92 -32.18
C1 HAE EB . -14.81 -23.09 -4.23
C2 HAE EB . -15.75 -23.59 -3.14
O2 HAE EB . -15.36 -23.69 -2.02
N HAE EB . -17.12 -23.93 -3.46
O HAE EB . -18.00 -24.38 -2.46
ZN ZN FB . 14.31 -17.28 -10.48
ZN ZN GB . 14.45 -27.79 -4.99
FE HEC HB . 21.26 -7.00 28.81
CHA HEC HB . 24.58 -6.84 28.22
CHB HEC HB . 21.21 -3.61 29.53
CHC HEC HB . 17.96 -7.19 29.32
CHD HEC HB . 21.42 -10.48 28.74
NA HEC HB . 22.63 -5.51 28.90
C1A HEC HB . 23.96 -5.66 28.55
C2A HEC HB . 24.57 -4.35 28.59
C3A HEC HB . 23.64 -3.46 28.95
C4A HEC HB . 22.41 -4.17 29.16
CMA HEC HB . 23.82 -1.94 29.12
CAA HEC HB . 26.06 -4.05 28.26
CBA HEC HB . 26.16 -3.60 26.80
CGA HEC HB . 27.60 -3.56 26.39
O1A HEC HB . 28.34 -4.52 26.72
O2A HEC HB . 28.00 -2.58 25.71
NB HEC HB . 19.81 -5.59 29.22
C1B HEC HB . 20.06 -4.34 29.72
C2B HEC HB . 18.91 -3.95 30.50
C3B HEC HB . 18.01 -4.92 30.47
C4B HEC HB . 18.56 -5.99 29.64
CMB HEC HB . 18.80 -2.60 31.25
CAB HEC HB . 16.62 -4.92 31.19
CBB HEC HB . 15.62 -4.23 30.65
NC HEC HB . 19.93 -8.57 28.99
C1C HEC HB . 18.59 -8.41 29.24
C2C HEC HB . 17.98 -9.70 29.36
C3C HEC HB . 18.95 -10.63 29.19
C4C HEC HB . 20.18 -9.92 28.96
CMC HEC HB . 16.47 -9.87 29.64
CAC HEC HB . 18.94 -12.19 29.21
CBC HEC HB . 17.87 -13.01 29.20
ND HEC HB . 22.75 -8.40 28.61
C1D HEC HB . 22.56 -9.77 28.44
C2D HEC HB . 23.77 -10.33 27.90
C3D HEC HB . 24.65 -9.32 27.76
C4D HEC HB . 24.02 -8.10 28.20
CMD HEC HB . 23.97 -11.82 27.57
CAD HEC HB . 26.10 -9.41 27.22
CBD HEC HB . 26.09 -9.51 25.69
CGD HEC HB . 27.21 -8.72 25.08
O1D HEC HB . 27.35 -7.52 25.41
O2D HEC HB . 27.96 -9.28 24.25
C1 HAE IB . 10.62 -21.26 30.35
C2 HAE IB . 9.74 -22.06 29.38
O2 HAE IB . 8.55 -22.03 29.45
N HAE IB . 10.34 -22.88 28.35
O HAE IB . 9.49 -23.58 27.49
C1 HAE JB . -2.50 10.43 25.55
C2 HAE JB . -2.90 11.90 25.73
O2 HAE JB . -2.32 12.74 25.14
N HAE JB . -3.98 12.25 26.62
O HAE JB . -4.35 13.59 26.80
FE FE KB . 7.54 -23.19 28.06
ZN ZN LB . 18.86 -7.70 14.08
ZN ZN MB . 24.91 0.67 19.80
ZN ZN NB . 18.76 8.80 24.16
FE HEC OB . 26.07 17.26 18.84
CHA HEC OB . 25.41 17.68 22.14
CHB HEC OB . 27.47 14.15 19.48
CHC HEC OB . 26.61 16.86 15.57
CHD HEC OB . 25.26 20.59 18.26
NA HEC OB . 26.43 16.14 20.49
C1A HEC OB . 26.01 16.49 21.76
C2A HEC OB . 26.29 15.37 22.64
C3A HEC OB . 26.86 14.41 21.91
C4A HEC OB . 26.96 14.86 20.55
CMA HEC OB . 27.34 13.02 22.41
CAA HEC OB . 25.99 15.34 24.15
CBA HEC OB . 24.66 14.62 24.37
CGA HEC OB . 24.22 14.79 25.80
O1A HEC OB . 24.32 15.94 26.32
O2A HEC OB . 23.75 13.80 26.41
NB HEC OB . 26.80 15.70 17.71
C1B HEC OB . 27.54 14.65 18.21
C2B HEC OB . 28.42 14.19 17.16
C3B HEC OB . 28.21 14.94 16.08
C4B HEC OB . 27.16 15.89 16.40
CMB HEC OB . 29.43 13.05 17.32
CAB HEC OB . 28.95 14.80 14.72
CBB HEC OB . 28.60 13.81 13.89
NC HEC OB . 25.95 18.51 17.20
C1C HEC OB . 26.26 18.13 15.92
C2C HEC OB . 26.13 19.26 15.05
C3C HEC OB . 25.75 20.32 15.81
C4C HEC OB . 25.63 19.85 17.16
CMC HEC OB . 26.42 19.16 13.53
CAC HEC OB . 25.44 21.81 15.47
CBC HEC OB . 25.30 22.36 14.25
ND HEC OB . 25.53 18.86 20.00
C1D HEC OB . 25.08 20.09 19.53
C2D HEC OB . 24.41 20.77 20.61
C3D HEC OB . 24.45 19.96 21.68
C4D HEC OB . 25.15 18.76 21.31
CMD HEC OB . 23.77 22.16 20.49
CAD HEC OB . 23.85 20.24 23.09
CBD HEC OB . 22.34 20.01 23.08
CGD HEC OB . 21.88 19.36 24.35
O1D HEC OB . 22.45 18.31 24.73
O2D HEC OB . 20.92 19.89 24.96
C1 HAE PB . 24.92 28.96 5.40
C2 HAE PB . 23.84 29.34 4.39
O2 HAE PB . 23.96 29.07 3.24
N HAE PB . 22.64 30.02 4.81
O HAE PB . 21.67 30.34 3.84
C1 HAE QB . 27.21 -5.06 -0.65
C2 HAE QB . 27.71 -6.51 -0.73
O2 HAE QB . 27.29 -7.32 0.03
N HAE QB . 28.69 -6.89 -1.73
O HAE QB . 29.15 -8.21 -1.80
ZN ZN RB . 11.59 14.30 16.54
ZN ZN SB . 4.69 -31.44 -1.29
FE HEC TB . 9.58 -33.76 9.82
CHA HEC TB . 7.74 -36.23 8.43
CHB HEC TB . 11.73 -33.81 7.10
CHC HEC TB . 11.32 -31.27 11.18
CHD HEC TB . 7.83 -34.13 12.79
NA HEC TB . 9.75 -34.84 8.10
C1A HEC TB . 8.82 -35.79 7.70
C2A HEC TB . 9.19 -36.21 6.37
C3A HEC TB . 10.30 -35.55 6.00
C4A HEC TB . 10.67 -34.68 7.08
CMA HEC TB . 11.05 -35.68 4.67
CAA HEC TB . 8.43 -37.26 5.53
CBA HEC TB . 7.48 -36.55 4.58
CGA HEC TB . 6.54 -37.54 3.94
O1A HEC TB . 6.03 -38.43 4.68
O2A HEC TB . 6.30 -37.44 2.72
NB HEC TB . 11.18 -32.63 9.17
C1B HEC TB . 12.05 -33.01 8.16
C2B HEC TB . 13.33 -32.42 8.45
C3B HEC TB . 13.24 -31.72 9.58
C4B HEC TB . 11.87 -31.84 10.06
CMB HEC TB . 14.59 -32.61 7.57
CAB HEC TB . 14.39 -30.94 10.26
CBB HEC TB . 14.74 -29.75 9.77
NC HEC TB . 9.57 -32.86 11.67
C1C HEC TB . 10.41 -31.85 12.03
C2C HEC TB . 10.17 -31.49 13.41
C3C HEC TB . 9.19 -32.31 13.86
C4C HEC TB . 8.80 -33.16 12.76
CMC HEC TB . 10.98 -30.39 14.12
CAC HEC TB . 8.48 -32.44 15.24
CBC HEC TB . 8.56 -31.60 16.29
ND HEC TB . 8.12 -35.02 10.52
C1D HEC TB . 7.43 -34.88 11.71
C2D HEC TB . 6.23 -35.67 11.63
C3D HEC TB . 6.20 -36.25 10.43
C4D HEC TB . 7.39 -35.85 9.70
CMD HEC TB . 5.19 -35.78 12.77
CAD HEC TB . 5.11 -37.19 9.86
CBD HEC TB . 3.89 -36.39 9.40
CGD HEC TB . 3.30 -36.95 8.14
O1D HEC TB . 4.06 -37.13 7.16
O2D HEC TB . 2.07 -37.17 8.11
C1 HAE UB . 8.77 -26.77 26.23
C2 HAE UB . 8.03 -25.58 26.85
O2 HAE UB . 8.62 -24.62 27.22
N HAE UB . 6.60 -25.59 27.02
O HAE UB . 5.98 -24.48 27.60
C1 HAE VB . 25.60 -10.54 0.67
C2 HAE VB . 26.59 -10.19 -0.44
O2 HAE VB . 26.29 -10.30 -1.57
N HAE VB . 27.93 -9.72 -0.09
O HAE VB . 28.85 -9.39 -1.10
ZN ZN WB . -1.08 -24.07 5.97
ZN ZN XB . -17.62 -5.90 25.83
FE HEC YB . -12.33 -16.19 30.29
CHA HEC YB . -13.73 -14.10 32.55
CHB HEC YB . -15.38 -16.55 28.70
CHC HEC YB . -10.88 -18.18 28.04
CHD HEC YB . -9.44 -16.33 32.23
NA HEC YB . -14.22 -15.49 30.59
C1A HEC YB . -14.56 -14.59 31.57
C2A HEC YB . -15.95 -14.22 31.36
C3A HEC YB . -16.40 -14.89 30.29
C4A HEC YB . -15.32 -15.71 29.79
CMA HEC YB . -17.82 -14.84 29.69
CAA HEC YB . -16.74 -13.22 32.22
CBA HEC YB . -16.71 -11.84 31.55
CGA HEC YB . -17.25 -10.81 32.49
O1A HEC YB . -16.87 -10.83 33.69
O2A HEC YB . -18.04 -9.95 32.04
NB HEC YB . -13.01 -17.09 28.57
C1B HEC YB . -14.33 -17.31 28.28
C2B HEC YB . -14.41 -18.50 27.46
C3B HEC YB . -13.17 -18.97 27.27
C4B HEC YB . -12.26 -18.08 27.97
CMB HEC YB . -15.71 -19.10 26.92
CAB HEC YB . -12.79 -20.24 26.47
CBB HEC YB . -12.77 -20.17 25.12
NC HEC YB . -10.48 -17.09 30.17
C1C HEC YB . -10.11 -17.91 29.13
C2C HEC YB . -8.78 -18.41 29.40
C3C HEC YB . -8.37 -17.90 30.58
C4C HEC YB . -9.44 -17.05 31.06
CMC HEC YB . -8.07 -19.38 28.43
CAC HEC YB . -7.05 -18.05 31.40
CBC HEC YB . -5.91 -18.60 31.02
ND HEC YB . -11.73 -15.43 32.11
C1D HEC YB . -10.45 -15.48 32.63
C2D HEC YB . -10.35 -14.49 33.67
C3D HEC YB . -11.53 -13.88 33.77
C4D HEC YB . -12.42 -14.46 32.78
CMD HEC YB . -9.07 -14.24 34.50
CAD HEC YB . -11.92 -12.73 34.73
CBD HEC YB . -11.36 -11.40 34.24
CGD HEC YB . -12.32 -10.27 34.46
O1D HEC YB . -13.49 -10.40 34.05
O2D HEC YB . -11.91 -9.23 35.05
C1 HAE ZB . 3.88 -23.69 30.22
C2 HAE ZB . 5.24 -23.31 29.62
O2 HAE ZB . 5.70 -23.93 28.72
N HAE ZB . 5.98 -22.19 30.14
O HAE ZB . 7.23 -21.89 29.57
C1 HAE AC . -15.60 -22.85 1.59
C2 HAE AC . -16.72 -23.07 0.58
O2 HAE AC . -17.51 -22.23 0.36
N HAE AC . -16.82 -24.34 -0.14
O HAE AC . -17.85 -24.56 -1.07
ZN ZN BC . -6.11 -4.38 23.52
#